data_7Q97
#
_entry.id   7Q97
#
_cell.length_a   1.00
_cell.length_b   1.00
_cell.length_c   1.00
_cell.angle_alpha   90.00
_cell.angle_beta   90.00
_cell.angle_gamma   90.00
#
_symmetry.space_group_name_H-M   'P 1'
#
_entity_poly.entity_id   1
_entity_poly.type   'polypeptide(L)'
_entity_poly.pdbx_seq_one_letter_code
;MGSSHHHHHHSQDPSKTGADKGLSNLCEGIANALFPPSIQATIASGSKKVLTNNKPAARAAGIAPPTQISGDGAEEGEAT
DTPSATPEEGPGFLDMAKEFFSQMWRPTVASPAPGSQTKELDLVTCTKHPPMPVQYLAEGSEKVSIDGQPAVRSGDRSTC
DAKVVSAGPISPNVTIGGGSVVVREIRSGKTPGVGLAVTVLMMLKGGKGKFLSNLPCMLMAGVNSFVVSQATNALTQAVV
ASTHPVHAATGAKVLGADDDLDFTLPGLMPIEWQRFYNSRDERRDGLLGAGWSLPYEISVQIEPHPEGGERLLYIDEQGR
RIDMGSIALGAGAFSPGEGLSVRRNENGQLLIESSDGIYRLFEPLPGDSSRLRLSLLGDRNDNRLHLEYDSSGRLWLLRD
TFEQAQLELSYSTLWPGRIAQVERLYPDQQREVLVSYDYDAAGDLAQVRDSEGQVQRRFAYDAGHRMIEHQLATGLRCFY
QWTQFADQQWRVTRHWTDEGDSYQYDYDLEAGITQVTDSLQRLSRRRWNSQLQIVEYTDNLNQTWAFEWNDERQLLSATD
PLGGRYAYSYDETGNLIAETDPLGHSHSTLWLEHWSLPQTLTDPAGESWHLRYDPRGNCIAEVDPLGQVTQYRHDAHGQV
VEIIDAAGRSRKMRWNSSGQLLEHLDCSGYPTRFEYDRRGNVKAIIDALGEHTRFHYDCQGRLLSSQLADGRAEHFQRSS
NGQLQGYTDPSGYTTLYQYNRRGQIRQRIDAHGRQVRFDYDAYGRLLALTNENGESYRFAWDAGNRLSEQQDLDGSAKRY
GYDLLNNVVELQSHPAPYGTGLSAVPAQPIAPIIHRFERDAVGRLLAKITDDGRSQYTYDPLNQLTAASFTDNLGNQQAL
SFSYDALGQLLEEHTVAGSLIHRYDELGNLTQTQLPDKRWLNRLYYGSGHLHQINLDGQVVSDFQRDRLHREVLRTQGQI
STRSEYDRCGRLRARLQHSSLLANTLPTAPERHLEYDDSDNLVGLAERHATGQHRQLFHYDATGRIIASQDGLQGQKETF
AYDAAANLLDGPKAGAGLVVHNKLLTYQDKRYRYDAFGRMIEKRSGRRGVQRFAYDAEHRLIEVRNQTSSGETLVRMRYD
VLGRRISKSEYDSQGNLLGETRFVWDGLRLLQEQRNQQTSLYVYEDLGHAPLARVDGLGAQQKIRYYHNDLNGLPQQLCE
PDGHSVWQARYQVWGNTVEEIREPYYIEEQNLRFQGQYLDRETGLHFNTFRFYDPDIGRFTTPDPIGLAGGLNLYQYAPN
PIGWIDPLGWICKSAYSGRRGTTKAKADLERNGFTVVGEELTMKVKHPVTQKSYRIRADIIAKDKAGNYHVFEVKNGSGK
LTKNQQGSGMFDMSNPANTNGGLGGGLIKPSGATQGQFEVATKTARGTQFGGNGAQHSATFWLLRY
;
_entity_poly.pdbx_strand_id   A,B
#
# COMPACT_ATOMS: atom_id res chain seq x y z
N LYS A 208 54.51 25.77 0.23
CA LYS A 208 54.53 25.25 -1.14
C LYS A 208 54.29 23.74 -1.16
N GLY A 209 54.11 23.17 0.02
CA GLY A 209 53.84 21.74 0.12
C GLY A 209 54.06 21.27 1.55
N LYS A 210 53.75 19.98 1.74
CA LYS A 210 53.92 19.32 3.03
C LYS A 210 53.13 20.05 4.13
N PHE A 211 51.81 20.11 3.92
CA PHE A 211 50.91 20.75 4.88
C PHE A 211 50.53 19.71 5.92
N LEU A 212 51.19 19.75 7.08
CA LEU A 212 50.97 18.77 8.12
C LEU A 212 49.57 18.92 8.73
N SER A 213 49.13 17.84 9.38
CA SER A 213 47.87 17.83 10.11
C SER A 213 47.97 16.73 11.17
N ASN A 214 46.84 16.42 11.80
CA ASN A 214 46.76 15.37 12.80
C ASN A 214 45.44 14.65 12.66
N LEU A 215 45.48 13.36 12.40
CA LEU A 215 44.26 12.57 12.25
C LEU A 215 43.41 12.63 13.52
N SER A 229 42.51 -3.94 -6.00
CA SER A 229 43.46 -5.03 -5.79
C SER A 229 43.33 -5.61 -4.39
N GLN A 230 44.15 -6.62 -4.09
CA GLN A 230 44.16 -7.20 -2.76
C GLN A 230 44.67 -6.19 -1.73
N ALA A 231 45.65 -5.38 -2.12
CA ALA A 231 46.23 -4.42 -1.17
C ALA A 231 45.20 -3.37 -0.76
N THR A 232 44.41 -2.88 -1.71
CA THR A 232 43.41 -1.86 -1.40
C THR A 232 42.34 -2.38 -0.46
N ASN A 233 42.18 -3.70 -0.35
CA ASN A 233 41.23 -4.29 0.60
C ASN A 233 41.86 -4.57 1.95
N ALA A 234 43.10 -5.07 1.97
CA ALA A 234 43.81 -5.26 3.23
C ALA A 234 44.02 -3.93 3.96
N LEU A 235 44.33 -2.88 3.20
CA LEU A 235 44.49 -1.55 3.79
C LEU A 235 43.19 -1.05 4.41
N THR A 236 42.06 -1.28 3.75
CA THR A 236 40.77 -0.79 4.23
C THR A 236 40.22 -1.62 5.40
N GLN A 237 40.71 -2.83 5.61
CA GLN A 237 40.27 -3.64 6.73
C GLN A 237 40.99 -3.27 8.03
N ALA A 238 42.10 -2.55 7.95
CA ALA A 238 42.90 -2.24 9.14
C ALA A 238 42.85 -0.77 9.53
N VAL A 239 42.60 0.13 8.59
CA VAL A 239 42.53 1.55 8.93
C VAL A 239 41.45 1.78 9.97
N VAL A 240 40.29 1.16 9.80
CA VAL A 240 39.14 1.34 10.68
C VAL A 240 38.68 -0.03 11.16
N ALA A 241 38.12 -0.04 12.37
CA ALA A 241 37.70 -1.26 13.06
C ALA A 241 36.23 -1.18 13.43
N SER A 242 35.71 -2.28 13.94
CA SER A 242 34.30 -2.37 14.34
C SER A 242 33.37 -1.88 13.24
N PRO A 245 33.85 2.22 12.12
CA PRO A 245 33.52 3.46 12.81
C PRO A 245 34.49 3.85 13.92
N VAL A 246 35.31 2.92 14.38
CA VAL A 246 36.34 3.21 15.37
C VAL A 246 37.68 3.17 14.66
N HIS A 247 38.35 4.32 14.61
CA HIS A 247 39.67 4.37 14.02
C HIS A 247 40.63 3.55 14.86
N ALA A 248 41.64 3.00 14.20
CA ALA A 248 42.56 2.07 14.88
C ALA A 248 43.63 2.82 15.65
N ALA A 249 44.41 3.65 14.95
CA ALA A 249 45.48 4.39 15.60
C ALA A 249 44.92 5.33 16.65
N THR A 250 43.87 6.06 16.30
CA THR A 250 43.20 6.99 17.20
C THR A 250 41.96 6.29 17.75
N GLY A 251 41.87 6.21 19.06
CA GLY A 251 40.75 5.51 19.68
C GLY A 251 39.50 6.35 19.65
N ALA A 252 39.12 6.79 18.46
CA ALA A 252 38.04 7.73 18.28
C ALA A 252 36.90 7.09 17.51
N LYS A 253 35.90 7.91 17.22
CA LYS A 253 34.75 7.53 16.42
C LYS A 253 34.75 8.32 15.12
N VAL A 254 34.29 7.67 14.07
CA VAL A 254 33.92 8.37 12.85
C VAL A 254 32.61 7.76 12.38
N LEU A 255 31.61 8.59 12.20
CA LEU A 255 30.26 8.11 11.95
C LEU A 255 29.68 8.94 10.81
N GLY A 256 29.90 8.48 9.59
CA GLY A 256 29.37 9.12 8.42
C GLY A 256 29.13 8.14 7.30
N ALA A 257 27.90 8.12 6.78
CA ALA A 257 27.51 7.17 5.74
C ALA A 257 26.11 7.55 5.28
N ASP A 258 25.53 6.71 4.43
CA ASP A 258 24.17 6.96 3.94
C ASP A 258 23.15 6.97 5.06
N ASP A 259 23.48 6.39 6.22
CA ASP A 259 22.56 6.45 7.35
C ASP A 259 22.36 7.88 7.81
N ASP A 260 23.40 8.69 7.75
CA ASP A 260 23.36 10.09 8.14
C ASP A 260 23.08 11.03 6.97
N LEU A 261 22.81 10.49 5.78
CA LEU A 261 22.49 11.30 4.61
C LEU A 261 21.01 11.61 4.68
N ASP A 262 20.67 12.76 5.27
CA ASP A 262 19.28 13.09 5.52
C ASP A 262 18.50 13.25 4.22
N PHE A 263 19.06 13.91 3.22
CA PHE A 263 18.34 14.12 1.97
C PHE A 263 19.31 14.58 0.89
N THR A 264 18.80 14.60 -0.34
CA THR A 264 19.56 15.01 -1.50
C THR A 264 18.62 15.66 -2.51
N LEU A 265 19.06 16.77 -3.08
CA LEU A 265 18.25 17.53 -4.03
C LEU A 265 18.88 17.50 -5.42
N PRO A 266 18.06 17.55 -6.46
CA PRO A 266 18.61 17.63 -7.82
C PRO A 266 19.16 19.02 -8.12
N GLY A 267 20.07 19.06 -9.07
CA GLY A 267 20.58 20.32 -9.56
C GLY A 267 21.88 20.13 -10.27
N LEU A 268 22.30 21.20 -10.95
CA LEU A 268 23.60 21.20 -11.60
C LEU A 268 24.70 20.94 -10.57
N MET A 269 24.61 21.58 -9.42
CA MET A 269 25.40 21.22 -8.25
C MET A 269 24.48 20.59 -7.21
N PRO A 270 24.51 19.29 -7.01
CA PRO A 270 23.63 18.68 -6.02
C PRO A 270 23.91 19.18 -4.61
N ILE A 271 22.86 19.23 -3.80
CA ILE A 271 22.96 19.57 -2.40
C ILE A 271 22.84 18.27 -1.60
N GLU A 272 23.91 17.90 -0.91
CA GLU A 272 23.99 16.63 -0.20
C GLU A 272 24.19 16.95 1.28
N TRP A 273 23.17 16.63 2.09
CA TRP A 273 23.17 16.98 3.51
C TRP A 273 23.75 15.83 4.32
N GLN A 274 25.07 15.72 4.28
CA GLN A 274 25.80 14.65 4.93
C GLN A 274 26.41 15.16 6.22
N ARG A 275 26.02 14.56 7.34
CA ARG A 275 26.58 14.89 8.65
C ARG A 275 27.73 13.98 9.00
N PHE A 276 28.57 14.44 9.93
CA PHE A 276 29.76 13.72 10.31
C PHE A 276 30.06 13.95 11.79
N TYR A 277 30.56 12.93 12.46
CA TYR A 277 30.88 12.96 13.88
C TYR A 277 32.22 12.31 14.10
N ASN A 278 33.10 12.97 14.83
CA ASN A 278 34.48 12.50 14.96
C ASN A 278 34.93 12.28 16.40
N SER A 279 34.43 13.05 17.35
CA SER A 279 34.80 12.97 18.76
C SER A 279 36.24 13.38 19.01
N ARG A 280 36.91 13.97 18.03
CA ARG A 280 38.26 14.44 18.21
C ARG A 280 38.43 15.89 17.82
N ASP A 281 37.44 16.50 17.16
CA ASP A 281 37.52 17.90 16.81
C ASP A 281 37.40 18.77 18.07
N GLU A 282 38.01 19.95 18.02
CA GLU A 282 38.08 20.84 19.17
C GLU A 282 36.98 21.91 19.16
N ARG A 283 36.11 21.93 18.15
CA ARG A 283 35.04 22.92 18.09
C ARG A 283 33.96 22.57 19.10
N ARG A 284 33.87 23.36 20.17
CA ARG A 284 32.88 23.14 21.21
C ARG A 284 31.49 23.58 20.81
N ASP A 285 31.36 24.44 19.79
CA ASP A 285 30.08 24.99 19.38
C ASP A 285 29.91 24.87 17.88
N GLY A 286 28.66 24.90 17.46
CA GLY A 286 28.35 24.79 16.05
C GLY A 286 26.85 24.77 15.85
N LEU A 287 26.47 24.62 14.59
CA LEU A 287 25.06 24.59 14.23
C LEU A 287 24.36 23.33 14.72
N LEU A 288 25.10 22.29 15.11
CA LEU A 288 24.53 21.04 15.56
C LEU A 288 25.11 20.53 16.86
N GLY A 289 26.03 21.26 17.47
CA GLY A 289 26.59 20.90 18.74
C GLY A 289 28.01 20.39 18.61
N ALA A 290 28.52 19.89 19.72
CA ALA A 290 29.88 19.39 19.78
C ALA A 290 30.02 18.10 19.00
N GLY A 291 31.15 17.93 18.35
CA GLY A 291 31.40 16.77 17.52
C GLY A 291 30.82 16.82 16.14
N TRP A 292 29.52 17.11 16.03
CA TRP A 292 28.87 17.08 14.75
C TRP A 292 29.31 18.25 13.87
N SER A 293 29.29 17.99 12.56
CA SER A 293 29.80 18.95 11.60
C SER A 293 29.01 18.79 10.32
N LEU A 294 29.07 19.83 9.49
CA LEU A 294 28.32 19.91 8.26
C LEU A 294 29.22 20.50 7.19
N PRO A 295 29.03 20.15 5.92
CA PRO A 295 29.97 20.62 4.89
C PRO A 295 30.04 22.12 4.75
N TYR A 296 29.03 22.85 5.20
CA TYR A 296 28.95 24.29 5.01
C TYR A 296 29.44 25.06 6.23
N GLU A 297 30.12 24.39 7.16
CA GLU A 297 30.69 25.01 8.34
C GLU A 297 32.19 25.23 8.22
N ILE A 298 32.72 25.15 6.99
CA ILE A 298 34.15 25.31 6.79
C ILE A 298 34.62 26.65 7.33
N SER A 299 35.82 26.64 7.92
CA SER A 299 36.37 27.80 8.57
C SER A 299 37.86 27.91 8.28
N VAL A 300 38.35 29.14 8.26
CA VAL A 300 39.76 29.45 8.05
C VAL A 300 40.18 30.41 9.15
N GLN A 301 41.34 30.15 9.75
CA GLN A 301 41.87 30.98 10.81
C GLN A 301 43.27 31.46 10.44
N ILE A 302 43.60 32.64 10.92
CA ILE A 302 44.92 33.23 10.76
C ILE A 302 45.55 33.41 12.13
N GLU A 303 46.76 32.91 12.29
CA GLU A 303 47.46 32.85 13.56
C GLU A 303 48.87 33.38 13.37
N PRO A 304 49.54 33.76 14.46
CA PRO A 304 50.94 34.16 14.35
C PRO A 304 51.81 33.01 13.89
N HIS A 305 52.95 33.36 13.29
CA HIS A 305 53.80 32.38 12.63
C HIS A 305 54.19 31.23 13.55
N PRO A 306 54.60 31.45 14.81
CA PRO A 306 54.92 30.33 15.70
C PRO A 306 53.78 29.33 15.81
N ARG A 311 50.86 30.01 10.00
CA ARG A 311 50.13 31.27 10.07
C ARG A 311 48.69 31.08 9.65
N LEU A 312 48.50 30.40 8.52
CA LEU A 312 47.19 30.17 7.93
C LEU A 312 46.78 28.73 8.18
N LEU A 313 45.57 28.55 8.71
CA LEU A 313 45.07 27.23 9.08
C LEU A 313 43.68 27.01 8.50
N TYR A 314 43.41 25.77 8.13
CA TYR A 314 42.18 25.41 7.44
C TYR A 314 41.55 24.21 8.12
N ILE A 315 40.24 24.28 8.33
CA ILE A 315 39.47 23.22 8.97
C ILE A 315 38.51 22.63 7.95
N ASP A 316 38.57 21.30 7.80
CA ASP A 316 37.81 20.61 6.77
C ASP A 316 36.53 20.01 7.36
N GLU A 317 35.76 19.37 6.48
CA GLU A 317 34.51 18.76 6.92
C GLU A 317 34.77 17.65 7.94
N GLN A 318 35.82 16.85 7.73
CA GLN A 318 36.11 15.71 8.60
C GLN A 318 36.65 16.13 9.96
N GLY A 319 37.01 17.39 10.16
CA GLY A 319 37.55 17.83 11.43
C GLY A 319 39.06 17.79 11.55
N ARG A 320 39.79 17.64 10.44
CA ARG A 320 41.24 17.60 10.47
C ARG A 320 41.80 19.02 10.38
N ARG A 321 42.64 19.38 11.35
CA ARG A 321 43.26 20.70 11.41
C ARG A 321 44.45 20.74 10.48
N ILE A 322 44.34 21.49 9.39
CA ILE A 322 45.38 21.61 8.37
C ILE A 322 46.00 22.99 8.50
N ASP A 323 47.31 23.03 8.75
CA ASP A 323 48.07 24.26 8.83
C ASP A 323 48.95 24.38 7.60
N MET A 324 48.62 25.33 6.72
CA MET A 324 49.43 25.59 5.53
C MET A 324 50.57 26.54 5.78
N GLY A 325 50.35 27.57 6.59
CA GLY A 325 51.36 28.57 6.86
C GLY A 325 51.19 29.80 6.01
N SER A 326 52.21 30.18 5.26
CA SER A 326 52.17 31.39 4.47
C SER A 326 51.45 31.17 3.14
N SER A 335 50.05 27.23 -4.27
CA SER A 335 50.82 26.52 -3.24
C SER A 335 50.34 25.09 -3.10
N PRO A 336 50.48 24.30 -4.16
CA PRO A 336 49.97 22.92 -4.10
C PRO A 336 50.61 22.10 -3.00
N GLY A 337 49.78 21.27 -2.38
CA GLY A 337 50.24 20.35 -1.35
C GLY A 337 49.93 18.93 -1.76
N GLU A 338 50.76 18.01 -1.29
CA GLU A 338 50.58 16.60 -1.61
C GLU A 338 49.37 15.98 -0.94
N GLY A 339 48.72 16.70 -0.02
CA GLY A 339 47.54 16.20 0.65
C GLY A 339 46.26 16.46 -0.13
N LEU A 340 46.40 16.72 -1.42
CA LEU A 340 45.26 16.96 -2.31
C LEU A 340 44.52 18.24 -1.91
N SER A 341 45.27 19.33 -1.78
CA SER A 341 44.71 20.62 -1.43
C SER A 341 45.56 21.71 -2.06
N VAL A 342 44.90 22.71 -2.66
CA VAL A 342 45.55 23.82 -3.32
C VAL A 342 44.97 25.13 -2.81
N ARG A 343 45.85 26.09 -2.53
CA ARG A 343 45.44 27.38 -2.00
C ARG A 343 46.11 28.51 -2.77
N ARG A 344 45.39 29.61 -2.89
CA ARG A 344 45.95 30.84 -3.44
C ARG A 344 45.14 32.01 -2.89
N ASN A 345 45.85 33.03 -2.40
CA ASN A 345 45.25 34.17 -1.74
C ASN A 345 45.31 35.38 -2.66
N GLU A 346 44.18 36.06 -2.81
CA GLU A 346 44.08 37.26 -3.61
C GLU A 346 43.81 38.45 -2.71
N ASN A 347 44.16 39.64 -3.22
CA ASN A 347 44.14 40.87 -2.42
C ASN A 347 42.88 41.03 -1.57
N GLY A 348 41.77 40.46 -2.02
CA GLY A 348 40.50 40.68 -1.35
C GLY A 348 39.81 39.47 -0.79
N GLN A 349 40.35 38.28 -1.03
CA GLN A 349 39.68 37.05 -0.66
C GLN A 349 40.68 35.90 -0.75
N LEU A 350 40.19 34.67 -0.59
CA LEU A 350 41.00 33.47 -0.66
C LEU A 350 40.21 32.36 -1.34
N LEU A 351 40.89 31.58 -2.17
CA LEU A 351 40.28 30.53 -2.96
C LEU A 351 41.04 29.22 -2.80
N ILE A 352 40.32 28.14 -2.50
CA ILE A 352 40.89 26.82 -2.30
C ILE A 352 40.29 25.84 -3.30
N GLU A 353 41.16 25.15 -4.04
CA GLU A 353 40.78 24.13 -4.99
C GLU A 353 41.30 22.77 -4.54
N SER A 354 40.47 21.75 -4.64
CA SER A 354 40.88 20.40 -4.31
C SER A 354 41.45 19.73 -5.57
N SER A 355 41.72 18.44 -5.49
CA SER A 355 42.28 17.72 -6.62
C SER A 355 41.36 17.76 -7.84
N ASP A 356 40.06 17.57 -7.63
CA ASP A 356 39.10 17.71 -8.71
C ASP A 356 38.80 19.19 -8.93
N GLY A 357 37.78 19.49 -9.72
CA GLY A 357 37.48 20.86 -10.08
C GLY A 357 36.74 21.68 -9.07
N ILE A 358 36.35 21.09 -7.93
CA ILE A 358 35.55 21.80 -6.96
C ILE A 358 36.40 22.81 -6.22
N TYR A 359 35.95 24.06 -6.18
CA TYR A 359 36.65 25.13 -5.50
C TYR A 359 35.68 25.84 -4.57
N ARG A 360 36.22 26.39 -3.49
CA ARG A 360 35.43 27.07 -2.48
C ARG A 360 36.09 28.41 -2.18
N LEU A 361 35.28 29.46 -2.12
CA LEU A 361 35.74 30.83 -2.00
C LEU A 361 35.29 31.42 -0.68
N PHE A 362 36.23 31.91 0.10
CA PHE A 362 35.96 32.50 1.41
C PHE A 362 35.89 34.01 1.30
N GLU A 363 35.34 34.63 2.34
CA GLU A 363 35.25 36.07 2.46
C GLU A 363 35.52 36.47 3.90
N PRO A 364 35.99 37.69 4.13
CA PRO A 364 36.29 38.10 5.51
C PRO A 364 35.05 38.09 6.40
N LEU A 365 35.26 37.72 7.65
CA LEU A 365 34.19 37.72 8.64
C LEU A 365 33.96 39.13 9.16
N PRO A 366 32.73 39.64 9.11
CA PRO A 366 32.49 41.01 9.61
C PRO A 366 32.94 41.14 11.07
N GLY A 367 33.70 42.19 11.35
CA GLY A 367 34.19 42.45 12.68
C GLY A 367 35.38 41.62 13.08
N ASP A 368 35.90 40.77 12.20
CA ASP A 368 37.04 39.93 12.52
C ASP A 368 37.90 39.76 11.27
N SER A 369 39.13 40.25 11.33
CA SER A 369 40.08 40.06 10.24
C SER A 369 40.88 38.77 10.37
N SER A 370 40.80 38.10 11.52
CA SER A 370 41.57 36.88 11.78
C SER A 370 40.79 35.62 11.45
N ARG A 371 39.60 35.75 10.87
CA ARG A 371 38.79 34.59 10.59
C ARG A 371 37.97 34.82 9.33
N LEU A 372 37.71 33.75 8.61
CA LEU A 372 37.00 33.79 7.35
C LEU A 372 35.88 32.77 7.34
N ARG A 373 34.89 32.99 6.48
CA ARG A 373 33.73 32.13 6.38
C ARG A 373 33.43 31.82 4.92
N LEU A 374 32.87 30.64 4.71
CA LEU A 374 32.52 30.19 3.36
C LEU A 374 31.47 31.09 2.74
N SER A 375 31.68 31.44 1.47
CA SER A 375 30.77 32.28 0.72
C SER A 375 30.25 31.65 -0.56
N LEU A 376 31.10 30.93 -1.29
CA LEU A 376 30.73 30.39 -2.60
C LEU A 376 31.36 29.02 -2.79
N LEU A 377 30.62 28.16 -3.49
CA LEU A 377 31.11 26.88 -3.99
C LEU A 377 30.93 26.82 -5.49
N GLY A 378 31.82 26.09 -6.15
CA GLY A 378 31.78 26.00 -7.59
C GLY A 378 32.49 24.77 -8.09
N ASP A 379 32.22 24.45 -9.35
CA ASP A 379 32.84 23.34 -10.04
C ASP A 379 33.74 23.89 -11.15
N ARG A 380 34.32 22.98 -11.93
CA ARG A 380 35.17 23.40 -13.03
C ARG A 380 34.39 24.21 -14.05
N ASN A 381 33.11 23.92 -14.22
CA ASN A 381 32.24 24.72 -15.06
C ASN A 381 31.77 25.92 -14.24
N ASP A 382 30.81 26.68 -14.79
CA ASP A 382 30.32 27.87 -14.13
C ASP A 382 29.35 27.58 -12.99
N ASN A 383 28.97 26.33 -12.80
CA ASN A 383 28.00 25.98 -11.76
C ASN A 383 28.52 26.36 -10.39
N ARG A 384 27.65 26.94 -9.57
CA ARG A 384 28.06 27.43 -8.26
C ARG A 384 26.86 27.53 -7.33
N LEU A 385 27.17 27.60 -6.04
CA LEU A 385 26.21 27.80 -4.97
C LEU A 385 26.61 29.02 -4.16
N HIS A 386 25.62 29.83 -3.78
CA HIS A 386 25.85 30.96 -2.91
C HIS A 386 25.18 30.74 -1.57
N LEU A 387 25.75 31.34 -0.53
CA LEU A 387 25.22 31.32 0.82
C LEU A 387 24.90 32.73 1.26
N GLU A 388 23.72 32.92 1.83
CA GLU A 388 23.28 34.19 2.36
C GLU A 388 23.14 34.08 3.87
N TYR A 389 23.83 34.95 4.60
CA TYR A 389 23.87 34.90 6.04
C TYR A 389 22.92 35.92 6.65
N ASP A 390 22.47 35.64 7.86
CA ASP A 390 21.59 36.52 8.60
C ASP A 390 22.39 37.40 9.55
N SER A 391 21.69 38.34 10.19
CA SER A 391 22.31 39.11 11.24
C SER A 391 22.80 38.16 12.33
N SER A 392 23.93 38.48 12.93
CA SER A 392 24.65 37.65 13.90
C SER A 392 25.44 36.56 13.20
N GLY A 393 25.55 36.60 11.88
CA GLY A 393 26.35 35.63 11.15
C GLY A 393 25.82 34.23 11.32
N ARG A 394 24.53 34.03 11.03
CA ARG A 394 23.90 32.73 11.06
C ARG A 394 23.36 32.38 9.68
N LEU A 395 23.73 31.21 9.20
CA LEU A 395 23.35 30.81 7.85
C LEU A 395 21.84 30.77 7.73
N TRP A 396 21.34 31.39 6.66
CA TRP A 396 19.91 31.53 6.43
C TRP A 396 19.45 30.82 5.17
N LEU A 397 20.04 31.12 4.01
CA LEU A 397 19.59 30.59 2.73
C LEU A 397 20.74 30.05 1.91
N LEU A 398 20.40 29.10 1.03
CA LEU A 398 21.30 28.59 0.02
C LEU A 398 20.65 28.83 -1.33
N ARG A 399 21.39 29.46 -2.23
CA ARG A 399 20.87 29.92 -3.50
C ARG A 399 21.67 29.30 -4.64
N ASP A 400 20.99 28.97 -5.72
CA ASP A 400 21.62 28.27 -6.83
C ASP A 400 22.27 29.26 -7.80
N THR A 401 22.77 28.74 -8.92
CA THR A 401 23.45 29.60 -9.89
C THR A 401 22.50 30.61 -10.52
N PHE A 402 21.24 30.25 -10.67
CA PHE A 402 20.24 31.15 -11.23
C PHE A 402 19.67 32.10 -10.18
N GLU A 403 20.35 32.24 -9.04
CA GLU A 403 19.94 33.16 -7.99
C GLU A 403 18.53 32.87 -7.50
N GLN A 404 18.20 31.60 -7.36
CA GLN A 404 16.91 31.16 -6.86
C GLN A 404 17.11 30.35 -5.58
N ALA A 405 16.38 30.71 -4.53
CA ALA A 405 16.49 30.02 -3.26
C ALA A 405 15.92 28.62 -3.33
N GLN A 406 16.59 27.70 -2.65
CA GLN A 406 16.18 26.31 -2.57
C GLN A 406 15.90 25.87 -1.14
N LEU A 407 16.77 26.21 -0.20
CA LEU A 407 16.65 25.82 1.19
C LEU A 407 16.59 27.04 2.10
N GLU A 408 16.05 26.83 3.30
CA GLU A 408 16.02 27.85 4.33
C GLU A 408 16.17 27.19 5.68
N LEU A 409 16.94 27.81 6.56
CA LEU A 409 17.17 27.33 7.91
C LEU A 409 16.34 28.10 8.93
N SER A 410 15.82 27.39 9.91
CA SER A 410 15.04 27.97 10.99
C SER A 410 15.61 27.54 12.32
N TYR A 411 15.91 28.51 13.17
CA TYR A 411 16.52 28.27 14.47
C TYR A 411 15.48 28.35 15.58
N SER A 412 15.92 28.03 16.79
CA SER A 412 15.06 27.99 17.96
C SER A 412 15.31 29.24 18.82
N THR A 413 14.73 29.23 20.02
CA THR A 413 14.93 30.30 20.99
C THR A 413 15.83 29.90 22.16
N LEU A 414 15.70 28.66 22.64
CA LEU A 414 16.57 28.22 23.73
C LEU A 414 18.00 28.08 23.25
N TRP A 415 18.19 27.60 22.03
CA TRP A 415 19.51 27.38 21.45
C TRP A 415 19.52 28.13 20.12
N PRO A 416 19.63 29.45 20.15
CA PRO A 416 19.63 30.22 18.90
C PRO A 416 20.77 29.85 17.96
N GLY A 417 21.86 29.31 18.48
CA GLY A 417 22.97 28.88 17.66
C GLY A 417 22.84 27.50 17.09
N ARG A 418 21.73 26.81 17.35
CA ARG A 418 21.50 25.46 16.89
C ARG A 418 20.35 25.43 15.91
N ILE A 419 20.53 24.73 14.79
CA ILE A 419 19.47 24.58 13.81
C ILE A 419 18.35 23.72 14.40
N ALA A 420 17.13 24.03 14.01
CA ALA A 420 15.95 23.28 14.42
C ALA A 420 15.23 22.63 13.26
N GLN A 421 15.03 23.33 12.16
CA GLN A 421 14.34 22.78 11.00
C GLN A 421 14.98 23.26 9.72
N VAL A 422 14.84 22.44 8.68
CA VAL A 422 15.29 22.75 7.33
C VAL A 422 14.09 22.67 6.40
N GLU A 423 13.92 23.69 5.57
CA GLU A 423 12.77 23.80 4.70
C GLU A 423 13.21 23.90 3.26
N ARG A 424 12.34 23.44 2.36
CA ARG A 424 12.59 23.52 0.93
C ARG A 424 11.62 24.51 0.30
N LEU A 425 12.11 25.27 -0.68
CA LEU A 425 11.33 26.28 -1.37
C LEU A 425 11.15 25.91 -2.83
N TYR A 426 9.93 26.07 -3.31
CA TYR A 426 9.57 25.86 -4.69
C TYR A 426 9.32 27.19 -5.38
N PRO A 427 9.28 27.20 -6.71
CA PRO A 427 8.96 28.46 -7.41
C PRO A 427 7.58 28.99 -7.07
N ASP A 428 6.71 28.18 -6.50
CA ASP A 428 5.36 28.58 -6.12
C ASP A 428 5.31 29.37 -4.83
N GLN A 429 6.46 29.72 -4.25
CA GLN A 429 6.56 30.43 -2.98
C GLN A 429 6.12 29.55 -1.81
N GLN A 430 5.88 28.27 -2.06
CA GLN A 430 5.46 27.33 -1.03
C GLN A 430 6.64 26.93 -0.16
N ARG A 431 6.37 26.02 0.78
CA ARG A 431 7.39 25.46 1.65
C ARG A 431 7.09 24.01 1.93
N GLU A 432 8.10 23.30 2.40
CA GLU A 432 7.95 21.90 2.78
C GLU A 432 9.14 21.51 3.65
N VAL A 433 8.86 20.97 4.82
CA VAL A 433 9.90 20.60 5.76
C VAL A 433 10.55 19.29 5.32
N LEU A 434 11.85 19.18 5.59
CA LEU A 434 12.65 18.02 5.23
C LEU A 434 13.24 17.29 6.42
N VAL A 435 13.64 17.98 7.48
CA VAL A 435 14.27 17.35 8.63
C VAL A 435 14.18 18.27 9.82
N SER A 436 14.13 17.68 11.01
CA SER A 436 14.04 18.42 12.25
C SER A 436 14.98 17.82 13.28
N TYR A 437 15.49 18.67 14.15
CA TYR A 437 16.44 18.25 15.18
C TYR A 437 15.94 18.69 16.55
N ASP A 438 16.19 17.86 17.55
CA ASP A 438 15.87 18.16 18.94
C ASP A 438 17.11 17.95 19.80
N TYR A 439 17.36 18.88 20.70
CA TYR A 439 18.58 18.94 21.47
C TYR A 439 18.33 18.64 22.94
N ASP A 440 19.38 18.19 23.61
CA ASP A 440 19.33 17.87 25.03
C ASP A 440 19.58 19.15 25.84
N ALA A 441 19.78 18.99 27.14
CA ALA A 441 19.99 20.15 27.99
C ALA A 441 21.34 20.83 27.76
N ALA A 442 22.31 20.13 27.17
CA ALA A 442 23.61 20.69 26.89
C ALA A 442 23.77 21.16 25.46
N GLY A 443 22.72 21.05 24.64
CA GLY A 443 22.80 21.46 23.26
C GLY A 443 23.39 20.45 22.32
N ASP A 444 23.58 19.20 22.77
CA ASP A 444 24.14 18.16 21.93
C ASP A 444 23.02 17.41 21.23
N LEU A 445 23.18 17.23 19.92
CA LEU A 445 22.16 16.61 19.09
C LEU A 445 21.74 15.26 19.64
N ALA A 446 20.47 15.15 20.01
CA ALA A 446 19.95 13.93 20.62
C ALA A 446 18.96 13.17 19.75
N GLN A 447 18.14 13.86 18.96
CA GLN A 447 17.09 13.20 18.21
C GLN A 447 16.93 13.83 16.84
N VAL A 448 16.72 12.99 15.84
CA VAL A 448 16.50 13.39 14.46
C VAL A 448 15.13 12.90 14.03
N ARG A 449 14.40 13.76 13.32
CA ARG A 449 13.06 13.45 12.85
C ARG A 449 12.91 13.86 11.40
N ASP A 450 12.11 13.08 10.68
CA ASP A 450 11.86 13.33 9.27
C ASP A 450 10.66 14.24 9.10
N SER A 451 10.25 14.45 7.84
CA SER A 451 9.11 15.29 7.55
C SER A 451 7.82 14.69 8.10
N GLU A 452 7.77 13.37 8.24
CA GLU A 452 6.58 12.67 8.67
C GLU A 452 6.52 12.49 10.18
N GLY A 453 7.46 13.08 10.91
CA GLY A 453 7.46 13.00 12.36
C GLY A 453 7.98 11.71 12.93
N GLN A 454 8.48 10.80 12.09
CA GLN A 454 8.97 9.51 12.55
C GLN A 454 10.43 9.64 12.97
N VAL A 455 10.70 9.31 14.22
CA VAL A 455 12.07 9.35 14.73
C VAL A 455 12.92 8.35 13.98
N GLN A 456 14.10 8.79 13.53
CA GLN A 456 15.01 7.97 12.76
C GLN A 456 16.28 7.63 13.52
N ARG A 457 16.82 8.57 14.28
CA ARG A 457 18.08 8.37 14.97
C ARG A 457 18.04 9.03 16.34
N ARG A 458 18.58 8.35 17.34
CA ARG A 458 18.70 8.87 18.68
C ARG A 458 20.13 8.74 19.16
N PHE A 459 20.54 9.64 20.03
CA PHE A 459 21.89 9.66 20.56
C PHE A 459 21.83 10.04 22.03
N ALA A 460 22.89 9.69 22.76
CA ALA A 460 23.07 10.10 24.14
C ALA A 460 24.53 10.40 24.38
N TYR A 461 24.79 11.23 25.39
CA TYR A 461 26.10 11.80 25.61
C TYR A 461 26.48 11.75 27.08
N ASP A 462 27.79 11.79 27.32
CA ASP A 462 28.38 11.85 28.63
C ASP A 462 28.57 13.30 29.04
N ALA A 463 29.15 13.52 30.22
CA ALA A 463 29.40 14.87 30.69
C ALA A 463 30.37 15.64 29.81
N GLY A 464 31.34 14.94 29.22
CA GLY A 464 32.31 15.59 28.37
C GLY A 464 31.89 15.65 26.91
N HIS A 465 30.60 15.44 26.66
CA HIS A 465 30.00 15.48 25.33
C HIS A 465 30.38 14.29 24.49
N ARG A 466 31.04 13.29 25.05
CA ARG A 466 31.41 12.09 24.32
C ARG A 466 30.21 11.15 24.21
N MET A 467 29.90 10.73 22.99
CA MET A 467 28.78 9.84 22.75
C MET A 467 29.04 8.47 23.37
N ILE A 468 27.99 7.94 24.01
CA ILE A 468 28.04 6.60 24.60
C ILE A 468 26.96 5.69 24.06
N GLU A 469 25.98 6.21 23.33
CA GLU A 469 24.89 5.40 22.81
C GLU A 469 24.37 6.03 21.53
N HIS A 470 24.14 5.20 20.52
CA HIS A 470 23.45 5.63 19.33
C HIS A 470 22.54 4.51 18.87
N GLN A 471 21.35 4.89 18.44
CA GLN A 471 20.28 3.98 18.11
C GLN A 471 19.78 4.27 16.70
N LEU A 472 19.78 3.25 15.87
CA LEU A 472 19.43 3.40 14.47
C LEU A 472 17.91 3.34 14.28
N ALA A 473 17.48 3.29 13.03
CA ALA A 473 16.06 3.28 12.72
C ALA A 473 15.43 1.92 12.95
N THR A 474 16.18 0.85 12.71
CA THR A 474 15.69 -0.51 12.90
C THR A 474 15.54 -0.89 14.36
N GLY A 475 16.04 -0.08 15.28
CA GLY A 475 15.97 -0.35 16.70
C GLY A 475 17.27 -0.83 17.32
N LEU A 476 18.25 -1.21 16.50
CA LEU A 476 19.50 -1.72 17.04
C LEU A 476 20.22 -0.64 17.83
N ARG A 477 20.66 -1.01 19.03
CA ARG A 477 21.33 -0.10 19.94
C ARG A 477 22.78 -0.50 20.11
N CYS A 478 23.67 0.45 19.95
CA CYS A 478 25.09 0.26 20.19
C CYS A 478 25.51 1.14 21.34
N PHE A 479 26.23 0.57 22.29
CA PHE A 479 26.69 1.25 23.49
C PHE A 479 28.21 1.22 23.54
N TYR A 480 28.80 2.32 23.97
CA TYR A 480 30.25 2.45 24.03
C TYR A 480 30.69 2.82 25.42
N GLN A 481 32.00 2.74 25.64
CA GLN A 481 32.64 3.16 26.87
C GLN A 481 33.92 3.92 26.53
N TRP A 482 34.34 4.78 27.44
CA TRP A 482 35.50 5.64 27.24
C TRP A 482 36.40 5.57 28.46
N THR A 483 37.69 5.86 28.24
CA THR A 483 38.66 5.78 29.31
C THR A 483 39.72 6.86 29.12
N GLN A 484 40.39 7.20 30.22
CA GLN A 484 41.38 8.27 30.25
C GLN A 484 42.78 7.68 30.37
N PHE A 485 43.69 8.13 29.52
CA PHE A 485 45.05 7.64 29.48
C PHE A 485 46.02 8.70 29.95
N ALA A 486 47.29 8.29 30.11
CA ALA A 486 48.32 9.19 30.58
C ALA A 486 48.60 10.31 29.59
N ASP A 487 48.11 10.19 28.35
CA ASP A 487 48.24 11.26 27.36
C ASP A 487 47.16 12.32 27.52
N GLN A 488 46.29 12.19 28.52
CA GLN A 488 45.21 13.13 28.74
C GLN A 488 44.30 13.24 27.51
N GLN A 489 44.15 12.12 26.80
CA GLN A 489 43.24 12.03 25.67
C GLN A 489 42.36 10.80 25.87
N TRP A 490 41.10 10.90 25.44
CA TRP A 490 40.10 9.89 25.68
C TRP A 490 40.00 8.94 24.50
N ARG A 491 40.03 7.64 24.78
CA ARG A 491 39.99 6.60 23.77
C ARG A 491 38.96 5.54 24.14
N VAL A 492 38.33 4.97 23.12
CA VAL A 492 37.32 3.94 23.33
C VAL A 492 37.99 2.67 23.82
N THR A 493 37.29 1.95 24.70
CA THR A 493 37.80 0.72 25.27
C THR A 493 36.83 -0.45 25.19
N ARG A 494 35.53 -0.22 25.08
CA ARG A 494 34.58 -1.31 25.06
C ARG A 494 33.34 -0.93 24.27
N HIS A 495 32.80 -1.90 23.54
CA HIS A 495 31.61 -1.72 22.73
C HIS A 495 30.74 -2.96 22.87
N TRP A 496 29.43 -2.77 22.90
CA TRP A 496 28.49 -3.89 22.93
C TRP A 496 27.16 -3.43 22.34
N THR A 497 26.23 -4.37 22.27
CA THR A 497 24.91 -4.13 21.68
C THR A 497 23.88 -4.85 22.52
N ASP A 498 22.64 -4.86 22.03
CA ASP A 498 21.55 -5.56 22.68
C ASP A 498 21.43 -7.01 22.20
N GLU A 499 22.17 -7.39 21.17
CA GLU A 499 22.14 -8.75 20.63
C GLU A 499 23.23 -9.65 21.20
N GLY A 500 24.05 -9.15 22.13
CA GLY A 500 25.10 -9.92 22.74
C GLY A 500 26.48 -9.70 22.16
N ASP A 501 26.58 -9.08 20.98
CA ASP A 501 27.88 -8.77 20.42
C ASP A 501 28.67 -7.88 21.36
N SER A 502 29.96 -8.20 21.51
CA SER A 502 30.84 -7.43 22.37
C SER A 502 32.22 -7.35 21.75
N TYR A 503 32.93 -6.27 22.06
CA TYR A 503 34.32 -6.09 21.67
C TYR A 503 35.04 -5.31 22.75
N GLN A 504 36.30 -5.65 22.96
CA GLN A 504 37.15 -5.00 23.94
C GLN A 504 38.44 -4.57 23.27
N TYR A 505 38.90 -3.37 23.60
CA TYR A 505 40.10 -2.80 23.00
C TYR A 505 41.13 -2.50 24.09
N ASP A 506 42.40 -2.72 23.78
CA ASP A 506 43.49 -2.39 24.68
C ASP A 506 44.58 -1.67 23.90
N TYR A 507 45.24 -0.72 24.55
CA TYR A 507 46.20 0.15 23.91
C TYR A 507 47.53 0.13 24.66
N ASP A 508 48.62 0.16 23.91
CA ASP A 508 49.97 0.34 24.45
C ASP A 508 50.67 1.35 23.55
N LEU A 509 50.67 2.61 24.00
CA LEU A 509 51.12 3.72 23.17
C LEU A 509 52.63 3.76 23.00
N GLU A 510 53.38 3.21 23.95
CA GLU A 510 54.83 3.23 23.85
C GLU A 510 55.30 2.47 22.62
N ALA A 511 54.72 1.30 22.37
CA ALA A 511 55.05 0.50 21.20
C ALA A 511 54.04 0.67 20.06
N GLY A 512 53.03 1.50 20.24
CA GLY A 512 52.05 1.69 19.18
C GLY A 512 51.28 0.43 18.85
N ILE A 513 50.84 -0.31 19.86
CA ILE A 513 50.19 -1.59 19.68
C ILE A 513 48.72 -1.48 20.09
N THR A 514 47.85 -2.00 19.25
CA THR A 514 46.41 -2.01 19.48
C THR A 514 45.90 -3.43 19.37
N GLN A 515 45.27 -3.94 20.43
CA GLN A 515 44.72 -5.29 20.46
C GLN A 515 43.20 -5.20 20.54
N VAL A 516 42.53 -6.12 19.84
CA VAL A 516 41.09 -6.21 19.80
C VAL A 516 40.68 -7.62 20.17
N THR A 517 39.71 -7.74 21.07
CA THR A 517 39.22 -9.03 21.54
C THR A 517 37.72 -9.06 21.48
N ASP A 518 37.17 -10.24 21.23
CA ASP A 518 35.74 -10.46 21.13
C ASP A 518 35.31 -11.53 22.14
N SER A 519 34.00 -11.76 22.19
CA SER A 519 33.49 -12.80 23.08
C SER A 519 33.87 -14.19 22.59
N LEU A 520 34.05 -14.36 21.29
CA LEU A 520 34.50 -15.63 20.72
C LEU A 520 36.00 -15.86 20.89
N GLN A 521 36.66 -15.08 21.74
CA GLN A 521 38.10 -15.18 22.00
C GLN A 521 38.96 -14.84 20.79
N ARG A 522 38.38 -14.25 19.75
CA ARG A 522 39.17 -13.83 18.61
C ARG A 522 40.05 -12.64 18.98
N LEU A 523 41.20 -12.55 18.31
CA LEU A 523 42.21 -11.56 18.62
C LEU A 523 42.73 -10.92 17.34
N SER A 524 42.88 -9.60 17.39
CA SER A 524 43.45 -8.82 16.29
C SER A 524 44.51 -7.88 16.84
N ARG A 525 45.54 -7.64 16.05
CA ARG A 525 46.68 -6.84 16.47
C ARG A 525 47.04 -5.85 15.37
N ARG A 526 47.35 -4.63 15.77
CA ARG A 526 47.80 -3.59 14.84
C ARG A 526 48.97 -2.83 15.45
N ARG A 527 49.86 -2.37 14.59
CA ARG A 527 51.00 -1.57 14.99
C ARG A 527 51.10 -0.38 14.04
N TRP A 528 51.18 0.82 14.60
CA TRP A 528 51.21 2.06 13.83
C TRP A 528 52.41 2.91 14.25
N ASN A 529 52.68 3.92 13.43
CA ASN A 529 53.84 4.78 13.59
C ASN A 529 53.46 6.07 14.29
N SER A 530 54.47 6.91 14.54
CA SER A 530 54.23 8.18 15.20
C SER A 530 53.29 9.07 14.39
N GLN A 531 53.29 8.91 13.07
CA GLN A 531 52.36 9.64 12.22
C GLN A 531 50.94 9.12 12.31
N LEU A 532 50.70 8.10 13.12
CA LEU A 532 49.38 7.48 13.22
C LEU A 532 48.95 6.85 11.88
N GLN A 533 49.89 6.18 11.23
CA GLN A 533 49.63 5.39 10.04
C GLN A 533 49.89 3.92 10.34
N ILE A 534 49.09 3.05 9.74
CA ILE A 534 49.20 1.62 9.97
C ILE A 534 50.40 1.07 9.19
N VAL A 535 51.24 0.30 9.87
CA VAL A 535 52.38 -0.35 9.24
C VAL A 535 52.28 -1.87 9.28
N GLU A 536 51.60 -2.40 10.30
CA GLU A 536 51.49 -3.84 10.48
C GLU A 536 50.07 -4.22 10.83
N TYR A 537 49.54 -5.22 10.13
CA TYR A 537 48.19 -5.74 10.35
C TYR A 537 48.29 -7.23 10.58
N THR A 538 47.62 -7.71 11.63
CA THR A 538 47.57 -9.13 11.96
C THR A 538 46.13 -9.49 12.26
N ASP A 539 45.53 -10.31 11.41
CA ASP A 539 44.13 -10.65 11.53
C ASP A 539 43.93 -11.77 12.55
N ASN A 540 42.69 -12.21 12.70
CA ASN A 540 42.38 -13.29 13.62
C ASN A 540 43.04 -14.60 13.22
N LEU A 541 43.40 -14.74 11.94
CA LEU A 541 43.98 -15.95 11.39
C LEU A 541 45.51 -15.92 11.38
N ASN A 542 46.12 -14.96 12.07
CA ASN A 542 47.56 -14.79 12.12
C ASN A 542 48.17 -14.47 10.76
N GLN A 543 47.37 -14.01 9.81
CA GLN A 543 47.91 -13.48 8.57
C GLN A 543 48.52 -12.12 8.82
N THR A 544 49.74 -11.90 8.32
CA THR A 544 50.51 -10.69 8.61
C THR A 544 50.74 -9.90 7.34
N TRP A 545 50.37 -8.62 7.38
CA TRP A 545 50.61 -7.67 6.32
C TRP A 545 51.48 -6.54 6.82
N ALA A 546 52.35 -6.05 5.97
CA ALA A 546 53.25 -4.96 6.30
C ALA A 546 53.10 -3.86 5.25
N PHE A 547 53.33 -2.61 5.69
CA PHE A 547 53.20 -1.45 4.84
C PHE A 547 54.42 -0.54 5.02
N GLU A 548 54.71 0.24 3.99
CA GLU A 548 55.76 1.23 4.03
C GLU A 548 55.17 2.58 3.70
N TRP A 549 55.51 3.59 4.49
CA TRP A 549 54.94 4.92 4.39
C TRP A 549 56.01 5.95 4.08
N ASN A 550 55.59 6.98 3.36
CA ASN A 550 56.45 8.08 2.97
C ASN A 550 55.87 9.36 3.56
N ASP A 551 56.74 10.36 3.71
CA ASP A 551 56.28 11.70 4.06
C ASP A 551 55.14 12.10 3.14
N GLU A 552 54.34 13.09 3.57
CA GLU A 552 53.13 13.52 2.87
C GLU A 552 52.07 12.45 2.85
N ARG A 553 52.21 11.38 3.64
CA ARG A 553 51.18 10.36 3.79
C ARG A 553 50.81 9.74 2.44
N GLN A 554 51.80 9.07 1.86
CA GLN A 554 51.67 8.34 0.61
C GLN A 554 52.04 6.89 0.86
N LEU A 555 51.43 5.99 0.10
CA LEU A 555 51.69 4.57 0.23
C LEU A 555 52.70 4.16 -0.83
N LEU A 556 53.80 3.55 -0.38
CA LEU A 556 54.87 3.13 -1.26
C LEU A 556 54.79 1.65 -1.60
N SER A 557 54.67 0.79 -0.59
CA SER A 557 54.74 -0.64 -0.79
C SER A 557 53.94 -1.37 0.27
N ALA A 558 53.39 -2.50 -0.12
CA ALA A 558 52.71 -3.42 0.77
C ALA A 558 53.25 -4.82 0.55
N THR A 559 53.34 -5.59 1.62
CA THR A 559 53.95 -6.91 1.60
C THR A 559 53.01 -7.91 2.26
N ASP A 560 52.80 -9.04 1.61
CA ASP A 560 51.86 -10.06 2.05
C ASP A 560 52.58 -11.11 2.88
N PRO A 561 51.84 -12.06 3.45
CA PRO A 561 52.49 -13.12 4.21
C PRO A 561 53.47 -13.94 3.39
N LEU A 562 53.19 -14.10 2.10
CA LEU A 562 54.01 -14.91 1.20
C LEU A 562 55.19 -14.16 0.63
N GLY A 563 55.37 -12.88 0.98
CA GLY A 563 56.46 -12.08 0.48
C GLY A 563 56.16 -11.27 -0.75
N GLY A 564 55.02 -11.49 -1.39
CA GLY A 564 54.67 -10.71 -2.56
C GLY A 564 54.56 -9.24 -2.27
N ARG A 565 55.21 -8.42 -3.09
CA ARG A 565 55.30 -6.99 -2.85
C ARG A 565 54.54 -6.22 -3.91
N TYR A 566 53.60 -5.40 -3.47
CA TYR A 566 52.95 -4.41 -4.30
C TYR A 566 53.69 -3.09 -4.11
N ALA A 567 54.06 -2.44 -5.21
CA ALA A 567 54.82 -1.21 -5.16
C ALA A 567 54.12 -0.12 -5.95
N TYR A 568 54.19 1.11 -5.45
CA TYR A 568 53.53 2.25 -6.06
C TYR A 568 54.55 3.37 -6.28
N SER A 569 54.30 4.19 -7.29
CA SER A 569 55.16 5.31 -7.62
C SER A 569 54.31 6.48 -8.08
N TYR A 570 54.46 7.62 -7.43
CA TYR A 570 53.62 8.78 -7.68
C TYR A 570 54.34 9.81 -8.53
N ASP A 571 53.64 10.90 -8.79
CA ASP A 571 54.12 12.05 -9.54
C ASP A 571 54.54 13.16 -8.59
N GLU A 572 55.14 14.22 -9.16
CA GLU A 572 55.53 15.36 -8.33
C GLU A 572 54.33 15.99 -7.63
N THR A 573 53.15 15.92 -8.24
CA THR A 573 51.93 16.47 -7.67
C THR A 573 51.17 15.46 -6.83
N GLY A 574 51.73 14.28 -6.60
CA GLY A 574 51.06 13.25 -5.85
C GLY A 574 50.22 12.30 -6.67
N ASN A 575 50.03 12.56 -7.95
CA ASN A 575 49.25 11.68 -8.79
C ASN A 575 49.95 10.33 -8.97
N LEU A 576 49.19 9.25 -8.76
CA LEU A 576 49.69 7.91 -8.94
C LEU A 576 50.10 7.69 -10.39
N ILE A 577 51.28 7.09 -10.59
CA ILE A 577 51.82 6.86 -11.91
C ILE A 577 51.86 5.36 -12.25
N ALA A 578 52.32 4.54 -11.31
CA ALA A 578 52.53 3.14 -11.62
C ALA A 578 52.22 2.25 -10.42
N GLU A 579 51.66 1.08 -10.72
CA GLU A 579 51.50 -0.02 -9.77
C GLU A 579 52.08 -1.26 -10.39
N THR A 580 52.78 -2.06 -9.58
CA THR A 580 53.31 -3.33 -10.00
C THR A 580 53.02 -4.35 -8.93
N ASP A 581 52.68 -5.56 -9.35
CA ASP A 581 52.31 -6.65 -8.48
C ASP A 581 53.38 -7.74 -8.54
N PRO A 582 53.27 -8.78 -7.71
CA PRO A 582 54.34 -9.78 -7.67
C PRO A 582 54.63 -10.40 -9.03
N LEU A 583 53.61 -10.56 -9.87
CA LEU A 583 53.85 -11.12 -11.20
C LEU A 583 54.60 -10.17 -12.10
N GLY A 584 54.77 -8.91 -11.71
CA GLY A 584 55.49 -7.94 -12.50
C GLY A 584 54.66 -7.22 -13.53
N HIS A 585 53.35 -7.43 -13.56
CA HIS A 585 52.48 -6.77 -14.53
C HIS A 585 52.10 -5.40 -14.01
N SER A 586 52.39 -4.37 -14.79
CA SER A 586 52.32 -2.99 -14.35
C SER A 586 51.26 -2.20 -15.11
N HIS A 587 50.45 -1.47 -14.36
CA HIS A 587 49.56 -0.45 -14.91
C HIS A 587 50.24 0.90 -14.77
N SER A 588 50.18 1.71 -15.82
CA SER A 588 50.79 3.02 -15.83
C SER A 588 49.82 4.04 -16.40
N THR A 589 49.98 5.28 -15.97
CA THR A 589 49.13 6.37 -16.41
C THR A 589 49.94 7.65 -16.44
N LEU A 590 49.69 8.47 -17.45
CA LEU A 590 50.33 9.76 -17.61
C LEU A 590 49.26 10.85 -17.54
N TRP A 591 49.41 11.76 -16.59
CA TRP A 591 48.42 12.79 -16.35
C TRP A 591 48.77 14.07 -17.11
N LEU A 592 48.04 15.14 -16.82
CA LEU A 592 48.30 16.49 -17.33
C LEU A 592 48.89 17.36 -16.22
N GLU A 593 49.07 18.64 -16.54
CA GLU A 593 49.58 19.63 -15.60
C GLU A 593 48.52 20.63 -15.15
N HIS A 594 47.67 21.11 -16.07
CA HIS A 594 46.66 22.10 -15.67
C HIS A 594 45.75 21.54 -14.59
N TRP A 595 45.32 20.29 -14.74
CA TRP A 595 44.43 19.64 -13.79
C TRP A 595 44.87 18.18 -13.64
N SER A 596 44.31 17.52 -12.62
CA SER A 596 44.59 16.11 -12.37
C SER A 596 43.68 15.26 -13.25
N LEU A 597 44.02 15.24 -14.54
CA LEU A 597 43.28 14.49 -15.54
C LEU A 597 44.18 13.51 -16.26
N PRO A 598 43.74 12.27 -16.47
CA PRO A 598 44.56 11.28 -17.19
C PRO A 598 44.55 11.54 -18.68
N GLN A 599 45.73 11.63 -19.27
CA GLN A 599 45.91 11.81 -20.70
C GLN A 599 46.10 10.49 -21.42
N THR A 600 46.89 9.58 -20.85
CA THR A 600 47.18 8.30 -21.43
C THR A 600 47.09 7.21 -20.38
N LEU A 601 46.53 6.07 -20.77
CA LEU A 601 46.45 4.90 -19.92
C LEU A 601 47.08 3.73 -20.65
N THR A 602 47.78 2.89 -19.90
CA THR A 602 48.50 1.75 -20.46
C THR A 602 48.09 0.47 -19.74
N ASP A 603 47.76 -0.55 -20.52
CA ASP A 603 47.44 -1.85 -19.97
C ASP A 603 48.70 -2.65 -19.72
N PRO A 604 48.62 -3.71 -18.92
CA PRO A 604 49.82 -4.54 -18.69
C PRO A 604 50.41 -5.10 -19.96
N ALA A 605 49.59 -5.35 -20.98
CA ALA A 605 50.08 -5.86 -22.25
C ALA A 605 50.79 -4.79 -23.08
N GLY A 606 50.66 -3.52 -22.72
CA GLY A 606 51.27 -2.42 -23.44
C GLY A 606 50.32 -1.61 -24.28
N GLU A 607 49.12 -2.10 -24.53
CA GLU A 607 48.16 -1.33 -25.32
C GLU A 607 47.70 -0.12 -24.54
N SER A 608 47.52 1.00 -25.25
CA SER A 608 47.33 2.30 -24.64
C SER A 608 46.00 2.91 -25.07
N TRP A 609 45.38 3.63 -24.14
CA TRP A 609 44.20 4.42 -24.38
C TRP A 609 44.56 5.89 -24.32
N HIS A 610 44.07 6.66 -25.28
CA HIS A 610 44.38 8.08 -25.37
C HIS A 610 43.13 8.91 -25.19
N LEU A 611 43.27 10.01 -24.45
CA LEU A 611 42.19 10.96 -24.24
C LEU A 611 42.73 12.36 -24.51
N ARG A 612 41.89 13.19 -25.12
CA ARG A 612 42.17 14.60 -25.29
C ARG A 612 40.96 15.39 -24.83
N TYR A 613 41.20 16.50 -24.14
CA TYR A 613 40.18 17.21 -23.39
C TYR A 613 39.91 18.58 -23.99
N ASP A 614 38.78 19.15 -23.57
CA ASP A 614 38.41 20.53 -23.80
C ASP A 614 39.16 21.42 -22.81
N PRO A 615 39.41 22.68 -23.16
CA PRO A 615 40.06 23.59 -22.20
C PRO A 615 39.32 23.72 -20.88
N ARG A 616 38.05 23.34 -20.81
CA ARG A 616 37.31 23.35 -19.56
C ARG A 616 37.38 22.05 -18.79
N GLY A 617 38.13 21.05 -19.28
CA GLY A 617 38.24 19.78 -18.60
C GLY A 617 37.31 18.71 -19.14
N ASN A 618 36.30 19.08 -19.90
CA ASN A 618 35.35 18.11 -20.42
C ASN A 618 35.97 17.25 -21.52
N CYS A 619 35.75 15.93 -21.41
CA CYS A 619 36.21 14.99 -22.43
C CYS A 619 35.56 15.28 -23.77
N ILE A 620 36.40 15.38 -24.81
CA ILE A 620 35.93 15.64 -26.15
C ILE A 620 36.10 14.42 -27.05
N ALA A 621 37.19 13.67 -26.89
CA ALA A 621 37.40 12.48 -27.71
C ALA A 621 38.21 11.44 -26.97
N GLU A 622 37.95 10.18 -27.31
CA GLU A 622 38.65 9.02 -26.77
C GLU A 622 39.11 8.15 -27.92
N VAL A 623 40.27 7.52 -27.76
CA VAL A 623 40.87 6.67 -28.78
C VAL A 623 41.30 5.36 -28.13
N ASP A 624 40.93 4.26 -28.75
CA ASP A 624 41.21 2.91 -28.28
C ASP A 624 42.46 2.37 -28.94
N PRO A 625 42.95 1.22 -28.48
CA PRO A 625 44.16 0.64 -29.09
C PRO A 625 44.01 0.36 -30.56
N LEU A 626 42.82 -0.02 -31.01
CA LEU A 626 42.59 -0.34 -32.41
C LEU A 626 42.51 0.90 -33.29
N GLY A 627 42.50 2.09 -32.70
CA GLY A 627 42.45 3.33 -33.46
C GLY A 627 41.06 3.90 -33.66
N GLN A 628 40.02 3.14 -33.31
CA GLN A 628 38.66 3.64 -33.45
C GLN A 628 38.38 4.74 -32.44
N VAL A 629 37.80 5.84 -32.91
CA VAL A 629 37.62 7.05 -32.13
C VAL A 629 36.18 7.20 -31.71
N THR A 630 35.99 8.00 -30.67
CA THR A 630 34.67 8.37 -30.16
C THR A 630 34.68 9.84 -29.81
N GLN A 631 33.62 10.55 -30.17
CA GLN A 631 33.55 11.99 -30.00
C GLN A 631 32.38 12.37 -29.11
N TYR A 632 32.57 13.40 -28.30
CA TYR A 632 31.53 13.94 -27.45
C TYR A 632 31.42 15.45 -27.65
N ARG A 633 30.20 15.96 -27.52
CA ARG A 633 29.93 17.39 -27.46
C ARG A 633 29.32 17.70 -26.10
N HIS A 634 29.85 18.72 -25.45
CA HIS A 634 29.39 19.14 -24.13
C HIS A 634 28.71 20.50 -24.23
N ASP A 635 27.64 20.67 -23.46
CA ASP A 635 26.88 21.91 -23.46
C ASP A 635 27.60 22.94 -22.59
N ALA A 636 26.95 24.08 -22.37
CA ALA A 636 27.55 25.13 -21.54
C ALA A 636 27.76 24.66 -20.10
N HIS A 637 26.80 23.92 -19.56
CA HIS A 637 26.83 23.50 -18.17
C HIS A 637 27.57 22.18 -17.98
N GLY A 638 28.25 21.69 -19.00
CA GLY A 638 29.03 20.48 -18.86
C GLY A 638 28.25 19.19 -18.96
N GLN A 639 27.12 19.22 -19.66
CA GLN A 639 26.28 18.04 -19.85
C GLN A 639 26.40 17.59 -21.29
N VAL A 640 26.65 16.29 -21.48
CA VAL A 640 26.86 15.74 -22.81
C VAL A 640 25.55 15.77 -23.58
N VAL A 641 25.59 16.26 -24.80
CA VAL A 641 24.40 16.37 -25.63
C VAL A 641 24.48 15.57 -26.91
N GLU A 642 25.67 15.25 -27.41
CA GLU A 642 25.78 14.47 -28.63
C GLU A 642 26.96 13.51 -28.54
N ILE A 643 26.73 12.27 -28.94
CA ILE A 643 27.74 11.23 -28.99
C ILE A 643 27.86 10.77 -30.43
N ILE A 644 29.08 10.78 -30.95
CA ILE A 644 29.38 10.30 -32.28
C ILE A 644 30.33 9.13 -32.09
N ASP A 645 29.86 7.94 -32.42
CA ASP A 645 30.69 6.75 -32.30
C ASP A 645 31.34 6.48 -33.65
N ALA A 646 32.02 5.35 -33.76
CA ALA A 646 32.60 4.99 -35.04
C ALA A 646 31.49 4.69 -36.04
N ALA A 647 31.84 4.77 -37.32
CA ALA A 647 30.94 4.54 -38.44
C ALA A 647 29.91 5.65 -38.62
N GLY A 648 30.04 6.75 -37.89
CA GLY A 648 29.16 7.88 -38.06
C GLY A 648 27.87 7.86 -37.28
N ARG A 649 27.64 6.83 -36.46
CA ARG A 649 26.39 6.75 -35.70
C ARG A 649 26.35 7.88 -34.66
N SER A 650 25.20 8.55 -34.56
CA SER A 650 25.05 9.73 -33.74
C SER A 650 23.86 9.60 -32.80
N ARG A 651 24.07 9.98 -31.55
CA ARG A 651 23.01 10.05 -30.56
C ARG A 651 22.95 11.47 -30.00
N LYS A 652 21.73 11.97 -29.78
CA LYS A 652 21.52 13.32 -29.31
C LYS A 652 20.62 13.31 -28.09
N MET A 653 20.76 14.33 -27.25
CA MET A 653 20.04 14.40 -26.00
C MET A 653 19.73 15.84 -25.63
N ARG A 654 18.66 16.02 -24.87
CA ARG A 654 18.27 17.31 -24.32
C ARG A 654 18.17 17.18 -22.81
N TRP A 655 18.68 18.19 -22.11
CA TRP A 655 18.78 18.15 -20.66
C TRP A 655 17.93 19.23 -20.03
N ASN A 656 17.54 19.00 -18.79
CA ASN A 656 16.72 19.91 -18.01
C ASN A 656 17.59 20.85 -17.20
N SER A 657 17.02 21.99 -16.83
CA SER A 657 17.77 23.01 -16.11
C SER A 657 18.22 22.54 -14.75
N SER A 658 17.59 21.52 -14.19
CA SER A 658 17.97 20.96 -12.91
C SER A 658 18.91 19.78 -13.02
N GLY A 659 19.36 19.44 -14.22
CA GLY A 659 20.25 18.32 -14.40
C GLY A 659 19.52 17.01 -14.56
N GLN A 660 18.44 17.03 -15.35
CA GLN A 660 17.59 15.88 -15.54
C GLN A 660 17.31 15.68 -17.02
N LEU A 661 17.54 14.46 -17.50
CA LEU A 661 17.36 14.13 -18.90
C LEU A 661 15.89 14.19 -19.30
N LEU A 662 15.65 14.70 -20.51
CA LEU A 662 14.30 14.85 -21.04
C LEU A 662 14.06 14.01 -22.28
N GLU A 663 14.91 14.14 -23.30
CA GLU A 663 14.73 13.45 -24.57
C GLU A 663 16.02 12.76 -24.98
N HIS A 664 15.91 11.49 -25.37
CA HIS A 664 17.02 10.70 -25.87
C HIS A 664 16.66 10.14 -27.23
N LEU A 665 17.61 10.18 -28.15
CA LEU A 665 17.41 9.70 -29.51
C LEU A 665 18.49 8.69 -29.86
N ASP A 666 18.09 7.67 -30.62
CA ASP A 666 19.01 6.63 -31.05
C ASP A 666 19.62 7.03 -32.38
N CYS A 667 20.31 6.09 -33.03
CA CYS A 667 20.95 6.36 -34.31
C CYS A 667 19.95 6.93 -35.31
N SER A 668 18.71 6.44 -35.27
CA SER A 668 17.64 6.97 -36.09
C SER A 668 16.76 7.91 -35.25
N GLY A 669 15.75 8.48 -35.90
CA GLY A 669 14.88 9.43 -35.25
C GLY A 669 13.79 8.78 -34.41
N TYR A 670 14.18 8.08 -33.35
CA TYR A 670 13.25 7.32 -32.50
C TYR A 670 13.39 7.78 -31.06
N PRO A 671 12.66 8.81 -30.67
CA PRO A 671 12.87 9.41 -29.33
C PRO A 671 12.14 8.70 -28.20
N THR A 672 12.74 8.84 -27.02
CA THR A 672 12.13 8.45 -25.76
C THR A 672 12.17 9.67 -24.85
N ARG A 673 11.04 10.01 -24.23
CA ARG A 673 10.92 11.25 -23.47
C ARG A 673 10.54 10.95 -22.03
N PHE A 674 10.86 11.90 -21.17
CA PHE A 674 10.67 11.79 -19.73
C PHE A 674 9.88 12.99 -19.23
N GLU A 675 9.19 12.81 -18.10
CA GLU A 675 8.41 13.87 -17.47
C GLU A 675 8.59 13.80 -15.96
N TYR A 676 8.86 14.94 -15.34
CA TYR A 676 9.27 15.00 -13.95
C TYR A 676 8.24 15.76 -13.12
N ASP A 677 8.12 15.37 -11.86
CA ASP A 677 7.18 15.96 -10.92
C ASP A 677 7.84 17.10 -10.14
N ARG A 678 7.05 17.76 -9.28
CA ARG A 678 7.55 18.94 -8.58
C ARG A 678 8.72 18.60 -7.68
N ARG A 679 8.64 17.49 -6.96
CA ARG A 679 9.73 17.09 -6.08
C ARG A 679 10.97 16.64 -6.85
N GLY A 680 10.86 16.45 -8.16
CA GLY A 680 12.00 16.09 -8.97
C GLY A 680 12.15 14.64 -9.31
N ASN A 681 11.11 13.84 -9.15
CA ASN A 681 11.13 12.42 -9.47
C ASN A 681 10.58 12.17 -10.87
N VAL A 682 10.86 10.97 -11.36
CA VAL A 682 10.42 10.54 -12.69
C VAL A 682 8.94 10.17 -12.60
N LYS A 683 8.10 11.09 -13.05
CA LYS A 683 6.66 10.87 -13.05
C LYS A 683 6.23 9.92 -14.14
N ALA A 684 6.79 10.05 -15.33
CA ALA A 684 6.32 9.28 -16.48
C ALA A 684 7.43 9.11 -17.50
N ILE A 685 7.27 8.09 -18.34
CA ILE A 685 8.22 7.74 -19.38
C ILE A 685 7.43 7.42 -20.64
N ILE A 686 7.88 7.97 -21.77
CA ILE A 686 7.18 7.84 -23.04
C ILE A 686 8.12 7.19 -24.05
N ASP A 687 7.65 6.14 -24.70
CA ASP A 687 8.46 5.41 -25.67
C ASP A 687 8.22 5.96 -27.07
N ALA A 688 8.84 5.31 -28.06
CA ALA A 688 8.72 5.75 -29.44
C ALA A 688 7.29 5.66 -29.95
N LEU A 689 6.62 4.54 -29.66
CA LEU A 689 5.25 4.34 -30.13
C LEU A 689 4.25 5.25 -29.43
N GLY A 690 4.62 5.86 -28.30
CA GLY A 690 3.74 6.75 -27.58
C GLY A 690 3.11 6.17 -26.34
N GLU A 691 3.46 4.94 -25.96
CA GLU A 691 2.90 4.35 -24.75
C GLU A 691 3.47 5.02 -23.50
N HIS A 692 2.61 5.29 -22.54
CA HIS A 692 2.96 5.99 -21.32
C HIS A 692 3.01 5.02 -20.14
N THR A 693 4.01 5.20 -19.29
CA THR A 693 4.13 4.50 -18.02
C THR A 693 4.21 5.53 -16.91
N ARG A 694 3.40 5.36 -15.86
CA ARG A 694 3.25 6.34 -14.81
C ARG A 694 3.72 5.78 -13.49
N PHE A 695 4.24 6.65 -12.63
CA PHE A 695 4.70 6.30 -11.31
C PHE A 695 4.18 7.29 -10.29
N HIS A 696 3.84 6.79 -9.11
CA HIS A 696 3.36 7.61 -8.01
C HIS A 696 4.24 7.34 -6.80
N TYR A 697 4.90 8.37 -6.31
CA TYR A 697 5.85 8.27 -5.22
C TYR A 697 5.25 8.79 -3.92
N ASP A 698 6.05 8.72 -2.86
CA ASP A 698 5.71 9.27 -1.57
C ASP A 698 6.29 10.67 -1.45
N CYS A 699 6.06 11.30 -0.30
CA CYS A 699 6.69 12.59 -0.02
C CYS A 699 8.20 12.44 0.13
N GLN A 700 8.67 11.31 0.64
CA GLN A 700 10.09 11.05 0.79
C GLN A 700 10.72 10.45 -0.46
N GLY A 701 9.95 10.25 -1.53
CA GLY A 701 10.46 9.67 -2.74
C GLY A 701 10.37 8.17 -2.85
N ARG A 702 9.89 7.50 -1.80
CA ARG A 702 9.78 6.05 -1.84
C ARG A 702 8.65 5.62 -2.76
N LEU A 703 8.95 4.73 -3.69
CA LEU A 703 7.98 4.32 -4.69
C LEU A 703 6.82 3.59 -4.05
N LEU A 704 5.62 3.86 -4.56
CA LEU A 704 4.39 3.22 -4.09
C LEU A 704 3.70 2.42 -5.16
N SER A 705 3.54 2.98 -6.34
CA SER A 705 2.82 2.32 -7.41
C SER A 705 3.45 2.62 -8.76
N SER A 706 3.33 1.64 -9.65
CA SER A 706 3.74 1.75 -11.03
C SER A 706 2.57 1.30 -11.87
N GLN A 707 2.37 1.95 -13.00
CA GLN A 707 1.17 1.73 -13.78
C GLN A 707 1.46 1.85 -15.26
N LEU A 708 0.72 1.09 -16.05
CA LEU A 708 0.90 1.02 -17.49
C LEU A 708 -0.31 1.58 -18.23
N ALA A 709 -0.17 1.69 -19.55
CA ALA A 709 -1.23 2.24 -20.37
C ALA A 709 -2.41 1.28 -20.47
N ASP A 710 -2.13 -0.02 -20.57
CA ASP A 710 -3.19 -1.02 -20.65
C ASP A 710 -4.05 -1.05 -19.39
N GLY A 711 -3.58 -0.47 -18.29
CA GLY A 711 -4.34 -0.39 -17.06
C GLY A 711 -3.79 -1.20 -15.90
N ARG A 712 -2.90 -2.15 -16.17
CA ARG A 712 -2.33 -2.94 -15.09
C ARG A 712 -1.45 -2.10 -14.18
N ALA A 713 -1.43 -2.46 -12.90
CA ALA A 713 -0.72 -1.69 -11.91
C ALA A 713 -0.03 -2.60 -10.91
N GLU A 714 1.01 -2.07 -10.29
CA GLU A 714 1.79 -2.75 -9.27
C GLU A 714 1.89 -1.83 -8.06
N HIS A 715 1.74 -2.40 -6.88
CA HIS A 715 1.72 -1.65 -5.65
C HIS A 715 2.79 -2.18 -4.71
N PHE A 716 3.48 -1.26 -4.05
CA PHE A 716 4.54 -1.59 -3.10
C PHE A 716 4.18 -1.02 -1.74
N GLN A 717 4.30 -1.86 -0.73
CA GLN A 717 3.99 -1.51 0.64
C GLN A 717 5.25 -1.56 1.48
N ARG A 718 5.51 -0.49 2.21
CA ARG A 718 6.72 -0.36 3.01
C ARG A 718 6.36 0.28 4.35
N SER A 719 7.24 0.07 5.32
CA SER A 719 7.13 0.70 6.62
C SER A 719 8.47 1.31 6.97
N SER A 720 8.47 2.57 7.42
CA SER A 720 9.72 3.22 7.78
C SER A 720 10.42 2.48 8.91
N ASN A 721 9.67 2.07 9.93
CA ASN A 721 10.21 1.32 11.04
C ASN A 721 9.45 0.02 11.28
N GLY A 722 8.45 -0.30 10.46
CA GLY A 722 7.68 -1.52 10.67
C GLY A 722 8.41 -2.78 10.27
N GLN A 723 9.48 -2.67 9.48
CA GLN A 723 10.27 -3.82 9.06
C GLN A 723 9.42 -4.82 8.30
N LEU A 724 8.52 -4.31 7.46
CA LEU A 724 7.64 -5.13 6.65
C LEU A 724 7.56 -4.51 5.26
N GLN A 725 7.60 -5.36 4.24
CA GLN A 725 7.47 -4.93 2.87
C GLN A 725 6.57 -5.88 2.12
N GLY A 726 5.94 -5.38 1.07
CA GLY A 726 4.99 -6.16 0.32
C GLY A 726 4.92 -5.75 -1.12
N TYR A 727 4.77 -6.72 -2.02
CA TYR A 727 4.62 -6.47 -3.44
C TYR A 727 3.34 -7.11 -3.92
N THR A 728 2.50 -6.33 -4.57
CA THR A 728 1.21 -6.78 -5.05
C THR A 728 1.27 -6.92 -6.57
N ASP A 729 1.14 -8.15 -7.03
CA ASP A 729 1.19 -8.46 -8.43
C ASP A 729 -0.01 -7.84 -9.14
N PRO A 730 0.12 -7.53 -10.43
CA PRO A 730 -1.04 -7.01 -11.17
C PRO A 730 -2.24 -7.93 -11.12
N SER A 731 -2.04 -9.20 -10.81
CA SER A 731 -3.13 -10.14 -10.63
C SER A 731 -3.74 -10.07 -9.24
N GLY A 732 -3.20 -9.25 -8.35
CA GLY A 732 -3.75 -9.04 -7.03
C GLY A 732 -3.06 -9.76 -5.90
N TYR A 733 -2.15 -10.68 -6.20
CA TYR A 733 -1.54 -11.50 -5.18
C TYR A 733 -0.36 -10.79 -4.53
N THR A 734 -0.19 -11.02 -3.22
CA THR A 734 0.78 -10.31 -2.41
C THR A 734 1.89 -11.23 -1.93
N THR A 735 3.11 -10.70 -1.96
CA THR A 735 4.30 -11.35 -1.42
C THR A 735 4.86 -10.49 -0.31
N LEU A 736 5.17 -11.11 0.82
CA LEU A 736 5.55 -10.40 2.03
C LEU A 736 6.97 -10.76 2.44
N TYR A 737 7.68 -9.76 2.95
CA TYR A 737 9.03 -9.90 3.49
C TYR A 737 9.09 -9.28 4.87
N GLN A 738 9.77 -9.96 5.79
CA GLN A 738 9.94 -9.48 7.15
C GLN A 738 11.41 -9.50 7.52
N TYR A 739 11.91 -8.40 8.07
CA TYR A 739 13.31 -8.23 8.40
C TYR A 739 13.50 -8.21 9.91
N ASN A 740 14.75 -8.03 10.31
CA ASN A 740 15.16 -8.01 11.70
C ASN A 740 15.77 -6.66 12.05
N ARG A 741 16.31 -6.57 13.26
CA ARG A 741 16.82 -5.30 13.77
C ARG A 741 18.02 -4.81 12.97
N ARG A 742 18.80 -5.72 12.39
CA ARG A 742 19.93 -5.34 11.55
C ARG A 742 19.53 -5.10 10.10
N GLY A 743 18.27 -5.28 9.74
CA GLY A 743 17.84 -5.16 8.37
C GLY A 743 18.00 -6.40 7.54
N GLN A 744 18.52 -7.47 8.12
CA GLN A 744 18.67 -8.73 7.42
C GLN A 744 17.31 -9.38 7.18
N ILE A 745 17.13 -9.94 5.99
CA ILE A 745 15.91 -10.66 5.70
C ILE A 745 15.81 -11.86 6.62
N ARG A 746 14.64 -12.05 7.20
CA ARG A 746 14.39 -13.12 8.17
C ARG A 746 13.32 -14.10 7.71
N GLN A 747 12.26 -13.63 7.08
CA GLN A 747 11.16 -14.49 6.68
C GLN A 747 10.56 -13.99 5.38
N ARG A 748 10.21 -14.92 4.51
CA ARG A 748 9.48 -14.62 3.29
C ARG A 748 8.23 -15.47 3.24
N ILE A 749 7.15 -14.86 2.76
CA ILE A 749 5.86 -15.53 2.66
C ILE A 749 5.34 -15.31 1.25
N ASP A 750 5.03 -16.40 0.56
CA ASP A 750 4.59 -16.35 -0.82
C ASP A 750 3.10 -16.03 -0.85
N ALA A 751 2.52 -16.11 -2.06
CA ALA A 751 1.09 -15.84 -2.19
C ALA A 751 0.23 -16.89 -1.49
N HIS A 752 0.70 -18.14 -1.45
CA HIS A 752 -0.09 -19.25 -0.90
C HIS A 752 0.36 -19.64 0.50
N GLY A 753 1.06 -18.75 1.20
CA GLY A 753 1.45 -19.00 2.57
C GLY A 753 2.69 -19.83 2.76
N ARG A 754 3.39 -20.17 1.68
CA ARG A 754 4.62 -20.94 1.81
C ARG A 754 5.67 -20.07 2.49
N GLN A 755 6.11 -20.49 3.67
CA GLN A 755 6.99 -19.69 4.51
C GLN A 755 8.42 -20.21 4.41
N VAL A 756 9.33 -19.32 4.02
CA VAL A 756 10.76 -19.58 3.99
C VAL A 756 11.41 -18.73 5.08
N ARG A 757 12.25 -19.36 5.89
CA ARG A 757 12.80 -18.70 7.08
C ARG A 757 14.32 -18.77 7.08
N PHE A 758 14.92 -17.81 7.76
CA PHE A 758 16.36 -17.74 7.93
C PHE A 758 16.69 -17.61 9.41
N ASP A 759 17.89 -18.06 9.76
CA ASP A 759 18.38 -17.94 11.14
C ASP A 759 19.75 -17.32 11.13
N TYR A 760 20.00 -16.44 12.10
CA TYR A 760 21.24 -15.69 12.19
C TYR A 760 21.84 -15.84 13.58
N ASP A 761 23.17 -15.75 13.64
CA ASP A 761 23.89 -15.75 14.90
C ASP A 761 23.91 -14.36 15.51
N ALA A 762 24.38 -14.29 16.75
CA ALA A 762 24.49 -13.00 17.44
C ALA A 762 25.37 -12.02 16.67
N TYR A 763 26.33 -12.51 15.92
CA TYR A 763 27.27 -11.67 15.19
C TYR A 763 26.84 -11.43 13.75
N GLY A 764 25.65 -11.87 13.37
CA GLY A 764 25.12 -11.62 12.05
C GLY A 764 25.52 -12.61 10.99
N ARG A 765 25.96 -13.81 11.38
CA ARG A 765 26.41 -14.82 10.45
C ARG A 765 25.30 -15.86 10.25
N LEU A 766 24.95 -16.10 8.99
CA LEU A 766 23.92 -17.07 8.66
C LEU A 766 24.32 -18.45 9.13
N LEU A 767 23.36 -19.16 9.72
CA LEU A 767 23.56 -20.52 10.20
C LEU A 767 22.63 -21.52 9.54
N ALA A 768 21.35 -21.22 9.44
CA ALA A 768 20.37 -22.15 8.90
C ALA A 768 19.45 -21.46 7.92
N LEU A 769 19.09 -22.19 6.88
CA LEU A 769 18.13 -21.76 5.87
C LEU A 769 17.06 -22.83 5.79
N THR A 770 15.86 -22.49 6.24
CA THR A 770 14.77 -23.45 6.41
C THR A 770 13.79 -23.34 5.26
N ASN A 771 13.51 -24.48 4.64
CA ASN A 771 12.74 -24.54 3.42
C ASN A 771 11.25 -24.48 3.73
N GLU A 772 10.43 -24.51 2.67
CA GLU A 772 8.99 -24.42 2.82
C GLU A 772 8.44 -25.58 3.63
N ASN A 773 8.92 -26.79 3.35
CA ASN A 773 8.38 -27.98 4.00
C ASN A 773 8.87 -28.14 5.44
N GLY A 774 10.13 -27.79 5.70
CA GLY A 774 10.70 -27.97 7.02
C GLY A 774 12.16 -28.36 7.00
N GLU A 775 12.61 -28.90 5.87
CA GLU A 775 14.01 -29.28 5.73
C GLU A 775 14.91 -28.05 5.68
N SER A 776 16.06 -28.15 6.34
CA SER A 776 16.96 -27.02 6.54
C SER A 776 18.37 -27.33 6.08
N TYR A 777 18.98 -26.38 5.38
CA TYR A 777 20.40 -26.37 5.11
C TYR A 777 21.14 -25.68 6.24
N ARG A 778 22.37 -26.12 6.48
CA ARG A 778 23.16 -25.61 7.60
C ARG A 778 24.53 -25.15 7.12
N PHE A 779 25.09 -24.17 7.84
CA PHE A 779 26.37 -23.58 7.52
C PHE A 779 27.18 -23.41 8.80
N ALA A 780 28.49 -23.41 8.66
CA ALA A 780 29.39 -23.20 9.78
C ALA A 780 30.59 -22.37 9.33
N TRP A 781 30.87 -21.29 10.06
CA TRP A 781 31.88 -20.33 9.68
C TRP A 781 33.11 -20.45 10.57
N ASP A 782 34.22 -19.94 10.06
CA ASP A 782 35.49 -19.95 10.76
C ASP A 782 35.72 -18.61 11.45
N ALA A 783 36.93 -18.42 11.98
CA ALA A 783 37.23 -17.17 12.68
C ALA A 783 37.17 -15.99 11.73
N GLY A 784 37.64 -16.15 10.51
CA GLY A 784 37.70 -15.09 9.55
C GLY A 784 36.43 -14.87 8.76
N ASN A 785 35.33 -15.47 9.18
CA ASN A 785 34.05 -15.36 8.47
C ASN A 785 34.14 -15.92 7.07
N ARG A 786 34.94 -16.96 6.89
CA ARG A 786 35.02 -17.70 5.63
C ARG A 786 34.24 -18.99 5.76
N LEU A 787 33.45 -19.30 4.74
CA LEU A 787 32.65 -20.52 4.75
C LEU A 787 33.55 -21.72 4.93
N SER A 788 33.28 -22.51 5.96
CA SER A 788 34.01 -23.74 6.23
C SER A 788 33.26 -24.98 5.81
N GLU A 789 32.02 -25.13 6.27
CA GLU A 789 31.25 -26.35 6.06
C GLU A 789 29.84 -26.02 5.64
N GLN A 790 29.31 -26.83 4.72
CA GLN A 790 27.95 -26.70 4.21
C GLN A 790 27.29 -28.06 4.23
N GLN A 791 26.09 -28.14 4.80
CA GLN A 791 25.32 -29.36 4.86
C GLN A 791 23.99 -29.18 4.13
N ASP A 792 23.67 -30.13 3.27
CA ASP A 792 22.45 -30.12 2.51
C ASP A 792 21.34 -30.77 3.32
N LEU A 793 20.22 -31.08 2.67
CA LEU A 793 19.09 -31.70 3.36
C LEU A 793 19.41 -33.14 3.75
N ASP A 794 20.06 -33.88 2.86
CA ASP A 794 20.28 -35.30 3.04
C ASP A 794 21.48 -35.63 3.92
N GLY A 795 22.20 -34.63 4.41
CA GLY A 795 23.38 -34.84 5.22
C GLY A 795 24.69 -34.76 4.47
N SER A 796 24.67 -34.77 3.15
CA SER A 796 25.89 -34.62 2.38
C SER A 796 26.55 -33.30 2.75
N ALA A 797 27.85 -33.36 3.04
CA ALA A 797 28.60 -32.23 3.56
C ALA A 797 29.73 -31.87 2.61
N LYS A 798 30.05 -30.58 2.58
CA LYS A 798 31.20 -30.06 1.87
C LYS A 798 32.05 -29.28 2.85
N ARG A 799 33.35 -29.59 2.89
CA ARG A 799 34.29 -28.92 3.78
C ARG A 799 35.36 -28.28 2.93
N TYR A 800 35.67 -27.02 3.23
CA TYR A 800 36.63 -26.26 2.48
C TYR A 800 37.90 -26.01 3.28
N GLY A 801 39.02 -25.96 2.58
CA GLY A 801 40.30 -25.63 3.17
C GLY A 801 40.90 -24.44 2.47
N TYR A 802 41.34 -23.46 3.26
CA TYR A 802 41.81 -22.19 2.73
C TYR A 802 43.30 -22.04 2.98
N ASP A 803 43.97 -21.38 2.05
CA ASP A 803 45.40 -21.15 2.16
C ASP A 803 45.66 -19.95 3.07
N LEU A 804 46.90 -19.46 3.06
CA LEU A 804 47.29 -18.31 3.85
C LEU A 804 46.80 -17.00 3.27
N LEU A 805 46.23 -17.02 2.06
CA LEU A 805 45.81 -15.82 1.36
C LEU A 805 44.34 -15.87 0.97
N ASN A 806 43.52 -16.55 1.78
CA ASN A 806 42.07 -16.59 1.60
C ASN A 806 41.67 -17.17 0.24
N ASN A 807 42.32 -18.26 -0.14
CA ASN A 807 41.98 -18.99 -1.36
C ASN A 807 41.82 -20.47 -1.02
N VAL A 808 40.85 -21.12 -1.65
CA VAL A 808 40.58 -22.53 -1.40
C VAL A 808 41.60 -23.39 -2.11
N VAL A 809 42.11 -24.40 -1.41
CA VAL A 809 43.03 -25.36 -2.01
C VAL A 809 42.56 -26.80 -1.87
N GLU A 810 41.70 -27.13 -0.91
CA GLU A 810 41.19 -28.48 -0.75
C GLU A 810 39.67 -28.44 -0.63
N LEU A 811 39.00 -29.28 -1.41
CA LEU A 811 37.56 -29.44 -1.35
C LEU A 811 37.25 -30.91 -1.08
N GLN A 812 36.53 -31.17 0.00
CA GLN A 812 36.14 -32.53 0.40
C GLN A 812 34.63 -32.65 0.42
N SER A 813 34.12 -33.67 -0.27
CA SER A 813 32.69 -33.98 -0.27
C SER A 813 32.49 -35.29 0.46
N HIS A 814 31.69 -35.25 1.53
CA HIS A 814 31.41 -36.41 2.36
C HIS A 814 29.99 -36.90 2.11
N PRO A 815 29.81 -38.18 1.78
CA PRO A 815 28.46 -38.69 1.51
C PRO A 815 27.63 -38.79 2.78
N ALA A 816 26.32 -38.84 2.57
CA ALA A 816 25.39 -38.93 3.67
C ALA A 816 25.49 -40.30 4.35
N PRO A 817 25.22 -40.36 5.66
CA PRO A 817 25.24 -41.63 6.38
C PRO A 817 24.03 -42.51 6.06
N ALA A 831 32.66 -43.41 0.09
CA ALA A 831 33.94 -42.77 0.35
C ALA A 831 33.92 -41.32 -0.08
N PRO A 832 34.75 -40.49 0.55
CA PRO A 832 34.78 -39.07 0.19
C PRO A 832 35.43 -38.81 -1.16
N ILE A 833 35.11 -37.64 -1.70
CA ILE A 833 35.72 -37.13 -2.93
C ILE A 833 36.58 -35.93 -2.58
N ILE A 834 37.80 -35.92 -3.09
CA ILE A 834 38.77 -34.89 -2.75
C ILE A 834 39.25 -34.23 -4.03
N HIS A 835 39.18 -32.90 -4.06
CA HIS A 835 39.75 -32.09 -5.12
C HIS A 835 40.78 -31.16 -4.52
N ARG A 836 41.92 -31.05 -5.18
CA ARG A 836 43.04 -30.26 -4.69
C ARG A 836 43.42 -29.24 -5.75
N PHE A 837 43.88 -28.09 -5.29
CA PHE A 837 44.18 -26.97 -6.17
C PHE A 837 45.58 -26.43 -5.89
N GLU A 838 46.18 -25.86 -6.93
CA GLU A 838 47.46 -25.21 -6.83
C GLU A 838 47.41 -23.94 -7.66
N ARG A 839 47.66 -22.81 -7.01
CA ARG A 839 47.41 -21.49 -7.58
C ARG A 839 48.65 -20.63 -7.45
N ASP A 840 48.68 -19.56 -8.23
CA ASP A 840 49.85 -18.68 -8.27
C ASP A 840 49.88 -17.77 -7.05
N ALA A 841 50.83 -16.84 -7.02
CA ALA A 841 50.90 -15.89 -5.92
C ALA A 841 49.62 -15.06 -5.84
N VAL A 842 49.10 -14.64 -6.98
CA VAL A 842 47.81 -13.97 -7.04
C VAL A 842 46.75 -15.08 -6.92
N GLY A 843 45.48 -14.74 -7.08
CA GLY A 843 44.41 -15.69 -6.83
C GLY A 843 44.15 -16.68 -7.95
N ARG A 844 44.69 -16.43 -9.14
CA ARG A 844 44.34 -17.21 -10.31
C ARG A 844 44.83 -18.65 -10.18
N LEU A 845 44.04 -19.56 -10.74
CA LEU A 845 44.24 -21.00 -10.59
C LEU A 845 45.08 -21.59 -11.70
N LEU A 846 46.02 -22.45 -11.32
CA LEU A 846 46.91 -23.10 -12.26
C LEU A 846 46.60 -24.57 -12.47
N ALA A 847 46.46 -25.33 -11.39
CA ALA A 847 46.33 -26.78 -11.47
C ALA A 847 45.19 -27.28 -10.60
N LYS A 848 44.44 -28.23 -11.15
CA LYS A 848 43.41 -28.94 -10.42
C LYS A 848 43.76 -30.42 -10.45
N ILE A 849 43.69 -31.07 -9.30
CA ILE A 849 44.04 -32.47 -9.15
C ILE A 849 42.84 -33.24 -8.63
N THR A 850 42.46 -34.28 -9.36
CA THR A 850 41.43 -35.20 -8.92
C THR A 850 41.91 -36.61 -9.18
N ASP A 851 41.22 -37.58 -8.57
CA ASP A 851 41.55 -38.98 -8.80
C ASP A 851 41.43 -39.34 -10.28
N ASP A 852 40.66 -38.57 -11.05
CA ASP A 852 40.53 -38.81 -12.48
C ASP A 852 41.76 -38.38 -13.26
N GLY A 853 42.48 -37.37 -12.79
CA GLY A 853 43.68 -36.93 -13.48
C GLY A 853 44.09 -35.53 -13.06
N ARG A 854 44.72 -34.83 -14.00
CA ARG A 854 45.29 -33.51 -13.77
C ARG A 854 44.81 -32.53 -14.85
N SER A 855 44.57 -31.29 -14.44
CA SER A 855 44.18 -30.22 -15.32
C SER A 855 45.13 -29.05 -15.14
N GLN A 856 45.58 -28.47 -16.26
CA GLN A 856 46.56 -27.39 -16.26
C GLN A 856 46.01 -26.21 -17.02
N TYR A 857 46.26 -25.01 -16.51
CA TYR A 857 45.79 -23.78 -17.11
C TYR A 857 46.95 -22.81 -17.31
N THR A 858 46.76 -21.89 -18.25
CA THR A 858 47.76 -20.88 -18.56
C THR A 858 47.05 -19.61 -19.03
N TYR A 859 47.32 -18.50 -18.36
CA TYR A 859 46.65 -17.24 -18.62
C TYR A 859 47.54 -16.24 -19.32
N ASP A 860 46.92 -15.17 -19.79
CA ASP A 860 47.60 -13.97 -20.24
C ASP A 860 47.77 -13.02 -19.07
N PRO A 861 48.60 -11.99 -19.21
CA PRO A 861 48.76 -11.04 -18.11
C PRO A 861 47.48 -10.37 -17.69
N LEU A 862 46.49 -10.28 -18.59
CA LEU A 862 45.17 -9.74 -18.26
C LEU A 862 44.25 -10.77 -17.62
N ASN A 863 44.79 -11.89 -17.14
CA ASN A 863 43.99 -12.90 -16.47
C ASN A 863 42.88 -13.42 -17.38
N GLN A 864 43.21 -13.58 -18.66
CA GLN A 864 42.33 -14.19 -19.64
C GLN A 864 42.96 -15.51 -20.11
N LEU A 865 42.19 -16.58 -19.99
CA LEU A 865 42.69 -17.92 -20.28
C LEU A 865 43.12 -18.04 -21.74
N THR A 866 44.30 -18.60 -21.96
CA THR A 866 44.86 -18.77 -23.29
C THR A 866 45.19 -20.20 -23.65
N ALA A 867 45.47 -21.06 -22.66
CA ALA A 867 45.77 -22.45 -22.93
C ALA A 867 45.21 -23.30 -21.80
N ALA A 868 44.74 -24.50 -22.15
CA ALA A 868 44.19 -25.44 -21.19
C ALA A 868 44.68 -26.83 -21.54
N SER A 869 44.77 -27.70 -20.53
CA SER A 869 45.22 -29.05 -20.74
C SER A 869 44.63 -29.99 -19.71
N PHE A 870 44.39 -31.23 -20.13
CA PHE A 870 44.02 -32.31 -19.23
C PHE A 870 44.87 -33.52 -19.57
N THR A 871 45.40 -34.16 -18.54
CA THR A 871 46.21 -35.36 -18.68
C THR A 871 45.62 -36.43 -17.79
N ASP A 872 45.36 -37.60 -18.36
CA ASP A 872 44.75 -38.69 -17.61
C ASP A 872 45.75 -39.31 -16.66
N ASN A 873 45.23 -40.22 -15.84
CA ASN A 873 46.04 -40.97 -14.88
C ASN A 873 46.68 -42.13 -15.63
N LEU A 874 47.93 -41.94 -16.07
CA LEU A 874 48.64 -42.92 -16.86
C LEU A 874 47.91 -43.18 -18.19
N GLY A 875 47.75 -42.12 -18.96
CA GLY A 875 47.01 -42.20 -20.20
C GLY A 875 47.38 -41.07 -21.14
N ASN A 876 46.45 -40.76 -22.04
CA ASN A 876 46.71 -39.80 -23.08
C ASN A 876 46.50 -38.37 -22.57
N GLN A 877 46.73 -37.40 -23.45
CA GLN A 877 46.65 -35.99 -23.10
C GLN A 877 45.98 -35.22 -24.22
N GLN A 878 45.22 -34.20 -23.84
CA GLN A 878 44.53 -33.33 -24.78
C GLN A 878 44.69 -31.88 -24.33
N ALA A 879 44.53 -30.97 -25.27
CA ALA A 879 44.84 -29.56 -25.00
C ALA A 879 44.01 -28.64 -25.88
N LEU A 880 43.86 -27.40 -25.40
CA LEU A 880 43.12 -26.35 -26.08
C LEU A 880 43.91 -25.05 -26.04
N SER A 881 43.72 -24.23 -27.08
CA SER A 881 44.38 -22.94 -27.20
C SER A 881 43.38 -21.87 -27.59
N PHE A 882 43.65 -20.64 -27.15
CA PHE A 882 42.83 -19.49 -27.48
C PHE A 882 43.72 -18.33 -27.91
N SER A 883 43.13 -17.37 -28.61
CA SER A 883 43.83 -16.18 -29.05
C SER A 883 42.84 -15.02 -29.10
N TYR A 884 43.07 -14.01 -28.28
CA TYR A 884 42.18 -12.88 -28.18
C TYR A 884 42.69 -11.70 -28.99
N ASP A 885 42.02 -10.57 -28.85
CA ASP A 885 42.35 -9.31 -29.49
C ASP A 885 42.84 -8.33 -28.42
N ALA A 886 43.09 -7.09 -28.85
CA ALA A 886 43.53 -6.08 -27.90
C ALA A 886 42.48 -5.76 -26.86
N LEU A 887 41.21 -5.93 -27.19
CA LEU A 887 40.11 -5.63 -26.28
C LEU A 887 39.54 -6.85 -25.59
N GLY A 888 40.22 -8.00 -25.69
CA GLY A 888 39.70 -9.21 -25.10
C GLY A 888 38.78 -10.01 -25.99
N GLN A 889 38.43 -9.48 -27.16
CA GLN A 889 37.59 -10.22 -28.09
C GLN A 889 38.28 -11.51 -28.53
N LEU A 890 37.53 -12.60 -28.51
CA LEU A 890 38.06 -13.90 -28.92
C LEU A 890 38.03 -14.00 -30.43
N LEU A 891 39.21 -14.16 -31.03
CA LEU A 891 39.34 -14.26 -32.48
C LEU A 891 39.50 -15.69 -32.96
N GLU A 892 40.30 -16.49 -32.27
CA GLU A 892 40.57 -17.85 -32.68
C GLU A 892 40.49 -18.80 -31.50
N GLU A 893 39.98 -19.99 -31.77
CA GLU A 893 39.94 -21.09 -30.82
C GLU A 893 40.39 -22.33 -31.55
N HIS A 894 41.38 -23.02 -31.00
CA HIS A 894 41.99 -24.17 -31.66
C HIS A 894 41.89 -25.38 -30.75
N THR A 895 41.33 -26.46 -31.27
CA THR A 895 41.15 -27.69 -30.52
C THR A 895 41.43 -28.88 -31.43
N VAL A 896 41.34 -30.08 -30.85
CA VAL A 896 41.60 -31.29 -31.61
C VAL A 896 40.68 -31.39 -32.82
N ALA A 897 39.47 -30.85 -32.71
CA ALA A 897 38.55 -30.84 -33.84
C ALA A 897 39.06 -29.95 -34.97
N GLY A 898 39.60 -28.79 -34.64
CA GLY A 898 40.06 -27.87 -35.67
C GLY A 898 40.09 -26.44 -35.15
N SER A 899 39.93 -25.50 -36.07
CA SER A 899 40.09 -24.09 -35.79
C SER A 899 38.79 -23.33 -36.07
N LEU A 900 38.38 -22.51 -35.10
CA LEU A 900 37.29 -21.56 -35.25
C LEU A 900 37.85 -20.15 -35.31
N ILE A 901 37.39 -19.37 -36.28
CA ILE A 901 37.91 -18.05 -36.56
C ILE A 901 36.75 -17.07 -36.58
N HIS A 902 36.93 -15.93 -35.91
CA HIS A 902 35.92 -14.88 -35.88
C HIS A 902 36.52 -13.57 -36.38
N ARG A 903 35.63 -12.69 -36.81
CA ARG A 903 36.00 -11.33 -37.21
C ARG A 903 34.90 -10.39 -36.77
N TYR A 904 35.26 -9.37 -36.01
CA TYR A 904 34.30 -8.44 -35.45
C TYR A 904 34.30 -7.12 -36.20
N ASP A 905 33.29 -6.31 -35.92
CA ASP A 905 33.19 -4.95 -36.40
C ASP A 905 33.65 -3.98 -35.31
N GLU A 906 33.79 -2.72 -35.68
CA GLU A 906 34.21 -1.71 -34.71
C GLU A 906 33.20 -1.53 -33.58
N LEU A 907 31.95 -1.93 -33.78
CA LEU A 907 30.94 -1.84 -32.74
C LEU A 907 30.91 -3.06 -31.83
N GLY A 908 31.79 -4.03 -32.05
CA GLY A 908 31.84 -5.23 -31.24
C GLY A 908 31.00 -6.38 -31.76
N ASN A 909 30.19 -6.17 -32.77
CA ASN A 909 29.34 -7.23 -33.29
C ASN A 909 30.17 -8.31 -33.99
N LEU A 910 29.63 -9.52 -34.00
CA LEU A 910 30.23 -10.67 -34.66
C LEU A 910 29.88 -10.64 -36.13
N THR A 911 30.75 -10.01 -36.94
CA THR A 911 30.45 -9.84 -38.35
C THR A 911 30.39 -11.18 -39.07
N GLN A 912 31.41 -12.01 -38.91
CA GLN A 912 31.46 -13.27 -39.64
C GLN A 912 32.31 -14.28 -38.91
N THR A 913 32.14 -15.54 -39.29
CA THR A 913 32.81 -16.67 -38.66
C THR A 913 33.19 -17.67 -39.74
N GLN A 914 34.18 -18.50 -39.41
CA GLN A 914 34.68 -19.50 -40.33
C GLN A 914 34.69 -20.85 -39.66
N LEU A 915 34.16 -21.84 -40.34
CA LEU A 915 34.07 -23.20 -39.83
C LEU A 915 35.35 -23.97 -40.10
N PRO A 916 35.53 -25.11 -39.44
CA PRO A 916 36.67 -25.97 -39.79
C PRO A 916 36.62 -26.41 -41.24
N ASP A 917 35.43 -26.56 -41.79
CA ASP A 917 35.26 -26.91 -43.20
C ASP A 917 35.48 -25.73 -44.14
N LYS A 918 35.88 -24.57 -43.61
CA LYS A 918 36.27 -23.38 -44.35
C LYS A 918 35.11 -22.58 -44.93
N ARG A 919 33.87 -22.88 -44.56
CA ARG A 919 32.74 -22.08 -44.99
C ARG A 919 32.55 -20.86 -44.09
N TRP A 920 32.04 -19.79 -44.69
CA TRP A 920 31.87 -18.50 -44.02
C TRP A 920 30.41 -18.24 -43.71
N LEU A 921 30.14 -17.77 -42.49
CA LEU A 921 28.85 -17.22 -42.10
C LEU A 921 28.98 -15.71 -42.00
N ASN A 922 28.17 -14.99 -42.77
CA ASN A 922 28.21 -13.53 -42.78
C ASN A 922 26.89 -12.98 -42.30
N ARG A 923 26.96 -11.92 -41.50
CA ARG A 923 25.79 -11.31 -40.88
C ARG A 923 25.93 -9.80 -40.97
N LEU A 924 25.05 -9.16 -41.74
CA LEU A 924 25.13 -7.73 -42.02
C LEU A 924 24.36 -6.95 -40.96
N TYR A 925 25.08 -6.36 -40.02
CA TYR A 925 24.48 -5.53 -38.99
C TYR A 925 24.43 -4.06 -39.41
N TYR A 926 23.41 -3.36 -38.93
CA TYR A 926 23.37 -1.90 -38.89
C TYR A 926 23.50 -1.40 -37.45
N GLY A 927 24.37 -2.04 -36.68
CA GLY A 927 24.38 -1.83 -35.25
C GLY A 927 23.29 -2.66 -34.60
N SER A 928 22.06 -2.20 -34.72
CA SER A 928 20.90 -3.05 -34.42
C SER A 928 19.70 -2.41 -35.12
N GLY A 929 19.19 -3.06 -36.16
CA GLY A 929 18.07 -2.49 -36.89
C GLY A 929 17.76 -3.31 -38.12
N HIS A 930 17.06 -2.67 -39.07
CA HIS A 930 16.47 -3.40 -40.18
C HIS A 930 17.52 -3.89 -41.16
N LEU A 931 17.07 -4.77 -42.05
CA LEU A 931 17.89 -5.32 -43.12
C LEU A 931 19.11 -6.06 -42.60
N HIS A 932 18.99 -6.64 -41.42
CA HIS A 932 19.95 -7.65 -41.00
C HIS A 932 19.76 -8.87 -41.88
N GLN A 933 20.85 -9.51 -42.25
CA GLN A 933 20.80 -10.61 -43.20
C GLN A 933 21.81 -11.67 -42.82
N ILE A 934 21.51 -12.91 -43.21
CA ILE A 934 22.42 -14.03 -43.10
C ILE A 934 22.63 -14.59 -44.50
N ASN A 935 23.88 -14.73 -44.90
CA ASN A 935 24.23 -15.07 -46.27
C ASN A 935 25.04 -16.34 -46.42
N LEU A 936 25.52 -16.93 -45.32
CA LEU A 936 26.41 -18.07 -45.40
C LEU A 936 27.58 -17.74 -46.31
N ASP A 937 27.78 -18.52 -47.38
CA ASP A 937 28.88 -18.30 -48.31
C ASP A 937 28.45 -17.61 -49.60
N GLY A 938 27.23 -17.09 -49.65
CA GLY A 938 26.73 -16.49 -50.87
C GLY A 938 25.28 -16.81 -51.13
N GLN A 939 24.72 -17.71 -50.34
CA GLN A 939 23.32 -18.10 -50.46
C GLN A 939 22.53 -17.35 -49.38
N VAL A 940 21.51 -16.61 -49.80
CA VAL A 940 20.69 -15.90 -48.85
C VAL A 940 19.81 -16.91 -48.11
N VAL A 941 19.81 -16.81 -46.78
CA VAL A 941 19.02 -17.68 -45.92
C VAL A 941 17.80 -16.95 -45.38
N SER A 942 18.02 -15.79 -44.76
CA SER A 942 16.92 -15.05 -44.15
C SER A 942 17.30 -13.58 -44.07
N ASP A 943 16.39 -12.71 -44.45
CA ASP A 943 16.54 -11.27 -44.30
C ASP A 943 15.42 -10.74 -43.42
N PHE A 944 15.78 -9.93 -42.43
CA PHE A 944 14.85 -9.46 -41.42
C PHE A 944 14.47 -8.01 -41.68
N GLN A 945 13.18 -7.73 -41.54
CA GLN A 945 12.64 -6.38 -41.54
C GLN A 945 12.07 -6.10 -40.15
N ARG A 946 12.56 -5.05 -39.51
CA ARG A 946 12.26 -4.77 -38.11
C ARG A 946 11.49 -3.47 -37.96
N ASP A 947 10.89 -3.30 -36.79
CA ASP A 947 10.07 -2.14 -36.49
C ASP A 947 10.90 -1.08 -35.78
N ARG A 948 10.22 -0.05 -35.26
CA ARG A 948 10.91 1.07 -34.64
C ARG A 948 11.49 0.70 -33.28
N LEU A 949 11.09 -0.42 -32.71
CA LEU A 949 11.75 -0.95 -31.52
C LEU A 949 12.81 -1.99 -31.84
N HIS A 950 13.04 -2.28 -33.12
CA HIS A 950 13.99 -3.31 -33.54
C HIS A 950 13.48 -4.72 -33.20
N ARG A 951 12.19 -4.94 -33.39
CA ARG A 951 11.53 -6.23 -33.24
C ARG A 951 11.14 -6.79 -34.60
N GLU A 952 11.44 -8.06 -34.83
CA GLU A 952 11.18 -8.66 -36.14
C GLU A 952 9.69 -8.64 -36.43
N VAL A 953 9.29 -7.84 -37.40
CA VAL A 953 7.90 -7.82 -37.85
C VAL A 953 7.71 -8.70 -39.07
N LEU A 954 8.77 -8.87 -39.85
CA LEU A 954 8.70 -9.74 -41.02
C LEU A 954 9.98 -10.55 -41.16
N ARG A 955 9.83 -11.82 -41.55
CA ARG A 955 10.95 -12.71 -41.72
C ARG A 955 10.75 -13.51 -43.00
N THR A 956 11.77 -13.53 -43.84
CA THR A 956 11.76 -14.30 -45.08
C THR A 956 12.49 -15.62 -44.88
N GLN A 957 11.83 -16.71 -45.25
CA GLN A 957 12.34 -18.06 -45.07
C GLN A 957 12.30 -18.81 -46.40
N GLY A 958 12.79 -18.16 -47.43
CA GLY A 958 12.78 -18.73 -48.76
C GLY A 958 11.71 -18.15 -49.65
N GLN A 959 10.85 -19.02 -50.17
CA GLN A 959 9.74 -18.59 -51.01
C GLN A 959 8.54 -18.15 -50.19
N ILE A 960 8.58 -18.32 -48.88
CA ILE A 960 7.49 -17.96 -47.99
C ILE A 960 7.98 -16.91 -47.01
N SER A 961 7.05 -16.12 -46.50
CA SER A 961 7.35 -15.06 -45.55
C SER A 961 6.49 -15.24 -44.32
N THR A 962 7.00 -14.75 -43.20
CA THR A 962 6.32 -14.83 -41.92
C THR A 962 6.22 -13.45 -41.30
N ARG A 963 5.05 -13.15 -40.73
CA ARG A 963 4.79 -11.87 -40.11
C ARG A 963 4.42 -12.04 -38.65
N SER A 964 4.77 -11.03 -37.86
CA SER A 964 4.51 -11.01 -36.43
C SER A 964 3.77 -9.72 -36.10
N GLU A 965 2.91 -9.79 -35.10
CA GLU A 965 2.17 -8.64 -34.62
C GLU A 965 2.25 -8.62 -33.10
N TYR A 966 2.76 -7.53 -32.55
CA TYR A 966 2.98 -7.42 -31.12
C TYR A 966 1.99 -6.44 -30.51
N ASP A 967 1.75 -6.62 -29.21
CA ASP A 967 0.87 -5.75 -28.47
C ASP A 967 1.57 -4.44 -28.14
N ARG A 968 0.77 -3.49 -27.64
CA ARG A 968 1.34 -2.21 -27.21
C ARG A 968 2.30 -2.41 -26.05
N CYS A 969 1.96 -3.30 -25.11
CA CYS A 969 2.84 -3.58 -23.99
C CYS A 969 4.09 -4.34 -24.39
N GLY A 970 4.14 -4.90 -25.61
CA GLY A 970 5.31 -5.58 -26.11
C GLY A 970 5.24 -7.08 -26.18
N ARG A 971 4.08 -7.68 -25.92
CA ARG A 971 3.94 -9.13 -25.94
C ARG A 971 3.50 -9.62 -27.31
N LEU A 972 4.09 -10.72 -27.76
CA LEU A 972 3.68 -11.33 -29.01
C LEU A 972 2.23 -11.76 -28.93
N ARG A 973 1.42 -11.29 -29.86
CA ARG A 973 0.00 -11.59 -29.91
C ARG A 973 -0.37 -12.56 -31.01
N ALA A 974 0.18 -12.39 -32.20
CA ALA A 974 -0.20 -13.22 -33.32
C ALA A 974 0.96 -13.35 -34.28
N ARG A 975 0.90 -14.40 -35.10
CA ARG A 975 1.90 -14.71 -36.10
C ARG A 975 1.22 -15.32 -37.30
N LEU A 976 1.67 -14.92 -38.49
CA LEU A 976 1.04 -15.33 -39.73
C LEU A 976 2.12 -15.73 -40.73
N GLN A 977 1.76 -16.62 -41.65
CA GLN A 977 2.69 -17.15 -42.63
C GLN A 977 1.97 -17.31 -43.97
N HIS A 978 2.16 -16.33 -44.84
CA HIS A 978 1.60 -16.39 -46.19
C HIS A 978 2.65 -15.92 -47.17
N SER A 979 2.83 -16.70 -48.24
CA SER A 979 3.74 -16.33 -49.31
C SER A 979 3.44 -14.94 -49.85
N GLU A 991 -3.06 -16.58 -38.33
CA GLU A 991 -3.18 -18.01 -38.13
C GLU A 991 -3.12 -18.39 -36.66
N ARG A 992 -2.04 -18.00 -36.01
CA ARG A 992 -1.83 -18.29 -34.60
C ARG A 992 -2.10 -17.07 -33.73
N HIS A 993 -2.68 -17.30 -32.56
CA HIS A 993 -2.96 -16.25 -31.60
C HIS A 993 -2.65 -16.72 -30.20
N LEU A 994 -2.12 -15.82 -29.38
CA LEU A 994 -1.78 -16.09 -28.00
C LEU A 994 -2.58 -15.16 -27.10
N GLU A 995 -3.25 -15.73 -26.11
CA GLU A 995 -4.00 -14.96 -25.12
C GLU A 995 -3.32 -15.14 -23.78
N TYR A 996 -2.93 -14.04 -23.16
CA TYR A 996 -2.19 -14.05 -21.92
C TYR A 996 -3.09 -13.68 -20.75
N ASP A 997 -2.49 -13.67 -19.57
CA ASP A 997 -3.14 -13.27 -18.34
C ASP A 997 -2.53 -11.96 -17.84
N ASP A 998 -3.13 -11.42 -16.79
CA ASP A 998 -2.62 -10.18 -16.21
C ASP A 998 -1.19 -10.32 -15.73
N SER A 999 -0.75 -11.53 -15.43
CA SER A 999 0.62 -11.80 -15.02
C SER A 999 1.52 -12.21 -16.18
N ASP A 1000 1.07 -12.00 -17.42
CA ASP A 1000 1.80 -12.26 -18.64
C ASP A 1000 2.00 -13.74 -18.92
N ASN A 1001 1.48 -14.64 -18.08
CA ASN A 1001 1.52 -16.05 -18.36
C ASN A 1001 0.67 -16.40 -19.59
N LEU A 1002 1.13 -17.42 -20.31
CA LEU A 1002 0.40 -17.89 -21.48
C LEU A 1002 -0.68 -18.88 -21.06
N VAL A 1003 -1.94 -18.54 -21.33
CA VAL A 1003 -3.05 -19.37 -20.93
C VAL A 1003 -3.84 -19.90 -22.11
N GLY A 1004 -3.68 -19.36 -23.30
CA GLY A 1004 -4.41 -19.86 -24.45
C GLY A 1004 -3.63 -19.68 -25.73
N LEU A 1005 -3.80 -20.63 -26.63
CA LEU A 1005 -3.03 -20.69 -27.87
C LEU A 1005 -3.93 -21.25 -28.96
N ALA A 1006 -4.44 -20.37 -29.81
CA ALA A 1006 -5.23 -20.79 -30.95
C ALA A 1006 -4.35 -20.93 -32.17
N GLU A 1007 -4.62 -21.97 -32.96
CA GLU A 1007 -3.79 -22.31 -34.10
C GLU A 1007 -4.43 -22.04 -35.45
N ARG A 1008 -5.75 -21.95 -35.52
CA ARG A 1008 -6.44 -21.73 -36.78
C ARG A 1008 -7.52 -20.68 -36.59
N HIS A 1009 -7.67 -19.83 -37.61
CA HIS A 1009 -8.71 -18.81 -37.63
C HIS A 1009 -9.47 -18.90 -38.95
N ALA A 1010 -8.78 -19.24 -40.03
CA ALA A 1010 -9.42 -19.39 -41.32
C ALA A 1010 -10.20 -20.68 -41.44
N THR A 1011 -9.93 -21.66 -40.59
CA THR A 1011 -10.65 -22.92 -40.62
C THR A 1011 -11.08 -23.31 -39.21
N GLY A 1012 -11.57 -24.53 -39.03
CA GLY A 1012 -11.99 -24.97 -37.72
C GLY A 1012 -10.91 -24.74 -36.68
N GLN A 1013 -11.14 -23.79 -35.78
CA GLN A 1013 -10.10 -23.40 -34.83
C GLN A 1013 -9.79 -24.54 -33.87
N HIS A 1014 -8.50 -24.76 -33.64
CA HIS A 1014 -7.99 -25.68 -32.63
C HIS A 1014 -7.34 -24.87 -31.54
N ARG A 1015 -7.77 -25.08 -30.31
CA ARG A 1015 -7.38 -24.24 -29.19
C ARG A 1015 -6.80 -25.10 -28.08
N GLN A 1016 -5.90 -24.50 -27.31
CA GLN A 1016 -5.27 -25.15 -26.18
C GLN A 1016 -5.30 -24.23 -24.97
N LEU A 1017 -5.27 -24.84 -23.79
CA LEU A 1017 -5.41 -24.11 -22.55
C LEU A 1017 -4.39 -24.59 -21.55
N PHE A 1018 -4.07 -23.72 -20.60
CA PHE A 1018 -3.22 -24.06 -19.48
C PHE A 1018 -3.76 -23.35 -18.25
N HIS A 1019 -3.53 -23.95 -17.09
CA HIS A 1019 -3.96 -23.39 -15.82
C HIS A 1019 -2.77 -23.28 -14.90
N TYR A 1020 -2.59 -22.12 -14.29
CA TYR A 1020 -1.47 -21.85 -13.42
C TYR A 1020 -1.99 -21.44 -12.05
N ASP A 1021 -1.18 -21.73 -11.03
CA ASP A 1021 -1.43 -21.22 -9.70
C ASP A 1021 -0.99 -19.75 -9.62
N ALA A 1022 -1.14 -19.17 -8.46
CA ALA A 1022 -0.69 -17.80 -8.24
C ALA A 1022 0.82 -17.67 -8.31
N THR A 1023 1.56 -18.75 -8.08
CA THR A 1023 3.01 -18.74 -8.11
C THR A 1023 3.58 -19.16 -9.46
N GLY A 1024 2.74 -19.41 -10.46
CA GLY A 1024 3.19 -19.78 -11.78
C GLY A 1024 3.26 -21.26 -12.06
N ARG A 1025 3.24 -22.10 -11.03
CA ARG A 1025 3.24 -23.54 -11.25
C ARG A 1025 2.03 -23.94 -12.08
N ILE A 1026 2.27 -24.75 -13.11
CA ILE A 1026 1.21 -25.23 -13.97
C ILE A 1026 0.59 -26.47 -13.36
N ILE A 1027 -0.72 -26.47 -13.23
CA ILE A 1027 -1.44 -27.53 -12.55
C ILE A 1027 -2.32 -28.36 -13.49
N ALA A 1028 -2.66 -27.84 -14.65
CA ALA A 1028 -3.54 -28.54 -15.56
C ALA A 1028 -3.22 -28.17 -16.99
N SER A 1029 -3.69 -29.00 -17.91
CA SER A 1029 -3.47 -28.78 -19.33
C SER A 1029 -4.56 -29.50 -20.11
N GLN A 1030 -5.14 -28.80 -21.07
CA GLN A 1030 -6.21 -29.35 -21.89
C GLN A 1030 -5.98 -28.94 -23.34
N ASP A 1031 -6.51 -29.74 -24.25
CA ASP A 1031 -6.43 -29.46 -25.67
C ASP A 1031 -7.83 -29.35 -26.27
N GLY A 1032 -7.97 -28.44 -27.24
CA GLY A 1032 -9.26 -28.21 -27.87
C GLY A 1032 -9.81 -29.40 -28.61
N LEU A 1033 -8.95 -30.34 -29.01
CA LEU A 1033 -9.39 -31.56 -29.64
C LEU A 1033 -9.94 -32.57 -28.64
N GLN A 1034 -9.84 -32.30 -27.34
CA GLN A 1034 -10.26 -33.20 -26.27
C GLN A 1034 -9.53 -34.52 -26.30
N GLY A 1035 -8.47 -34.63 -27.11
CA GLY A 1035 -7.68 -35.83 -27.20
C GLY A 1035 -6.60 -35.93 -26.16
N GLN A 1036 -6.48 -34.95 -25.27
CA GLN A 1036 -5.46 -34.96 -24.24
C GLN A 1036 -5.99 -34.30 -22.97
N LYS A 1037 -5.46 -34.73 -21.84
CA LYS A 1037 -5.80 -34.17 -20.54
C LYS A 1037 -4.73 -34.57 -19.55
N GLU A 1038 -4.17 -33.57 -18.86
CA GLU A 1038 -3.12 -33.79 -17.88
C GLU A 1038 -3.38 -32.94 -16.65
N THR A 1039 -3.08 -33.50 -15.49
CA THR A 1039 -3.23 -32.81 -14.23
C THR A 1039 -1.99 -33.08 -13.40
N PHE A 1040 -1.50 -32.05 -12.73
CA PHE A 1040 -0.26 -32.13 -11.97
C PHE A 1040 -0.50 -31.64 -10.57
N ALA A 1041 0.08 -32.34 -9.60
CA ALA A 1041 -0.02 -31.99 -8.20
C ALA A 1041 1.38 -31.81 -7.62
N TYR A 1042 1.59 -30.72 -6.92
CA TYR A 1042 2.90 -30.39 -6.36
C TYR A 1042 2.81 -30.23 -4.85
N ASP A 1043 3.83 -30.75 -4.17
CA ASP A 1043 4.02 -30.49 -2.77
C ASP A 1043 4.70 -29.15 -2.58
N ALA A 1044 4.69 -28.67 -1.34
CA ALA A 1044 5.51 -27.52 -1.00
C ALA A 1044 6.97 -27.84 -1.29
N ALA A 1045 7.66 -26.87 -1.88
CA ALA A 1045 9.02 -26.99 -2.40
C ALA A 1045 9.03 -27.58 -3.81
N ALA A 1046 7.86 -27.72 -4.44
CA ALA A 1046 7.74 -28.06 -5.84
C ALA A 1046 8.24 -29.47 -6.17
N ASN A 1047 7.97 -30.43 -5.31
CA ASN A 1047 8.22 -31.83 -5.62
C ASN A 1047 6.96 -32.44 -6.21
N LEU A 1048 7.07 -32.99 -7.42
CA LEU A 1048 5.91 -33.57 -8.09
C LEU A 1048 5.38 -34.74 -7.29
N LEU A 1049 4.06 -34.90 -7.28
CA LEU A 1049 3.39 -35.95 -6.55
C LEU A 1049 2.69 -36.89 -7.51
N ASP A 1050 2.52 -38.14 -7.07
CA ASP A 1050 1.90 -39.17 -7.90
C ASP A 1050 0.39 -39.06 -7.86
N GLY A 1051 -0.14 -37.89 -8.18
CA GLY A 1051 -1.56 -37.71 -8.28
C GLY A 1051 -2.27 -37.76 -6.95
N PRO A 1052 -3.60 -37.91 -6.99
CA PRO A 1052 -4.38 -37.93 -5.75
C PRO A 1052 -4.00 -39.04 -4.79
N LYS A 1053 -3.37 -40.11 -5.27
CA LYS A 1053 -2.91 -41.16 -4.38
C LYS A 1053 -2.00 -40.60 -3.30
N ALA A 1054 -1.26 -39.54 -3.61
CA ALA A 1054 -0.36 -38.89 -2.67
C ALA A 1054 -0.59 -37.39 -2.68
N GLY A 1055 -1.86 -36.98 -2.68
CA GLY A 1055 -2.19 -35.55 -2.74
C GLY A 1055 -1.60 -34.76 -1.61
N ALA A 1056 -1.29 -35.40 -0.49
CA ALA A 1056 -0.66 -34.76 0.65
C ALA A 1056 0.43 -35.67 1.18
N GLY A 1057 1.59 -35.10 1.45
CA GLY A 1057 2.71 -35.87 1.97
C GLY A 1057 4.02 -35.21 1.59
N LEU A 1058 5.01 -35.37 2.47
CA LEU A 1058 6.32 -34.78 2.28
C LEU A 1058 7.22 -35.70 1.46
N VAL A 1059 7.78 -35.16 0.38
CA VAL A 1059 8.79 -35.84 -0.41
C VAL A 1059 10.15 -35.50 0.21
N VAL A 1060 10.67 -36.41 1.03
CA VAL A 1060 11.85 -36.11 1.83
C VAL A 1060 13.03 -35.75 0.95
N HIS A 1061 13.73 -34.68 1.33
CA HIS A 1061 14.97 -34.26 0.68
C HIS A 1061 14.83 -34.12 -0.82
N ASN A 1062 13.61 -33.89 -1.29
CA ASN A 1062 13.34 -33.76 -2.71
C ASN A 1062 13.77 -35.00 -3.47
N LYS A 1063 13.68 -36.16 -2.82
CA LYS A 1063 13.97 -37.45 -3.45
C LYS A 1063 12.66 -37.98 -4.02
N LEU A 1064 12.50 -37.87 -5.32
CA LEU A 1064 11.34 -38.43 -6.01
C LEU A 1064 11.60 -39.91 -6.25
N LEU A 1065 10.83 -40.77 -5.61
CA LEU A 1065 11.02 -42.21 -5.67
C LEU A 1065 10.12 -42.90 -6.68
N THR A 1066 8.88 -42.46 -6.83
CA THR A 1066 7.95 -43.11 -7.73
C THR A 1066 7.03 -42.09 -8.36
N TYR A 1067 6.64 -42.37 -9.59
CA TYR A 1067 5.67 -41.55 -10.30
C TYR A 1067 5.12 -42.38 -11.45
N GLN A 1068 3.85 -42.75 -11.36
CA GLN A 1068 3.24 -43.72 -12.29
C GLN A 1068 4.03 -45.02 -12.22
N ASP A 1069 4.57 -45.52 -13.33
CA ASP A 1069 5.30 -46.78 -13.36
C ASP A 1069 6.80 -46.61 -13.17
N LYS A 1070 7.29 -45.40 -12.98
CA LYS A 1070 8.71 -45.15 -12.82
C LYS A 1070 9.12 -45.33 -11.37
N ARG A 1071 10.34 -45.85 -11.17
CA ARG A 1071 10.93 -45.99 -9.86
C ARG A 1071 12.38 -45.54 -9.95
N TYR A 1072 12.88 -44.92 -8.89
CA TYR A 1072 14.22 -44.36 -8.88
C TYR A 1072 14.95 -44.75 -7.61
N ARG A 1073 16.27 -44.83 -7.72
CA ARG A 1073 17.15 -45.05 -6.59
C ARG A 1073 18.24 -43.99 -6.59
N TYR A 1074 18.64 -43.56 -5.41
CA TYR A 1074 19.59 -42.47 -5.24
C TYR A 1074 20.76 -42.93 -4.38
N ASP A 1075 21.93 -42.40 -4.70
CA ASP A 1075 23.16 -42.70 -3.98
C ASP A 1075 23.28 -41.77 -2.78
N ALA A 1076 24.38 -41.92 -2.04
CA ALA A 1076 24.63 -41.05 -0.89
C ALA A 1076 24.89 -39.60 -1.29
N PHE A 1077 25.29 -39.36 -2.54
CA PHE A 1077 25.60 -38.02 -3.01
C PHE A 1077 24.42 -37.35 -3.70
N GLY A 1078 23.25 -37.99 -3.71
CA GLY A 1078 22.10 -37.42 -4.37
C GLY A 1078 21.99 -37.72 -5.85
N ARG A 1079 22.84 -38.58 -6.37
CA ARG A 1079 22.87 -38.89 -7.79
C ARG A 1079 22.08 -40.16 -8.07
N MET A 1080 21.27 -40.11 -9.12
CA MET A 1080 20.55 -41.30 -9.56
C MET A 1080 21.52 -42.35 -10.04
N ILE A 1081 21.31 -43.59 -9.60
CA ILE A 1081 22.10 -44.74 -10.02
C ILE A 1081 21.27 -45.72 -10.82
N GLU A 1082 20.02 -45.94 -10.43
CA GLU A 1082 19.16 -46.92 -11.07
C GLU A 1082 17.80 -46.32 -11.39
N LYS A 1083 17.31 -46.61 -12.58
CA LYS A 1083 15.99 -46.20 -13.04
C LYS A 1083 15.25 -47.40 -13.60
N ARG A 1084 13.96 -47.49 -13.32
CA ARG A 1084 13.14 -48.62 -13.73
C ARG A 1084 11.86 -48.12 -14.36
N SER A 1085 11.53 -48.68 -15.52
CA SER A 1085 10.34 -48.29 -16.26
C SER A 1085 9.93 -49.47 -17.13
N GLY A 1086 8.91 -49.24 -17.96
CA GLY A 1086 8.44 -50.27 -18.86
C GLY A 1086 8.86 -50.01 -20.29
N ARG A 1087 8.87 -48.74 -20.69
CA ARG A 1087 9.18 -48.41 -22.08
C ARG A 1087 10.59 -48.83 -22.44
N ARG A 1088 11.55 -48.61 -21.54
CA ARG A 1088 12.96 -48.86 -21.84
C ARG A 1088 13.63 -49.72 -20.77
N GLY A 1089 12.85 -50.47 -19.99
CA GLY A 1089 13.41 -51.38 -19.02
C GLY A 1089 14.13 -50.67 -17.89
N VAL A 1090 15.18 -51.32 -17.39
CA VAL A 1090 15.96 -50.85 -16.26
C VAL A 1090 17.28 -50.31 -16.77
N GLN A 1091 17.69 -49.16 -16.24
CA GLN A 1091 18.91 -48.49 -16.64
C GLN A 1091 19.75 -48.17 -15.41
N ARG A 1092 21.06 -48.24 -15.58
CA ARG A 1092 22.00 -47.91 -14.52
C ARG A 1092 23.01 -46.89 -15.01
N PHE A 1093 23.50 -46.07 -14.09
CA PHE A 1093 24.37 -44.96 -14.43
C PHE A 1093 25.61 -44.98 -13.54
N ALA A 1094 26.71 -44.49 -14.09
CA ALA A 1094 27.97 -44.35 -13.37
C ALA A 1094 28.51 -42.94 -13.56
N TYR A 1095 29.18 -42.43 -12.51
CA TYR A 1095 29.61 -41.05 -12.47
C TYR A 1095 31.11 -40.94 -12.24
N ASP A 1096 31.69 -39.88 -12.80
CA ASP A 1096 33.09 -39.54 -12.59
C ASP A 1096 33.27 -38.84 -11.25
N ALA A 1097 34.52 -38.52 -10.92
CA ALA A 1097 34.81 -37.78 -9.71
C ALA A 1097 34.27 -36.38 -9.72
N GLU A 1098 34.06 -35.80 -10.91
CA GLU A 1098 33.49 -34.46 -11.04
C GLU A 1098 31.98 -34.50 -11.17
N HIS A 1099 31.35 -35.60 -10.75
CA HIS A 1099 29.90 -35.74 -10.75
C HIS A 1099 29.32 -35.75 -12.16
N ARG A 1100 30.13 -36.06 -13.17
CA ARG A 1100 29.66 -36.16 -14.53
C ARG A 1100 29.30 -37.59 -14.89
N LEU A 1101 28.35 -37.72 -15.81
CA LEU A 1101 27.88 -39.01 -16.30
C LEU A 1101 28.76 -39.48 -17.45
N ILE A 1102 29.33 -40.68 -17.31
CA ILE A 1102 30.21 -41.26 -18.32
C ILE A 1102 29.56 -42.47 -18.99
N GLU A 1103 29.05 -43.41 -18.20
CA GLU A 1103 28.57 -44.69 -18.70
C GLU A 1103 27.11 -44.90 -18.33
N VAL A 1104 26.32 -45.30 -19.31
CA VAL A 1104 24.93 -45.69 -19.11
C VAL A 1104 24.76 -47.09 -19.66
N ARG A 1105 24.23 -47.98 -18.83
CA ARG A 1105 24.02 -49.38 -19.21
C ARG A 1105 22.53 -49.64 -19.35
N ASN A 1106 22.15 -50.23 -20.48
CA ASN A 1106 20.76 -50.47 -20.81
C ASN A 1106 20.59 -51.92 -21.25
N GLN A 1107 19.39 -52.43 -21.04
CA GLN A 1107 19.06 -53.81 -21.37
C GLN A 1107 18.13 -53.82 -22.59
N THR A 1108 18.51 -54.59 -23.60
CA THR A 1108 17.76 -54.63 -24.85
C THR A 1108 17.72 -56.06 -25.36
N SER A 1109 17.08 -56.25 -26.52
CA SER A 1109 16.99 -57.58 -27.11
C SER A 1109 18.37 -58.12 -27.48
N SER A 1110 19.36 -57.25 -27.64
CA SER A 1110 20.73 -57.66 -27.91
C SER A 1110 21.54 -57.90 -26.65
N GLY A 1111 20.97 -57.65 -25.47
CA GLY A 1111 21.67 -57.84 -24.23
C GLY A 1111 21.94 -56.53 -23.51
N GLU A 1112 23.12 -56.41 -22.92
CA GLU A 1112 23.51 -55.21 -22.18
C GLU A 1112 24.27 -54.29 -23.12
N THR A 1113 23.58 -53.30 -23.67
CA THR A 1113 24.23 -52.28 -24.47
C THR A 1113 24.80 -51.19 -23.57
N LEU A 1114 25.83 -50.51 -24.07
CA LEU A 1114 26.51 -49.47 -23.32
C LEU A 1114 26.70 -48.23 -24.18
N VAL A 1115 26.65 -47.07 -23.53
CA VAL A 1115 26.99 -45.79 -24.14
C VAL A 1115 27.98 -45.09 -23.22
N ARG A 1116 29.05 -44.56 -23.80
CA ARG A 1116 30.08 -43.86 -23.04
C ARG A 1116 30.23 -42.46 -23.61
N MET A 1117 30.40 -41.49 -22.72
CA MET A 1117 30.50 -40.09 -23.09
C MET A 1117 31.92 -39.61 -22.85
N ARG A 1118 32.41 -38.76 -23.74
CA ARG A 1118 33.75 -38.21 -23.66
C ARG A 1118 33.66 -36.70 -23.43
N TYR A 1119 34.31 -36.23 -22.38
CA TYR A 1119 34.25 -34.83 -21.97
C TYR A 1119 35.56 -34.13 -22.24
N ASP A 1120 35.47 -32.85 -22.60
CA ASP A 1120 36.64 -32.03 -22.79
C ASP A 1120 37.10 -31.49 -21.44
N VAL A 1121 38.12 -30.63 -21.45
CA VAL A 1121 38.68 -30.14 -20.20
C VAL A 1121 37.70 -29.24 -19.47
N LEU A 1122 36.94 -28.44 -20.21
CA LEU A 1122 36.03 -27.48 -19.63
C LEU A 1122 34.69 -28.08 -19.23
N GLY A 1123 34.50 -29.37 -19.47
CA GLY A 1123 33.25 -30.03 -19.15
C GLY A 1123 32.29 -30.16 -20.31
N ARG A 1124 32.68 -29.74 -21.50
CA ARG A 1124 31.80 -29.86 -22.65
C ARG A 1124 31.84 -31.27 -23.23
N ARG A 1125 30.80 -31.61 -23.98
CA ARG A 1125 30.61 -32.94 -24.54
C ARG A 1125 31.02 -32.92 -26.01
N ILE A 1126 31.95 -33.79 -26.37
CA ILE A 1126 32.56 -33.80 -27.70
C ILE A 1126 32.19 -35.05 -28.48
N SER A 1127 32.14 -36.20 -27.83
CA SER A 1127 31.86 -37.45 -28.53
C SER A 1127 30.99 -38.34 -27.66
N LYS A 1128 30.15 -39.12 -28.33
CA LYS A 1128 29.33 -40.15 -27.70
C LYS A 1128 29.45 -41.42 -28.52
N SER A 1129 29.63 -42.54 -27.84
CA SER A 1129 29.86 -43.82 -28.49
C SER A 1129 28.97 -44.87 -27.87
N GLU A 1130 28.29 -45.65 -28.72
CA GLU A 1130 27.41 -46.71 -28.29
C GLU A 1130 28.01 -48.05 -28.68
N TYR A 1131 28.16 -48.93 -27.72
CA TYR A 1131 28.71 -50.26 -27.93
C TYR A 1131 27.65 -51.28 -27.58
N ASP A 1132 27.59 -52.35 -28.35
CA ASP A 1132 26.71 -53.47 -28.02
C ASP A 1132 27.46 -54.39 -27.06
N SER A 1133 26.91 -55.56 -26.77
CA SER A 1133 27.60 -56.49 -25.91
C SER A 1133 28.94 -56.85 -26.53
N GLN A 1134 29.75 -57.59 -25.76
CA GLN A 1134 31.08 -58.00 -26.20
C GLN A 1134 31.85 -56.85 -26.84
N GLY A 1135 31.60 -55.64 -26.37
CA GLY A 1135 32.35 -54.48 -26.83
C GLY A 1135 32.40 -54.29 -28.33
N ASN A 1136 31.28 -54.53 -29.01
CA ASN A 1136 31.21 -54.31 -30.45
C ASN A 1136 30.60 -52.94 -30.73
N LEU A 1137 31.39 -52.07 -31.33
CA LEU A 1137 30.95 -50.71 -31.61
C LEU A 1137 29.71 -50.73 -32.49
N LEU A 1138 28.73 -49.88 -32.15
CA LEU A 1138 27.55 -49.69 -32.96
C LEU A 1138 27.52 -48.34 -33.67
N GLY A 1139 27.82 -47.26 -32.96
CA GLY A 1139 27.75 -45.94 -33.56
C GLY A 1139 28.56 -44.94 -32.77
N GLU A 1140 28.83 -43.81 -33.42
CA GLU A 1140 29.56 -42.71 -32.80
C GLU A 1140 29.11 -41.39 -33.41
N THR A 1141 29.01 -40.38 -32.56
CA THR A 1141 28.65 -39.04 -33.00
C THR A 1141 29.58 -38.05 -32.29
N ARG A 1142 29.95 -37.00 -33.01
CA ARG A 1142 30.90 -36.02 -32.51
C ARG A 1142 30.33 -34.62 -32.69
N PHE A 1143 30.74 -33.71 -31.81
CA PHE A 1143 30.18 -32.38 -31.73
C PHE A 1143 31.25 -31.32 -31.83
N VAL A 1144 30.85 -30.16 -32.32
CA VAL A 1144 31.70 -28.98 -32.44
C VAL A 1144 30.95 -27.80 -31.85
N TRP A 1145 31.49 -27.23 -30.78
CA TRP A 1145 30.84 -26.16 -30.06
C TRP A 1145 31.29 -24.79 -30.57
N ASP A 1146 30.65 -23.74 -30.03
CA ASP A 1146 31.00 -22.36 -30.29
C ASP A 1146 30.58 -21.56 -29.06
N GLY A 1147 31.46 -21.53 -28.08
CA GLY A 1147 31.16 -20.81 -26.86
C GLY A 1147 29.86 -21.24 -26.20
N LEU A 1148 29.84 -22.45 -25.67
CA LEU A 1148 28.68 -22.96 -24.93
C LEU A 1148 27.41 -22.93 -25.77
N ARG A 1149 27.54 -23.21 -27.06
CA ARG A 1149 26.38 -23.24 -27.94
C ARG A 1149 26.71 -24.17 -29.09
N LEU A 1150 25.95 -25.26 -29.21
CA LEU A 1150 26.22 -26.24 -30.25
C LEU A 1150 26.15 -25.61 -31.63
N LEU A 1151 27.11 -25.97 -32.48
CA LEU A 1151 27.18 -25.44 -33.83
C LEU A 1151 27.08 -26.52 -34.89
N GLN A 1152 27.86 -27.58 -34.76
CA GLN A 1152 27.92 -28.63 -35.76
C GLN A 1152 27.92 -29.99 -35.09
N GLU A 1153 27.36 -30.97 -35.79
CA GLU A 1153 27.39 -32.35 -35.35
C GLU A 1153 27.69 -33.22 -36.55
N GLN A 1154 28.35 -34.34 -36.30
CA GLN A 1154 28.82 -35.21 -37.36
C GLN A 1154 28.60 -36.67 -36.98
N ARG A 1155 27.91 -37.39 -37.85
CA ARG A 1155 27.74 -38.83 -37.75
C ARG A 1155 28.25 -39.47 -39.03
N ASN A 1156 28.04 -40.77 -39.16
CA ASN A 1156 28.55 -41.50 -40.30
C ASN A 1156 28.10 -40.85 -41.61
N GLN A 1157 29.04 -40.24 -42.32
CA GLN A 1157 28.78 -39.59 -43.60
C GLN A 1157 27.60 -38.63 -43.50
N GLN A 1158 27.55 -37.88 -42.40
CA GLN A 1158 26.48 -36.91 -42.18
C GLN A 1158 27.01 -35.75 -41.37
N THR A 1159 26.68 -34.53 -41.81
CA THR A 1159 27.07 -33.30 -41.13
C THR A 1159 25.86 -32.39 -41.03
N SER A 1160 25.65 -31.80 -39.86
CA SER A 1160 24.52 -30.92 -39.61
C SER A 1160 25.01 -29.64 -38.97
N LEU A 1161 24.61 -28.51 -39.53
CA LEU A 1161 24.97 -27.19 -39.05
C LEU A 1161 23.73 -26.45 -38.59
N TYR A 1162 23.79 -25.87 -37.40
CA TYR A 1162 22.68 -25.13 -36.81
C TYR A 1162 22.97 -23.65 -36.89
N VAL A 1163 21.99 -22.88 -37.33
CA VAL A 1163 22.06 -21.43 -37.40
C VAL A 1163 20.97 -20.87 -36.50
N TYR A 1164 21.37 -20.04 -35.55
CA TYR A 1164 20.44 -19.47 -34.60
C TYR A 1164 20.02 -18.07 -35.04
N GLU A 1165 19.02 -17.55 -34.36
CA GLU A 1165 18.55 -16.19 -34.56
C GLU A 1165 19.09 -15.32 -33.42
N ASP A 1166 19.89 -14.32 -33.77
CA ASP A 1166 20.52 -13.44 -32.79
C ASP A 1166 21.50 -14.26 -31.95
N LEU A 1167 21.73 -13.83 -30.70
CA LEU A 1167 22.71 -14.43 -29.82
C LEU A 1167 22.14 -15.48 -28.88
N GLY A 1168 20.87 -15.79 -28.99
CA GLY A 1168 20.25 -16.78 -28.13
C GLY A 1168 20.54 -18.19 -28.58
N HIS A 1169 19.96 -19.13 -27.83
CA HIS A 1169 20.05 -20.54 -28.17
C HIS A 1169 18.92 -21.00 -29.09
N ALA A 1170 18.01 -20.11 -29.43
CA ALA A 1170 16.86 -20.49 -30.26
C ALA A 1170 17.30 -20.84 -31.67
N PRO A 1171 16.83 -21.94 -32.23
CA PRO A 1171 17.20 -22.32 -33.59
C PRO A 1171 16.39 -21.62 -34.66
N LEU A 1172 17.03 -21.38 -35.80
CA LEU A 1172 16.39 -20.81 -36.97
C LEU A 1172 16.47 -21.71 -38.18
N ALA A 1173 17.68 -22.15 -38.55
CA ALA A 1173 17.89 -22.93 -39.75
C ALA A 1173 18.80 -24.10 -39.46
N ARG A 1174 18.68 -25.11 -40.31
CA ARG A 1174 19.55 -26.27 -40.26
C ARG A 1174 20.05 -26.53 -41.68
N VAL A 1175 21.35 -26.78 -41.82
CA VAL A 1175 21.98 -27.01 -43.10
C VAL A 1175 22.58 -28.41 -43.11
N ASP A 1176 22.29 -29.16 -44.17
CA ASP A 1176 22.71 -30.55 -44.29
C ASP A 1176 23.55 -30.73 -45.54
N GLY A 1177 24.70 -31.38 -45.39
CA GLY A 1177 25.57 -31.67 -46.51
C GLY A 1177 26.51 -30.54 -46.85
N LEU A 1178 27.38 -30.82 -47.82
CA LEU A 1178 28.39 -29.89 -48.28
C LEU A 1178 28.41 -29.87 -49.80
N GLY A 1179 28.87 -28.75 -50.34
CA GLY A 1179 28.92 -28.61 -51.80
C GLY A 1179 27.53 -28.58 -52.40
N ALA A 1180 27.38 -29.24 -53.54
CA ALA A 1180 26.09 -29.28 -54.21
C ALA A 1180 25.04 -30.02 -53.39
N GLN A 1181 25.47 -30.82 -52.42
CA GLN A 1181 24.54 -31.56 -51.58
C GLN A 1181 23.94 -30.69 -50.48
N GLN A 1182 24.38 -29.45 -50.32
CA GLN A 1182 23.83 -28.61 -49.27
C GLN A 1182 22.33 -28.44 -49.48
N LYS A 1183 21.57 -28.66 -48.43
CA LYS A 1183 20.14 -28.44 -48.41
C LYS A 1183 19.79 -27.62 -47.19
N ILE A 1184 18.93 -26.64 -47.37
CA ILE A 1184 18.61 -25.66 -46.33
C ILE A 1184 17.19 -25.93 -45.86
N ARG A 1185 17.00 -25.96 -44.55
CA ARG A 1185 15.70 -26.19 -43.95
C ARG A 1185 15.51 -25.25 -42.78
N TYR A 1186 14.25 -24.94 -42.49
CA TYR A 1186 13.88 -23.93 -41.51
C TYR A 1186 12.99 -24.50 -40.43
N TYR A 1187 13.26 -24.09 -39.20
CA TYR A 1187 12.45 -24.45 -38.05
C TYR A 1187 11.29 -23.47 -37.91
N HIS A 1188 10.19 -23.98 -37.37
CA HIS A 1188 9.05 -23.18 -36.94
C HIS A 1188 8.87 -23.40 -35.45
N ASN A 1189 9.46 -22.52 -34.65
CA ASN A 1189 9.53 -22.71 -33.21
C ASN A 1189 8.35 -22.06 -32.51
N ASP A 1190 8.07 -22.55 -31.31
CA ASP A 1190 7.08 -21.96 -30.42
C ASP A 1190 7.70 -20.80 -29.65
N LEU A 1191 6.93 -20.23 -28.72
CA LEU A 1191 7.41 -19.10 -27.95
C LEU A 1191 8.62 -19.47 -27.09
N ASN A 1192 8.68 -20.71 -26.63
CA ASN A 1192 9.77 -21.18 -25.80
C ASN A 1192 10.96 -21.69 -26.60
N GLY A 1193 10.89 -21.64 -27.92
CA GLY A 1193 11.95 -22.14 -28.79
C GLY A 1193 11.83 -23.61 -29.14
N LEU A 1194 10.90 -24.31 -28.53
CA LEU A 1194 10.70 -25.73 -28.83
C LEU A 1194 10.12 -25.88 -30.24
N PRO A 1195 10.80 -26.59 -31.14
CA PRO A 1195 10.31 -26.70 -32.51
C PRO A 1195 9.06 -27.55 -32.61
N GLN A 1196 8.32 -27.31 -33.66
CA GLN A 1196 7.07 -28.01 -33.94
C GLN A 1196 7.05 -28.65 -35.31
N GLN A 1197 7.62 -27.98 -36.31
CA GLN A 1197 7.75 -28.56 -37.63
C GLN A 1197 9.03 -28.05 -38.26
N LEU A 1198 9.56 -28.83 -39.18
CA LEU A 1198 10.79 -28.51 -39.89
C LEU A 1198 10.46 -28.49 -41.37
N CYS A 1199 10.49 -27.30 -41.95
CA CYS A 1199 9.98 -27.09 -43.29
C CYS A 1199 11.13 -26.82 -44.25
N GLU A 1200 11.07 -27.45 -45.40
CA GLU A 1200 11.88 -27.09 -46.53
C GLU A 1200 11.29 -25.83 -47.13
N PRO A 1201 11.91 -25.26 -48.15
CA PRO A 1201 11.23 -24.20 -48.90
C PRO A 1201 9.95 -24.76 -49.51
N ASP A 1202 8.94 -23.89 -49.63
CA ASP A 1202 7.60 -24.22 -50.09
C ASP A 1202 6.74 -24.80 -48.98
N GLY A 1203 7.21 -24.80 -47.74
CA GLY A 1203 6.40 -25.18 -46.58
C GLY A 1203 6.17 -26.65 -46.38
N HIS A 1204 6.86 -27.52 -47.12
CA HIS A 1204 6.68 -28.95 -46.95
C HIS A 1204 7.13 -29.39 -45.57
N SER A 1205 6.20 -29.87 -44.75
CA SER A 1205 6.52 -30.32 -43.40
C SER A 1205 7.24 -31.65 -43.44
N VAL A 1206 8.57 -31.59 -43.43
CA VAL A 1206 9.37 -32.81 -43.42
C VAL A 1206 9.23 -33.57 -42.11
N TRP A 1207 9.28 -32.86 -40.98
CA TRP A 1207 9.18 -33.48 -39.67
C TRP A 1207 8.19 -32.66 -38.86
N GLN A 1208 7.22 -33.33 -38.25
CA GLN A 1208 6.22 -32.69 -37.40
C GLN A 1208 6.18 -33.39 -36.05
N ALA A 1209 5.88 -32.63 -35.01
CA ALA A 1209 5.80 -33.17 -33.67
C ALA A 1209 4.68 -32.54 -32.88
N ARG A 1210 4.21 -33.28 -31.89
CA ARG A 1210 3.33 -32.79 -30.85
C ARG A 1210 3.88 -33.25 -29.50
N TYR A 1211 3.71 -32.41 -28.49
CA TYR A 1211 4.36 -32.58 -27.22
C TYR A 1211 3.38 -32.46 -26.07
N GLN A 1212 3.80 -32.98 -24.94
CA GLN A 1212 3.17 -32.68 -23.67
C GLN A 1212 3.75 -31.37 -23.14
N VAL A 1213 3.24 -30.90 -22.00
CA VAL A 1213 3.75 -29.66 -21.45
C VAL A 1213 5.17 -29.84 -20.95
N TRP A 1214 5.43 -30.95 -20.26
CA TRP A 1214 6.68 -31.16 -19.55
C TRP A 1214 7.64 -31.99 -20.37
N GLY A 1215 8.89 -31.58 -20.37
CA GLY A 1215 9.96 -32.36 -20.95
C GLY A 1215 9.80 -32.61 -22.42
N ASN A 1216 8.89 -31.88 -23.06
CA ASN A 1216 8.65 -32.01 -24.49
C ASN A 1216 8.61 -33.48 -24.88
N THR A 1217 8.10 -34.32 -23.98
CA THR A 1217 7.97 -35.73 -24.29
C THR A 1217 7.06 -35.88 -25.49
N VAL A 1218 7.49 -36.69 -26.45
CA VAL A 1218 6.82 -36.77 -27.74
C VAL A 1218 5.57 -37.61 -27.63
N GLU A 1219 4.46 -37.02 -28.05
CA GLU A 1219 3.20 -37.74 -28.24
C GLU A 1219 3.11 -38.33 -29.63
N GLU A 1220 3.60 -37.62 -30.64
CA GLU A 1220 3.62 -38.14 -32.00
C GLU A 1220 4.74 -37.47 -32.79
N ILE A 1221 5.34 -38.25 -33.69
CA ILE A 1221 6.39 -37.79 -34.59
C ILE A 1221 6.11 -38.41 -35.95
N ARG A 1222 6.46 -37.70 -37.01
CA ARG A 1222 6.26 -38.24 -38.35
C ARG A 1222 7.30 -37.71 -39.32
N GLU A 1223 7.89 -38.61 -40.10
CA GLU A 1223 8.88 -38.29 -41.11
C GLU A 1223 8.66 -39.18 -42.32
N PRO A 1224 8.98 -38.70 -43.53
CA PRO A 1224 8.95 -39.58 -44.70
C PRO A 1224 10.34 -40.09 -45.09
N TYR A 1225 10.88 -39.59 -46.21
CA TYR A 1225 12.20 -40.02 -46.66
C TYR A 1225 13.33 -39.39 -45.87
N TYR A 1226 13.10 -38.23 -45.27
CA TYR A 1226 14.13 -37.57 -44.48
C TYR A 1226 14.66 -38.51 -43.41
N ILE A 1227 15.98 -38.62 -43.33
CA ILE A 1227 16.63 -39.61 -42.47
C ILE A 1227 17.22 -38.95 -41.24
N GLU A 1228 17.81 -37.77 -41.37
CA GLU A 1228 18.42 -37.12 -40.23
C GLU A 1228 17.38 -36.90 -39.14
N GLU A 1229 17.77 -37.16 -37.90
CA GLU A 1229 16.88 -37.03 -36.77
C GLU A 1229 16.96 -35.62 -36.20
N GLN A 1230 15.84 -35.17 -35.63
CA GLN A 1230 15.76 -33.89 -34.95
C GLN A 1230 15.76 -34.13 -33.45
N ASN A 1231 16.73 -33.51 -32.75
CA ASN A 1231 16.94 -33.79 -31.33
C ASN A 1231 17.00 -32.54 -30.46
N LEU A 1232 16.75 -31.36 -31.00
CA LEU A 1232 17.03 -30.13 -30.26
C LEU A 1232 16.15 -30.00 -29.03
N ARG A 1233 14.84 -30.10 -29.20
CA ARG A 1233 13.91 -29.93 -28.08
C ARG A 1233 14.11 -28.53 -27.49
N PHE A 1234 14.01 -28.37 -26.18
CA PHE A 1234 14.08 -27.08 -25.53
C PHE A 1234 15.40 -26.37 -25.85
N GLN A 1235 15.49 -25.13 -25.39
CA GLN A 1235 16.73 -24.38 -25.56
C GLN A 1235 17.86 -25.05 -24.80
N GLY A 1236 18.95 -25.31 -25.51
CA GLY A 1236 20.13 -25.89 -24.92
C GLY A 1236 20.15 -27.40 -24.85
N GLN A 1237 19.09 -28.07 -25.27
CA GLN A 1237 18.97 -29.50 -25.09
C GLN A 1237 19.19 -30.25 -26.39
N TYR A 1238 19.49 -31.53 -26.25
CA TYR A 1238 19.76 -32.41 -27.38
C TYR A 1238 19.33 -33.82 -26.98
N LEU A 1239 18.32 -34.33 -27.66
CA LEU A 1239 17.78 -35.64 -27.32
C LEU A 1239 18.81 -36.73 -27.54
N ASP A 1240 18.88 -37.66 -26.60
CA ASP A 1240 19.75 -38.82 -26.68
C ASP A 1240 18.84 -40.05 -26.72
N ARG A 1241 18.49 -40.47 -27.94
CA ARG A 1241 17.52 -41.55 -28.10
C ARG A 1241 17.98 -42.84 -27.45
N GLU A 1242 19.29 -43.05 -27.37
CA GLU A 1242 19.84 -44.26 -26.79
C GLU A 1242 19.57 -44.37 -25.30
N THR A 1243 19.18 -43.27 -24.66
CA THR A 1243 18.82 -43.27 -23.25
C THR A 1243 17.55 -42.52 -22.93
N GLY A 1244 17.08 -41.62 -23.81
CA GLY A 1244 15.84 -40.93 -23.55
C GLY A 1244 15.96 -39.77 -22.60
N LEU A 1245 17.17 -39.34 -22.25
CA LEU A 1245 17.38 -38.23 -21.35
C LEU A 1245 18.15 -37.14 -22.06
N HIS A 1246 17.64 -35.91 -21.97
CA HIS A 1246 18.27 -34.78 -22.63
C HIS A 1246 19.58 -34.43 -21.95
N PHE A 1247 20.40 -33.64 -22.63
CA PHE A 1247 21.73 -33.33 -22.12
C PHE A 1247 21.88 -31.92 -21.57
N ASN A 1248 21.20 -30.94 -22.14
CA ASN A 1248 21.41 -29.53 -21.78
C ASN A 1248 22.88 -29.24 -22.06
N THR A 1249 23.64 -28.74 -21.10
CA THR A 1249 25.05 -28.45 -21.26
C THR A 1249 25.90 -29.00 -20.13
N PHE A 1250 25.39 -29.00 -18.90
CA PHE A 1250 26.11 -29.52 -17.76
C PHE A 1250 25.36 -30.57 -16.96
N ARG A 1251 24.08 -30.78 -17.21
CA ARG A 1251 23.30 -31.77 -16.48
C ARG A 1251 22.27 -32.38 -17.41
N PHE A 1252 21.93 -33.63 -17.13
CA PHE A 1252 20.93 -34.35 -17.90
C PHE A 1252 19.54 -34.15 -17.31
N TYR A 1253 18.54 -34.19 -18.20
CA TYR A 1253 17.17 -33.82 -17.88
C TYR A 1253 16.23 -34.97 -18.20
N ASP A 1254 15.37 -35.31 -17.24
CA ASP A 1254 14.42 -36.41 -17.40
C ASP A 1254 13.05 -35.83 -17.74
N PRO A 1255 12.56 -36.00 -18.97
CA PRO A 1255 11.31 -35.35 -19.35
C PRO A 1255 10.08 -35.97 -18.73
N ASP A 1256 10.17 -37.19 -18.21
CA ASP A 1256 9.01 -37.82 -17.60
C ASP A 1256 8.53 -37.02 -16.40
N ILE A 1257 9.46 -36.57 -15.56
CA ILE A 1257 9.15 -35.92 -14.30
C ILE A 1257 9.51 -34.44 -14.29
N GLY A 1258 10.14 -33.93 -15.34
CA GLY A 1258 10.52 -32.53 -15.36
C GLY A 1258 11.54 -32.16 -14.33
N ARG A 1259 12.56 -32.99 -14.14
CA ARG A 1259 13.58 -32.74 -13.13
C ARG A 1259 14.93 -33.22 -13.66
N PHE A 1260 15.99 -32.68 -13.08
CA PHE A 1260 17.33 -33.11 -13.39
C PHE A 1260 17.69 -34.34 -12.58
N THR A 1261 18.69 -35.07 -13.06
CA THR A 1261 19.11 -36.32 -12.46
C THR A 1261 20.20 -36.15 -11.42
N THR A 1262 20.67 -34.93 -11.17
CA THR A 1262 21.71 -34.68 -10.19
C THR A 1262 21.58 -33.25 -9.68
N PRO A 1263 22.02 -32.98 -8.45
CA PRO A 1263 21.88 -31.64 -7.89
C PRO A 1263 22.74 -30.62 -8.61
N ASP A 1264 22.31 -29.37 -8.48
CA ASP A 1264 23.00 -28.27 -9.14
C ASP A 1264 24.42 -28.16 -8.61
N PRO A 1265 25.43 -28.13 -9.49
CA PRO A 1265 26.82 -28.01 -9.01
C PRO A 1265 27.08 -26.76 -8.19
N ILE A 1266 26.43 -25.64 -8.52
CA ILE A 1266 26.72 -24.38 -7.82
C ILE A 1266 25.99 -24.27 -6.48
N GLY A 1267 24.93 -25.04 -6.28
CA GLY A 1267 24.21 -25.02 -5.02
C GLY A 1267 23.10 -23.98 -4.92
N LEU A 1268 23.02 -23.32 -3.77
CA LEU A 1268 21.89 -22.44 -3.47
C LEU A 1268 21.77 -21.29 -4.46
N ALA A 1269 22.82 -20.97 -5.21
CA ALA A 1269 22.74 -19.90 -6.19
C ALA A 1269 21.65 -20.14 -7.22
N GLY A 1270 21.33 -21.40 -7.51
CA GLY A 1270 20.30 -21.72 -8.47
C GLY A 1270 18.90 -21.84 -7.92
N GLY A 1271 18.72 -21.68 -6.62
CA GLY A 1271 17.42 -21.85 -5.98
C GLY A 1271 17.46 -22.86 -4.86
N LEU A 1272 16.35 -22.91 -4.12
CA LEU A 1272 16.24 -23.82 -3.00
C LEU A 1272 16.18 -25.27 -3.43
N ASN A 1273 15.46 -25.57 -4.52
CA ASN A 1273 15.37 -26.93 -5.04
C ASN A 1273 16.53 -27.17 -5.97
N LEU A 1274 17.33 -28.18 -5.67
CA LEU A 1274 18.54 -28.49 -6.42
C LEU A 1274 18.28 -29.38 -7.63
N TYR A 1275 17.09 -29.93 -7.76
CA TYR A 1275 16.73 -30.81 -8.87
C TYR A 1275 15.74 -30.18 -9.82
N GLN A 1276 15.35 -28.94 -9.60
CA GLN A 1276 14.27 -28.31 -10.34
C GLN A 1276 14.75 -27.66 -11.62
N TYR A 1277 13.95 -27.78 -12.67
CA TYR A 1277 14.22 -27.14 -13.95
C TYR A 1277 13.66 -25.73 -14.00
N ALA A 1278 12.38 -25.57 -13.72
CA ALA A 1278 11.72 -24.27 -13.73
C ALA A 1278 10.30 -24.43 -13.23
N PRO A 1279 9.67 -23.35 -12.78
CA PRO A 1279 8.26 -23.45 -12.37
C PRO A 1279 7.35 -23.94 -13.48
N ASN A 1280 7.59 -23.52 -14.71
CA ASN A 1280 6.79 -23.93 -15.82
C ASN A 1280 7.64 -23.85 -17.08
N PRO A 1281 7.62 -24.87 -17.94
CA PRO A 1281 8.45 -24.88 -19.14
C PRO A 1281 7.88 -24.11 -20.32
N ILE A 1282 6.85 -23.29 -20.12
CA ILE A 1282 6.26 -22.53 -21.21
C ILE A 1282 6.74 -21.09 -21.24
N GLY A 1283 7.18 -20.55 -20.11
CA GLY A 1283 7.63 -19.18 -20.04
C GLY A 1283 8.95 -19.02 -19.34
N TRP A 1284 9.65 -20.11 -19.12
CA TRP A 1284 10.95 -20.11 -18.47
C TRP A 1284 11.92 -20.99 -19.25
N ILE A 1285 13.20 -20.74 -19.05
CA ILE A 1285 14.25 -21.48 -19.74
C ILE A 1285 15.47 -21.62 -18.82
N ASP A 1286 16.26 -22.65 -19.08
CA ASP A 1286 17.48 -22.92 -18.30
C ASP A 1286 18.47 -23.64 -19.21
N PRO A 1287 18.94 -22.98 -20.26
CA PRO A 1287 19.77 -23.67 -21.26
C PRO A 1287 21.04 -24.27 -20.72
N LEU A 1288 21.69 -23.63 -19.75
CA LEU A 1288 22.94 -24.15 -19.22
C LEU A 1288 22.73 -25.30 -18.24
N GLY A 1289 21.67 -25.25 -17.45
CA GLY A 1289 21.46 -26.27 -16.44
C GLY A 1289 22.53 -26.24 -15.37
N TRP A 1290 22.91 -25.05 -14.93
CA TRP A 1290 24.04 -24.87 -14.03
C TRP A 1290 23.72 -23.82 -12.97
N ASN A 1348 30.94 -17.87 -21.70
CA ASN A 1348 31.99 -17.84 -20.69
C ASN A 1348 32.58 -19.23 -20.47
N TYR A 1349 33.53 -19.33 -19.54
CA TYR A 1349 34.25 -20.57 -19.27
C TYR A 1349 34.27 -20.84 -17.78
N HIS A 1350 34.07 -22.11 -17.41
CA HIS A 1350 33.98 -22.53 -16.02
C HIS A 1350 35.22 -23.33 -15.67
N VAL A 1351 36.06 -22.76 -14.82
CA VAL A 1351 37.26 -23.46 -14.37
C VAL A 1351 36.88 -24.56 -13.38
N PHE A 1352 35.94 -24.28 -12.49
CA PHE A 1352 35.39 -25.29 -11.60
C PHE A 1352 34.33 -26.12 -12.31
N GLU A 1353 33.96 -27.24 -11.67
CA GLU A 1353 32.93 -28.14 -12.19
C GLU A 1353 33.33 -28.66 -13.56
N LYS A 1360 18.67 -19.64 -14.32
CA LYS A 1360 17.31 -19.53 -14.82
C LYS A 1360 17.02 -18.14 -15.34
N LEU A 1361 16.06 -18.06 -16.26
CA LEU A 1361 15.71 -16.80 -16.90
C LEU A 1361 14.26 -16.88 -17.33
N THR A 1362 13.67 -15.72 -17.59
CA THR A 1362 12.26 -15.63 -17.92
C THR A 1362 12.04 -15.06 -19.31
N LYS A 1363 10.97 -15.54 -19.94
CA LYS A 1363 10.58 -15.06 -21.26
C LYS A 1363 9.13 -14.58 -21.25
N GLN A 1397 32.20 -20.34 -3.44
CA GLN A 1397 31.70 -19.66 -4.63
C GLN A 1397 32.45 -20.18 -5.87
N PHE A 1398 31.71 -20.39 -6.95
CA PHE A 1398 32.32 -20.90 -8.18
C PHE A 1398 33.20 -19.84 -8.84
N GLU A 1399 34.16 -20.32 -9.65
CA GLU A 1399 35.13 -19.47 -10.31
C GLU A 1399 34.98 -19.60 -11.82
N VAL A 1400 34.98 -18.46 -12.51
CA VAL A 1400 34.86 -18.40 -13.96
C VAL A 1400 35.89 -17.41 -14.49
N ALA A 1401 36.02 -17.38 -15.81
CA ALA A 1401 36.93 -16.46 -16.47
C ALA A 1401 36.29 -15.08 -16.60
N LYS B 208 -52.53 -28.76 7.03
CA LYS B 208 -53.05 -27.48 6.57
C LYS B 208 -52.57 -26.34 7.46
N GLY B 209 -51.79 -26.67 8.47
CA GLY B 209 -51.24 -25.67 9.36
C GLY B 209 -50.73 -26.30 10.63
N LYS B 210 -50.13 -25.45 11.46
CA LYS B 210 -49.59 -25.85 12.75
C LYS B 210 -48.55 -26.96 12.58
N PHE B 211 -47.49 -26.63 11.84
CA PHE B 211 -46.39 -27.56 11.60
C PHE B 211 -45.40 -27.43 12.75
N LEU B 212 -45.49 -28.36 13.71
CA LEU B 212 -44.65 -28.29 14.89
C LEU B 212 -43.19 -28.55 14.55
N SER B 213 -42.31 -28.12 15.46
CA SER B 213 -40.88 -28.37 15.35
C SER B 213 -40.30 -28.30 16.76
N ASN B 214 -38.98 -28.29 16.85
CA ASN B 214 -38.28 -28.17 18.13
C ASN B 214 -37.04 -27.32 17.93
N LEU B 215 -36.95 -26.20 18.65
CA LEU B 215 -35.81 -25.32 18.55
C LEU B 215 -34.51 -26.05 18.89
N SER B 229 -39.29 -0.90 17.73
CA SER B 229 -39.83 -0.42 18.98
C SER B 229 -39.01 -0.92 20.16
N GLN B 230 -39.41 -0.53 21.37
CA GLN B 230 -38.71 -1.01 22.57
C GLN B 230 -38.91 -2.50 22.75
N ALA B 231 -40.08 -3.02 22.41
CA ALA B 231 -40.35 -4.44 22.59
C ALA B 231 -39.45 -5.29 21.70
N THR B 232 -39.27 -4.87 20.44
CA THR B 232 -38.44 -5.64 19.52
C THR B 232 -36.98 -5.69 19.95
N ASN B 233 -36.55 -4.79 20.83
CA ASN B 233 -35.21 -4.81 21.38
C ASN B 233 -35.10 -5.63 22.66
N ALA B 234 -36.09 -5.49 23.54
CA ALA B 234 -36.13 -6.32 24.75
C ALA B 234 -36.23 -7.80 24.39
N LEU B 235 -37.03 -8.12 23.37
CA LEU B 235 -37.15 -9.50 22.92
C LEU B 235 -35.83 -10.04 22.39
N THR B 236 -35.09 -9.23 21.65
CA THR B 236 -33.83 -9.67 21.05
C THR B 236 -32.69 -9.75 22.05
N GLN B 237 -32.81 -9.09 23.21
CA GLN B 237 -31.78 -9.18 24.23
C GLN B 237 -31.90 -10.44 25.08
N ALA B 238 -33.04 -11.11 25.05
CA ALA B 238 -33.27 -12.27 25.90
C ALA B 238 -33.34 -13.59 25.15
N VAL B 239 -33.68 -13.57 23.87
CA VAL B 239 -33.73 -14.81 23.10
C VAL B 239 -32.36 -15.47 23.09
N VAL B 240 -31.31 -14.69 22.89
CA VAL B 240 -29.96 -15.20 22.81
C VAL B 240 -29.08 -14.45 23.81
N ALA B 241 -28.05 -15.13 24.29
CA ALA B 241 -27.17 -14.63 25.33
C ALA B 241 -25.72 -14.68 24.84
N SER B 242 -24.83 -14.12 25.67
CA SER B 242 -23.41 -14.06 25.35
C SER B 242 -23.16 -13.52 23.94
N PRO B 245 -24.82 -15.83 20.75
CA PRO B 245 -24.46 -17.14 20.20
C PRO B 245 -24.88 -18.33 21.04
N VAL B 246 -25.24 -18.11 22.30
CA VAL B 246 -25.76 -19.16 23.16
C VAL B 246 -27.24 -18.92 23.34
N HIS B 247 -28.06 -19.82 22.84
CA HIS B 247 -29.49 -19.71 23.04
C HIS B 247 -29.82 -19.86 24.52
N ALA B 248 -30.89 -19.20 24.94
CA ALA B 248 -31.24 -19.15 26.35
C ALA B 248 -31.97 -20.40 26.80
N ALA B 249 -33.12 -20.67 26.17
CA ALA B 249 -33.90 -21.84 26.54
C ALA B 249 -33.12 -23.11 26.30
N THR B 250 -32.49 -23.21 25.15
CA THR B 250 -31.68 -24.36 24.79
C THR B 250 -30.22 -24.00 25.03
N GLY B 251 -29.54 -24.79 25.84
CA GLY B 251 -28.16 -24.50 26.17
C GLY B 251 -27.22 -24.85 25.05
N ALA B 252 -27.49 -24.32 23.88
CA ALA B 252 -26.79 -24.68 22.67
C ALA B 252 -26.03 -23.50 22.12
N LYS B 253 -25.41 -23.72 20.96
CA LYS B 253 -24.69 -22.70 20.23
C LYS B 253 -25.41 -22.41 18.93
N VAL B 254 -25.35 -21.16 18.50
CA VAL B 254 -25.69 -20.79 17.14
C VAL B 254 -24.64 -19.80 16.69
N LEU B 255 -23.98 -20.10 15.58
CA LEU B 255 -22.81 -19.33 15.16
C LEU B 255 -22.97 -19.08 13.67
N GLY B 256 -23.62 -17.98 13.33
CA GLY B 256 -23.77 -17.56 11.96
C GLY B 256 -23.88 -16.06 11.83
N ALA B 257 -23.02 -15.48 11.00
CA ALA B 257 -22.97 -14.04 10.82
C ALA B 257 -22.01 -13.74 9.68
N ASP B 258 -21.72 -12.47 9.46
CA ASP B 258 -20.79 -12.08 8.41
C ASP B 258 -19.40 -12.64 8.63
N ASP B 259 -19.07 -13.05 9.86
CA ASP B 259 -17.77 -13.68 10.09
C ASP B 259 -17.66 -14.99 9.33
N ASP B 260 -18.75 -15.72 9.21
CA ASP B 260 -18.79 -16.98 8.49
C ASP B 260 -19.23 -16.83 7.05
N LEU B 261 -19.42 -15.61 6.58
CA LEU B 261 -19.80 -15.36 5.19
C LEU B 261 -18.53 -15.36 4.37
N ASP B 262 -18.19 -16.53 3.81
CA ASP B 262 -16.91 -16.67 3.13
C ASP B 262 -16.82 -15.79 1.89
N PHE B 263 -17.88 -15.70 1.10
CA PHE B 263 -17.83 -14.90 -0.11
C PHE B 263 -19.24 -14.69 -0.65
N THR B 264 -19.34 -13.79 -1.61
CA THR B 264 -20.60 -13.45 -2.25
C THR B 264 -20.33 -13.09 -3.71
N LEU B 265 -21.18 -13.59 -4.61
CA LEU B 265 -21.03 -13.36 -6.03
C LEU B 265 -22.18 -12.53 -6.58
N PRO B 266 -21.93 -11.72 -7.60
CA PRO B 266 -23.02 -10.99 -8.23
C PRO B 266 -23.88 -11.90 -9.10
N GLY B 267 -25.12 -11.45 -9.30
CA GLY B 267 -26.01 -12.14 -10.21
C GLY B 267 -27.44 -11.76 -9.94
N LEU B 268 -28.30 -12.16 -10.88
CA LEU B 268 -29.73 -11.97 -10.69
C LEU B 268 -30.20 -12.66 -9.42
N MET B 269 -29.72 -13.88 -9.18
CA MET B 269 -29.84 -14.53 -7.88
C MET B 269 -28.46 -14.60 -7.25
N PRO B 270 -28.16 -13.80 -6.24
CA PRO B 270 -26.83 -13.85 -5.62
C PRO B 270 -26.56 -15.20 -5.00
N ILE B 271 -25.29 -15.58 -5.00
CA ILE B 271 -24.81 -16.79 -4.32
C ILE B 271 -24.13 -16.35 -3.04
N GLU B 272 -24.69 -16.73 -1.91
CA GLU B 272 -24.22 -16.30 -0.60
C GLU B 272 -23.79 -17.55 0.17
N TRP B 273 -22.49 -17.67 0.42
CA TRP B 273 -21.92 -18.87 1.04
C TRP B 273 -21.86 -18.68 2.56
N GLN B 274 -23.03 -18.81 3.18
CA GLN B 274 -23.19 -18.60 4.62
C GLN B 274 -23.25 -19.95 5.33
N ARG B 275 -22.31 -20.19 6.22
CA ARG B 275 -22.28 -21.39 7.03
C ARG B 275 -22.97 -21.17 8.37
N PHE B 276 -23.37 -22.27 9.00
CA PHE B 276 -24.12 -22.22 10.23
C PHE B 276 -23.78 -23.43 11.09
N TYR B 277 -23.74 -23.22 12.39
CA TYR B 277 -23.39 -24.25 13.37
C TYR B 277 -24.37 -24.16 14.53
N ASN B 278 -24.94 -25.30 14.92
CA ASN B 278 -25.99 -25.29 15.92
C ASN B 278 -25.71 -26.17 17.13
N SER B 279 -25.00 -27.27 16.97
CA SER B 279 -24.71 -28.21 18.04
C SER B 279 -25.93 -28.94 18.56
N ARG B 280 -27.06 -28.83 17.87
CA ARG B 280 -28.25 -29.54 18.27
C ARG B 280 -28.84 -30.36 17.14
N ASP B 281 -28.37 -30.18 15.90
CA ASP B 281 -28.85 -30.99 14.79
C ASP B 281 -28.34 -32.43 14.93
N GLU B 282 -29.12 -33.37 14.39
CA GLU B 282 -28.84 -34.78 14.51
C GLU B 282 -28.07 -35.36 13.31
N ARG B 283 -27.75 -34.54 12.31
CA ARG B 283 -27.02 -35.02 11.14
C ARG B 283 -25.56 -35.24 11.51
N ARG B 284 -25.16 -36.50 11.59
CA ARG B 284 -23.79 -36.86 11.92
C ARG B 284 -22.82 -36.66 10.77
N ASP B 285 -23.31 -36.58 9.53
CA ASP B 285 -22.47 -36.48 8.36
C ASP B 285 -22.96 -35.36 7.46
N GLY B 286 -22.05 -34.87 6.63
CA GLY B 286 -22.38 -33.80 5.72
C GLY B 286 -21.15 -33.39 4.94
N LEU B 287 -21.34 -32.36 4.11
CA LEU B 287 -20.25 -31.84 3.31
C LEU B 287 -19.19 -31.12 4.13
N LEU B 288 -19.48 -30.79 5.38
CA LEU B 288 -18.55 -30.05 6.22
C LEU B 288 -18.40 -30.66 7.61
N GLY B 289 -19.07 -31.76 7.89
CA GLY B 289 -18.93 -32.45 9.16
C GLY B 289 -20.15 -32.25 10.03
N ALA B 290 -20.01 -32.74 11.26
CA ALA B 290 -21.10 -32.66 12.23
C ALA B 290 -21.33 -31.21 12.67
N GLY B 291 -22.58 -30.88 12.90
CA GLY B 291 -22.95 -29.52 13.28
C GLY B 291 -23.06 -28.53 12.15
N TRP B 292 -22.01 -28.43 11.33
CA TRP B 292 -22.00 -27.45 10.27
C TRP B 292 -22.98 -27.78 9.17
N SER B 293 -23.50 -26.74 8.54
CA SER B 293 -24.54 -26.88 7.55
C SER B 293 -24.39 -25.77 6.53
N LEU B 294 -24.99 -25.98 5.37
CA LEU B 294 -24.89 -25.08 4.24
C LEU B 294 -26.27 -24.97 3.60
N PRO B 295 -26.59 -23.83 2.98
CA PRO B 295 -27.96 -23.66 2.46
C PRO B 295 -28.36 -24.67 1.41
N TYR B 296 -27.40 -25.32 0.74
CA TYR B 296 -27.68 -26.22 -0.35
C TYR B 296 -27.72 -27.67 0.09
N GLU B 297 -27.78 -27.93 1.40
CA GLU B 297 -27.87 -29.27 1.95
C GLU B 297 -29.29 -29.61 2.39
N ILE B 298 -30.27 -28.85 1.94
CA ILE B 298 -31.65 -29.08 2.33
C ILE B 298 -32.07 -30.50 1.99
N SER B 299 -32.87 -31.10 2.87
CA SER B 299 -33.27 -32.48 2.73
C SER B 299 -34.74 -32.63 3.14
N VAL B 300 -35.40 -33.61 2.52
CA VAL B 300 -36.78 -33.95 2.82
C VAL B 300 -36.85 -35.45 3.03
N GLN B 301 -37.55 -35.87 4.08
CA GLN B 301 -37.70 -37.28 4.40
C GLN B 301 -39.17 -37.63 4.48
N ILE B 302 -39.47 -38.87 4.13
CA ILE B 302 -40.83 -39.43 4.21
C ILE B 302 -40.79 -40.58 5.20
N GLU B 303 -41.70 -40.54 6.17
CA GLU B 303 -41.74 -41.48 7.27
C GLU B 303 -43.16 -41.99 7.44
N PRO B 304 -43.34 -43.11 8.14
CA PRO B 304 -44.69 -43.59 8.43
C PRO B 304 -45.46 -42.59 9.30
N HIS B 305 -46.79 -42.67 9.18
CA HIS B 305 -47.65 -41.68 9.83
C HIS B 305 -47.37 -41.51 11.32
N PRO B 306 -47.22 -42.59 12.11
CA PRO B 306 -46.90 -42.43 13.53
C PRO B 306 -45.66 -41.56 13.77
N ARG B 311 -45.78 -37.67 8.52
CA ARG B 311 -45.35 -38.50 7.40
C ARG B 311 -44.23 -37.81 6.64
N LEU B 312 -44.43 -36.54 6.33
CA LEU B 312 -43.49 -35.75 5.54
C LEU B 312 -42.76 -34.79 6.47
N LEU B 313 -41.43 -34.79 6.37
CA LEU B 313 -40.59 -33.99 7.27
C LEU B 313 -39.59 -33.19 6.44
N TYR B 314 -39.29 -31.99 6.92
CA TYR B 314 -38.44 -31.05 6.19
C TYR B 314 -37.36 -30.53 7.13
N ILE B 315 -36.14 -30.47 6.63
CA ILE B 315 -34.99 -29.99 7.39
C ILE B 315 -34.48 -28.71 6.74
N ASP B 316 -34.35 -27.66 7.56
CA ASP B 316 -34.02 -26.33 7.07
C ASP B 316 -32.52 -26.06 7.25
N GLU B 317 -32.12 -24.87 6.80
CA GLU B 317 -30.71 -24.48 6.92
C GLU B 317 -30.29 -24.41 8.39
N GLN B 318 -31.16 -23.89 9.26
CA GLN B 318 -30.83 -23.69 10.66
C GLN B 318 -30.77 -24.99 11.45
N GLY B 319 -31.23 -26.10 10.89
CA GLY B 319 -31.23 -27.37 11.60
C GLY B 319 -32.49 -27.69 12.37
N ARG B 320 -33.60 -26.98 12.12
CA ARG B 320 -34.86 -27.24 12.80
C ARG B 320 -35.64 -28.30 12.05
N ARG B 321 -36.03 -29.36 12.77
CA ARG B 321 -36.78 -30.47 12.20
C ARG B 321 -38.25 -30.10 12.14
N ILE B 322 -38.76 -29.90 10.93
CA ILE B 322 -40.14 -29.50 10.69
C ILE B 322 -40.90 -30.70 10.14
N ASP B 323 -41.95 -31.13 10.84
CA ASP B 323 -42.80 -32.23 10.40
C ASP B 323 -44.14 -31.64 9.96
N MET B 324 -44.41 -31.69 8.66
CA MET B 324 -45.68 -31.23 8.12
C MET B 324 -46.76 -32.31 8.15
N GLY B 325 -46.39 -33.55 7.85
CA GLY B 325 -47.35 -34.63 7.80
C GLY B 325 -47.79 -34.93 6.38
N SER B 326 -49.09 -34.89 6.13
CA SER B 326 -49.63 -35.24 4.83
C SER B 326 -49.54 -34.07 3.86
N SER B 335 -50.85 -26.03 1.40
CA SER B 335 -50.94 -26.34 2.82
C SER B 335 -50.19 -25.31 3.64
N PRO B 336 -50.65 -24.05 3.60
CA PRO B 336 -49.92 -23.00 4.31
C PRO B 336 -49.85 -23.26 5.81
N GLY B 337 -48.69 -22.91 6.38
CA GLY B 337 -48.47 -23.02 7.80
C GLY B 337 -48.13 -21.65 8.36
N GLU B 338 -48.47 -21.45 9.63
CA GLU B 338 -48.21 -20.18 10.29
C GLU B 338 -46.73 -19.97 10.58
N GLY B 339 -45.89 -20.98 10.36
CA GLY B 339 -44.46 -20.85 10.58
C GLY B 339 -43.74 -20.29 9.37
N LEU B 340 -44.47 -19.64 8.47
CA LEU B 340 -43.89 -19.02 7.28
C LEU B 340 -43.31 -20.07 6.34
N SER B 341 -44.12 -21.09 6.03
CA SER B 341 -43.70 -22.15 5.13
C SER B 341 -44.93 -22.67 4.41
N VAL B 342 -44.78 -22.88 3.09
CA VAL B 342 -45.85 -23.36 2.24
C VAL B 342 -45.36 -24.55 1.42
N ARG B 343 -46.18 -25.59 1.34
CA ARG B 343 -45.82 -26.81 0.63
C ARG B 343 -46.96 -27.24 -0.29
N ARG B 344 -46.59 -27.83 -1.42
CA ARG B 344 -47.54 -28.45 -2.31
C ARG B 344 -46.82 -29.51 -3.12
N ASN B 345 -47.39 -30.71 -3.18
CA ASN B 345 -46.78 -31.87 -3.81
C ASN B 345 -47.47 -32.14 -5.14
N GLU B 346 -46.66 -32.33 -6.18
CA GLU B 346 -47.15 -32.65 -7.51
C GLU B 346 -46.72 -34.07 -7.88
N ASN B 347 -47.47 -34.66 -8.82
CA ASN B 347 -47.33 -36.07 -9.16
C ASN B 347 -45.88 -36.51 -9.31
N GLY B 348 -44.99 -35.61 -9.70
CA GLY B 348 -43.63 -35.99 -10.00
C GLY B 348 -42.55 -35.35 -9.15
N GLN B 349 -42.92 -34.43 -8.26
CA GLN B 349 -41.93 -33.65 -7.52
C GLN B 349 -42.64 -32.94 -6.38
N LEU B 350 -41.91 -32.07 -5.68
CA LEU B 350 -42.45 -31.31 -4.57
C LEU B 350 -41.85 -29.91 -4.59
N LEU B 351 -42.67 -28.91 -4.27
CA LEU B 351 -42.28 -27.50 -4.32
C LEU B 351 -42.64 -26.81 -3.01
N ILE B 352 -41.68 -26.09 -2.44
CA ILE B 352 -41.85 -25.37 -1.18
C ILE B 352 -41.59 -23.89 -1.40
N GLU B 353 -42.56 -23.06 -1.01
CA GLU B 353 -42.45 -21.61 -1.07
C GLU B 353 -42.47 -21.03 0.33
N SER B 354 -41.58 -20.07 0.58
CA SER B 354 -41.56 -19.37 1.85
C SER B 354 -42.50 -18.17 1.79
N SER B 355 -42.46 -17.32 2.83
CA SER B 355 -43.33 -16.15 2.86
C SER B 355 -43.06 -15.22 1.69
N ASP B 356 -41.79 -14.98 1.38
CA ASP B 356 -41.45 -14.18 0.21
C ASP B 356 -41.55 -15.06 -1.04
N GLY B 357 -41.05 -14.56 -2.17
CA GLY B 357 -41.20 -15.26 -3.43
C GLY B 357 -40.25 -16.40 -3.68
N ILE B 358 -39.30 -16.64 -2.78
CA ILE B 358 -38.30 -17.66 -3.02
C ILE B 358 -38.91 -19.05 -2.87
N TYR B 359 -38.72 -19.90 -3.88
CA TYR B 359 -39.23 -21.25 -3.86
C TYR B 359 -38.10 -22.21 -4.21
N ARG B 360 -38.19 -23.42 -3.68
CA ARG B 360 -37.19 -24.45 -3.87
C ARG B 360 -37.87 -25.73 -4.28
N LEU B 361 -37.33 -26.38 -5.31
CA LEU B 361 -37.93 -27.53 -5.95
C LEU B 361 -37.06 -28.76 -5.73
N PHE B 362 -37.63 -29.81 -5.17
CA PHE B 362 -36.92 -31.05 -4.90
C PHE B 362 -37.19 -32.07 -5.99
N GLU B 363 -36.35 -33.10 -6.01
CA GLU B 363 -36.48 -34.21 -6.94
C GLU B 363 -36.16 -35.50 -6.21
N PRO B 364 -36.70 -36.63 -6.67
CA PRO B 364 -36.43 -37.89 -5.99
C PRO B 364 -34.96 -38.25 -5.99
N LEU B 365 -34.52 -38.85 -4.90
CA LEU B 365 -33.14 -39.32 -4.78
C LEU B 365 -32.96 -40.64 -5.50
N PRO B 366 -32.01 -40.77 -6.41
CA PRO B 366 -31.82 -42.04 -7.11
C PRO B 366 -31.60 -43.18 -6.13
N GLY B 367 -32.33 -44.27 -6.33
CA GLY B 367 -32.22 -45.43 -5.47
C GLY B 367 -32.94 -45.31 -4.15
N ASP B 368 -33.63 -44.21 -3.89
CA ASP B 368 -34.34 -44.01 -2.64
C ASP B 368 -35.61 -43.22 -2.91
N SER B 369 -36.76 -43.84 -2.65
CA SER B 369 -38.04 -43.15 -2.76
C SER B 369 -38.45 -42.45 -1.48
N SER B 370 -37.75 -42.71 -0.37
CA SER B 370 -38.09 -42.15 0.93
C SER B 370 -37.32 -40.88 1.23
N ARG B 371 -36.55 -40.36 0.27
CA ARG B 371 -35.75 -39.18 0.52
C ARG B 371 -35.63 -38.36 -0.76
N LEU B 372 -35.53 -37.06 -0.60
CA LEU B 372 -35.47 -36.12 -1.71
C LEU B 372 -34.29 -35.18 -1.52
N ARG B 373 -33.84 -34.59 -2.63
CA ARG B 373 -32.71 -33.68 -2.62
C ARG B 373 -33.03 -32.43 -3.43
N LEU B 374 -32.41 -31.33 -3.02
CA LEU B 374 -32.62 -30.05 -3.70
C LEU B 374 -32.14 -30.10 -5.14
N SER B 375 -32.94 -29.55 -6.04
CA SER B 375 -32.63 -29.49 -7.45
C SER B 375 -32.62 -28.09 -8.03
N LEU B 376 -33.55 -27.24 -7.63
CA LEU B 376 -33.71 -25.92 -8.21
C LEU B 376 -34.09 -24.90 -7.15
N LEU B 377 -33.60 -23.68 -7.33
CA LEU B 377 -34.01 -22.51 -6.55
C LEU B 377 -34.51 -21.44 -7.50
N GLY B 378 -35.45 -20.63 -7.02
CA GLY B 378 -36.03 -19.61 -7.86
C GLY B 378 -36.65 -18.51 -7.03
N ASP B 379 -36.91 -17.39 -7.68
CA ASP B 379 -37.55 -16.24 -7.10
C ASP B 379 -38.93 -16.06 -7.74
N ARG B 380 -39.62 -14.99 -7.35
CA ARG B 380 -40.93 -14.72 -7.92
C ARG B 380 -40.84 -14.49 -9.42
N ASN B 381 -39.74 -13.93 -9.88
CA ASN B 381 -39.49 -13.79 -11.31
C ASN B 381 -38.93 -15.12 -11.83
N ASP B 382 -38.48 -15.13 -13.07
CA ASP B 382 -37.97 -16.36 -13.69
C ASP B 382 -36.56 -16.72 -13.24
N ASN B 383 -35.91 -15.86 -12.46
CA ASN B 383 -34.54 -16.13 -12.03
C ASN B 383 -34.47 -17.41 -11.21
N ARG B 384 -33.44 -18.22 -11.49
CA ARG B 384 -33.32 -19.52 -10.85
C ARG B 384 -31.87 -19.99 -10.89
N LEU B 385 -31.59 -20.95 -10.00
CA LEU B 385 -30.30 -21.63 -9.92
C LEU B 385 -30.52 -23.13 -10.07
N HIS B 386 -29.64 -23.78 -10.80
CA HIS B 386 -29.66 -25.23 -10.94
C HIS B 386 -28.44 -25.84 -10.26
N LEU B 387 -28.60 -27.06 -9.80
CA LEU B 387 -27.53 -27.84 -9.20
C LEU B 387 -27.31 -29.11 -10.01
N GLU B 388 -26.05 -29.40 -10.31
CA GLU B 388 -25.67 -30.61 -11.03
C GLU B 388 -24.86 -31.50 -10.10
N TYR B 389 -25.31 -32.74 -9.94
CA TYR B 389 -24.70 -33.67 -9.01
C TYR B 389 -23.78 -34.64 -9.74
N ASP B 390 -22.80 -35.16 -9.02
CA ASP B 390 -21.86 -36.13 -9.56
C ASP B 390 -22.31 -37.54 -9.21
N SER B 391 -21.58 -38.52 -9.75
CA SER B 391 -21.81 -39.90 -9.36
C SER B 391 -21.58 -40.01 -7.86
N SER B 392 -22.37 -40.85 -7.21
CA SER B 392 -22.41 -41.02 -5.76
C SER B 392 -23.23 -39.91 -5.10
N GLY B 393 -23.92 -39.08 -5.88
CA GLY B 393 -24.76 -38.04 -5.32
C GLY B 393 -23.95 -37.05 -4.52
N ARG B 394 -22.92 -36.47 -5.14
CA ARG B 394 -22.11 -35.43 -4.52
C ARG B 394 -22.19 -34.17 -5.36
N LEU B 395 -22.51 -33.06 -4.72
CA LEU B 395 -22.69 -31.81 -5.43
C LEU B 395 -21.42 -31.42 -6.16
N TRP B 396 -21.56 -31.07 -7.43
CA TRP B 396 -20.43 -30.76 -8.29
C TRP B 396 -20.46 -29.33 -8.78
N LEU B 397 -21.54 -28.88 -9.42
CA LEU B 397 -21.61 -27.57 -10.04
C LEU B 397 -22.87 -26.83 -9.67
N LEU B 398 -22.80 -25.51 -9.72
CA LEU B 398 -23.94 -24.62 -9.60
C LEU B 398 -24.01 -23.79 -10.86
N ARG B 399 -25.16 -23.78 -11.49
CA ARG B 399 -25.36 -23.17 -12.80
C ARG B 399 -26.44 -22.12 -12.71
N ASP B 400 -26.27 -21.03 -13.46
CA ASP B 400 -27.18 -19.90 -13.38
C ASP B 400 -28.35 -20.10 -14.34
N THR B 401 -29.20 -19.07 -14.46
CA THR B 401 -30.38 -19.18 -15.30
C THR B 401 -30.01 -19.30 -16.76
N PHE B 402 -28.90 -18.72 -17.17
CA PHE B 402 -28.44 -18.83 -18.55
C PHE B 402 -27.64 -20.09 -18.80
N GLU B 403 -27.76 -21.07 -17.91
CA GLU B 403 -27.11 -22.37 -18.07
C GLU B 403 -25.60 -22.24 -18.20
N GLN B 404 -25.02 -21.34 -17.42
CA GLN B 404 -23.57 -21.12 -17.38
C GLN B 404 -23.05 -21.42 -15.99
N ALA B 405 -22.01 -22.23 -15.92
CA ALA B 405 -21.42 -22.61 -14.65
C ALA B 405 -20.68 -21.45 -14.00
N GLN B 406 -20.82 -21.35 -12.69
CA GLN B 406 -20.16 -20.32 -11.89
C GLN B 406 -19.21 -20.91 -10.87
N LEU B 407 -19.63 -21.94 -10.14
CA LEU B 407 -18.84 -22.55 -9.10
C LEU B 407 -18.60 -24.03 -9.39
N GLU B 408 -17.57 -24.57 -8.76
CA GLU B 408 -17.27 -25.99 -8.83
C GLU B 408 -16.67 -26.44 -7.50
N LEU B 409 -17.09 -27.62 -7.05
CA LEU B 409 -16.61 -28.20 -5.81
C LEU B 409 -15.57 -29.28 -6.08
N SER B 410 -14.55 -29.33 -5.24
CA SER B 410 -13.50 -30.32 -5.32
C SER B 410 -13.33 -31.00 -3.97
N TYR B 411 -13.39 -32.32 -3.97
CA TYR B 411 -13.31 -33.13 -2.76
C TYR B 411 -11.92 -33.73 -2.60
N SER B 412 -11.72 -34.37 -1.46
CA SER B 412 -10.44 -34.97 -1.12
C SER B 412 -10.51 -36.48 -1.30
N THR B 413 -9.46 -37.18 -0.84
CA THR B 413 -9.41 -38.64 -0.87
C THR B 413 -9.61 -39.28 0.49
N LEU B 414 -9.07 -38.68 1.55
CA LEU B 414 -9.27 -39.24 2.88
C LEU B 414 -10.71 -39.08 3.32
N TRP B 415 -11.33 -37.95 2.98
CA TRP B 415 -12.71 -37.65 3.35
C TRP B 415 -13.43 -37.31 2.06
N PRO B 416 -13.77 -38.32 1.26
CA PRO B 416 -14.46 -38.04 -0.01
C PRO B 416 -15.80 -37.36 0.17
N GLY B 417 -16.43 -37.52 1.32
CA GLY B 417 -17.69 -36.86 1.61
C GLY B 417 -17.57 -35.45 2.12
N ARG B 418 -16.36 -34.93 2.24
CA ARG B 418 -16.12 -33.59 2.76
C ARG B 418 -15.53 -32.71 1.68
N ILE B 419 -16.06 -31.50 1.55
CA ILE B 419 -15.51 -30.54 0.60
C ILE B 419 -14.12 -30.11 1.02
N ALA B 420 -13.28 -29.85 0.05
CA ALA B 420 -11.92 -29.37 0.28
C ALA B 420 -11.68 -28.00 -0.32
N GLN B 421 -12.12 -27.74 -1.54
CA GLN B 421 -11.92 -26.44 -2.17
C GLN B 421 -13.14 -26.05 -2.97
N VAL B 422 -13.32 -24.74 -3.13
CA VAL B 422 -14.37 -24.15 -3.95
C VAL B 422 -13.71 -23.26 -4.99
N GLU B 423 -14.11 -23.42 -6.24
CA GLU B 423 -13.50 -22.71 -7.36
C GLU B 423 -14.55 -21.90 -8.09
N ARG B 424 -14.10 -20.81 -8.72
CA ARG B 424 -14.96 -19.96 -9.52
C ARG B 424 -14.56 -20.08 -10.99
N LEU B 425 -15.56 -20.08 -11.86
CA LEU B 425 -15.37 -20.21 -13.30
C LEU B 425 -15.78 -18.94 -14.01
N TYR B 426 -14.95 -18.51 -14.94
CA TYR B 426 -15.21 -17.39 -15.79
C TYR B 426 -15.53 -17.84 -17.21
N PRO B 427 -16.09 -16.97 -18.04
CA PRO B 427 -16.34 -17.33 -19.44
C PRO B 427 -15.08 -17.71 -20.19
N ASP B 428 -13.91 -17.34 -19.69
CA ASP B 428 -12.63 -17.63 -20.32
C ASP B 428 -12.16 -19.06 -20.09
N GLN B 429 -12.98 -19.92 -19.47
CA GLN B 429 -12.64 -21.28 -19.12
C GLN B 429 -11.58 -21.34 -18.03
N GLN B 430 -11.24 -20.20 -17.43
CA GLN B 430 -10.25 -20.13 -16.38
C GLN B 430 -10.83 -20.63 -15.05
N ARG B 431 -10.02 -20.54 -14.01
CA ARG B 431 -10.43 -20.91 -12.67
C ARG B 431 -9.77 -19.98 -11.66
N GLU B 432 -10.33 -19.96 -10.46
CA GLU B 432 -9.76 -19.18 -9.37
C GLU B 432 -10.35 -19.69 -8.06
N VAL B 433 -9.50 -20.02 -7.13
CA VAL B 433 -9.94 -20.57 -5.85
C VAL B 433 -10.46 -19.45 -4.95
N LEU B 434 -11.46 -19.78 -4.15
CA LEU B 434 -12.11 -18.85 -3.25
C LEU B 434 -11.97 -19.21 -1.77
N VAL B 435 -11.98 -20.50 -1.43
CA VAL B 435 -11.92 -20.90 -0.03
C VAL B 435 -11.49 -22.36 0.04
N SER B 436 -10.81 -22.71 1.13
CA SER B 436 -10.31 -24.06 1.35
C SER B 436 -10.57 -24.47 2.78
N TYR B 437 -10.80 -25.76 2.98
CA TYR B 437 -11.10 -26.32 4.29
C TYR B 437 -10.14 -27.45 4.60
N ASP B 438 -9.77 -27.56 5.87
CA ASP B 438 -8.93 -28.64 6.37
C ASP B 438 -9.60 -29.28 7.57
N TYR B 439 -9.58 -30.61 7.61
CA TYR B 439 -10.34 -31.39 8.58
C TYR B 439 -9.41 -32.09 9.55
N ASP B 440 -9.96 -32.40 10.72
CA ASP B 440 -9.23 -33.11 11.76
C ASP B 440 -9.33 -34.61 11.51
N ALA B 441 -8.91 -35.41 12.49
CA ALA B 441 -8.93 -36.85 12.33
C ALA B 441 -10.34 -37.43 12.33
N ALA B 442 -11.32 -36.71 12.86
CA ALA B 442 -12.70 -37.17 12.90
C ALA B 442 -13.55 -36.58 11.80
N GLY B 443 -12.97 -35.77 10.91
CA GLY B 443 -13.72 -35.17 9.84
C GLY B 443 -14.47 -33.92 10.21
N ASP B 444 -14.22 -33.35 11.38
CA ASP B 444 -14.88 -32.14 11.82
C ASP B 444 -14.06 -30.93 11.38
N LEU B 445 -14.74 -29.95 10.79
CA LEU B 445 -14.10 -28.77 10.25
C LEU B 445 -13.25 -28.08 11.30
N ALA B 446 -11.95 -28.00 11.04
CA ALA B 446 -10.99 -27.44 11.98
C ALA B 446 -10.37 -26.14 11.53
N GLN B 447 -10.12 -25.96 10.23
CA GLN B 447 -9.42 -24.78 9.76
C GLN B 447 -10.00 -24.30 8.44
N VAL B 448 -10.09 -22.99 8.31
CA VAL B 448 -10.58 -22.32 7.11
C VAL B 448 -9.48 -21.43 6.56
N ARG B 449 -9.31 -21.45 5.24
CA ARG B 449 -8.28 -20.66 4.59
C ARG B 449 -8.86 -19.98 3.36
N ASP B 450 -8.33 -18.80 3.09
CA ASP B 450 -8.79 -17.98 1.98
C ASP B 450 -7.97 -18.31 0.73
N SER B 451 -8.21 -17.55 -0.34
CA SER B 451 -7.47 -17.76 -1.58
C SER B 451 -5.99 -17.45 -1.43
N GLU B 452 -5.65 -16.59 -0.48
CA GLU B 452 -4.28 -16.15 -0.28
C GLU B 452 -3.53 -17.01 0.73
N GLY B 453 -4.14 -18.10 1.18
CA GLY B 453 -3.49 -19.00 2.12
C GLY B 453 -3.46 -18.53 3.54
N GLN B 454 -4.11 -17.41 3.86
CA GLN B 454 -4.10 -16.87 5.21
C GLN B 454 -5.22 -17.51 6.02
N VAL B 455 -4.85 -18.15 7.13
CA VAL B 455 -5.84 -18.77 7.99
C VAL B 455 -6.73 -17.69 8.58
N GLN B 456 -8.03 -17.93 8.54
CA GLN B 456 -9.03 -16.99 9.02
C GLN B 456 -9.75 -17.48 10.27
N ARG B 457 -10.06 -18.76 10.35
CA ARG B 457 -10.83 -19.31 11.45
C ARG B 457 -10.31 -20.69 11.81
N ARG B 458 -10.22 -20.96 13.10
CA ARG B 458 -9.83 -22.25 13.62
C ARG B 458 -10.86 -22.73 14.63
N PHE B 459 -11.00 -24.05 14.74
CA PHE B 459 -11.95 -24.66 15.64
C PHE B 459 -11.33 -25.90 16.25
N ALA B 460 -11.88 -26.32 17.39
CA ALA B 460 -11.49 -27.56 18.03
C ALA B 460 -12.73 -28.21 18.62
N TYR B 461 -12.67 -29.52 18.79
CA TYR B 461 -13.83 -30.32 19.13
C TYR B 461 -13.49 -31.33 20.21
N ASP B 462 -14.55 -31.76 20.91
CA ASP B 462 -14.51 -32.78 21.93
C ASP B 462 -14.75 -34.15 21.28
N ALA B 463 -14.78 -35.20 22.12
CA ALA B 463 -15.04 -36.53 21.61
C ALA B 463 -16.42 -36.67 20.99
N GLY B 464 -17.41 -35.95 21.52
CA GLY B 464 -18.76 -36.03 21.01
C GLY B 464 -19.04 -35.04 19.90
N HIS B 465 -17.98 -34.49 19.33
CA HIS B 465 -18.04 -33.52 18.24
C HIS B 465 -18.52 -32.15 18.68
N ARG B 466 -18.67 -31.93 19.98
CA ARG B 466 -19.10 -30.64 20.50
C ARG B 466 -17.92 -29.68 20.52
N MET B 467 -18.12 -28.51 19.93
CA MET B 467 -17.09 -27.49 19.89
C MET B 467 -16.77 -26.95 21.28
N ILE B 468 -15.49 -26.81 21.56
CA ILE B 468 -15.02 -26.24 22.82
C ILE B 468 -14.14 -25.03 22.63
N GLU B 469 -13.70 -24.74 21.41
CA GLU B 469 -12.82 -23.61 21.15
C GLU B 469 -13.03 -23.12 19.73
N HIS B 470 -13.13 -21.81 19.58
CA HIS B 470 -13.13 -21.20 18.27
C HIS B 470 -12.33 -19.91 18.32
N GLN B 471 -11.53 -19.69 17.29
CA GLN B 471 -10.57 -18.61 17.23
C GLN B 471 -10.81 -17.80 15.96
N LEU B 472 -10.99 -16.51 16.14
CA LEU B 472 -11.33 -15.62 15.03
C LEU B 472 -10.07 -15.17 14.30
N ALA B 473 -10.23 -14.23 13.39
CA ALA B 473 -9.12 -13.75 12.57
C ALA B 473 -8.21 -12.81 13.34
N THR B 474 -8.79 -12.01 14.24
CA THR B 474 -8.01 -11.06 15.03
C THR B 474 -7.17 -11.73 16.10
N GLY B 475 -7.35 -13.03 16.34
CA GLY B 475 -6.62 -13.75 17.35
C GLY B 475 -7.40 -14.05 18.61
N LEU B 476 -8.55 -13.42 18.80
CA LEU B 476 -9.32 -13.62 20.02
C LEU B 476 -9.80 -15.07 20.10
N ARG B 477 -9.59 -15.67 21.27
CA ARG B 477 -9.95 -17.07 21.50
C ARG B 477 -11.08 -17.15 22.51
N CYS B 478 -12.11 -17.90 22.16
CA CYS B 478 -13.21 -18.17 23.07
C CYS B 478 -13.23 -19.66 23.36
N PHE B 479 -13.35 -20.00 24.64
CA PHE B 479 -13.34 -21.37 25.11
C PHE B 479 -14.65 -21.67 25.84
N TYR B 480 -15.19 -22.85 25.63
CA TYR B 480 -16.46 -23.25 26.20
C TYR B 480 -16.30 -24.54 27.00
N GLN B 481 -17.34 -24.85 27.76
CA GLN B 481 -17.44 -26.09 28.51
C GLN B 481 -18.85 -26.64 28.36
N TRP B 482 -18.97 -27.95 28.52
CA TRP B 482 -20.23 -28.65 28.34
C TRP B 482 -20.48 -29.59 29.52
N THR B 483 -21.76 -29.88 29.77
CA THR B 483 -22.14 -30.72 30.89
C THR B 483 -23.34 -31.56 30.53
N GLN B 484 -23.52 -32.66 31.26
CA GLN B 484 -24.56 -33.64 31.01
C GLN B 484 -25.63 -33.55 32.09
N PHE B 485 -26.89 -33.46 31.68
CA PHE B 485 -28.02 -33.33 32.58
C PHE B 485 -28.85 -34.59 32.59
N ALA B 486 -29.81 -34.63 33.52
CA ALA B 486 -30.68 -35.79 33.65
C ALA B 486 -31.57 -35.99 32.43
N ASP B 487 -31.66 -34.99 31.55
CA ASP B 487 -32.40 -35.13 30.31
C ASP B 487 -31.58 -35.81 29.22
N GLN B 488 -30.36 -36.22 29.52
CA GLN B 488 -29.48 -36.85 28.55
C GLN B 488 -29.24 -35.95 27.34
N GLN B 489 -29.21 -34.64 27.58
CA GLN B 489 -28.90 -33.66 26.56
C GLN B 489 -27.81 -32.74 27.11
N TRP B 490 -26.93 -32.29 26.23
CA TRP B 490 -25.75 -31.54 26.61
C TRP B 490 -26.01 -30.05 26.49
N ARG B 491 -25.67 -29.30 27.54
CA ARG B 491 -25.89 -27.87 27.60
C ARG B 491 -24.63 -27.16 28.07
N VAL B 492 -24.42 -25.95 27.55
CA VAL B 492 -23.25 -25.16 27.91
C VAL B 492 -23.39 -24.68 29.34
N THR B 493 -22.25 -24.62 30.05
CA THR B 493 -22.23 -24.20 31.44
C THR B 493 -21.20 -23.12 31.73
N ARG B 494 -20.15 -22.98 30.94
CA ARG B 494 -19.12 -22.00 31.23
C ARG B 494 -18.45 -21.53 29.96
N HIS B 495 -18.12 -20.24 29.93
CA HIS B 495 -17.46 -19.61 28.80
C HIS B 495 -16.40 -18.65 29.33
N TRP B 496 -15.28 -18.56 28.63
CA TRP B 496 -14.24 -17.60 28.98
C TRP B 496 -13.41 -17.31 27.73
N THR B 497 -12.44 -16.41 27.90
CA THR B 497 -11.59 -15.96 26.81
C THR B 497 -10.18 -15.80 27.34
N ASP B 498 -9.31 -15.24 26.50
CA ASP B 498 -7.94 -14.96 26.88
C ASP B 498 -7.78 -13.58 27.50
N GLU B 499 -8.82 -12.75 27.47
CA GLU B 499 -8.78 -11.40 28.02
C GLU B 499 -9.33 -11.32 29.44
N GLY B 500 -9.72 -12.45 30.03
CA GLY B 500 -10.24 -12.48 31.38
C GLY B 500 -11.74 -12.52 31.48
N ASP B 501 -12.46 -12.21 30.41
CA ASP B 501 -13.92 -12.29 30.44
C ASP B 501 -14.36 -13.70 30.76
N SER B 502 -15.36 -13.81 31.63
CA SER B 502 -15.90 -15.10 32.03
C SER B 502 -17.41 -14.99 32.21
N TYR B 503 -18.09 -16.12 32.00
CA TYR B 503 -19.51 -16.23 32.25
C TYR B 503 -19.81 -17.65 32.70
N GLN B 504 -20.77 -17.78 33.60
CA GLN B 504 -21.19 -19.05 34.14
C GLN B 504 -22.71 -19.15 34.03
N TYR B 505 -23.20 -20.33 33.63
CA TYR B 505 -24.61 -20.56 33.42
C TYR B 505 -25.08 -21.69 34.33
N ASP B 506 -26.30 -21.55 34.85
CA ASP B 506 -26.92 -22.59 35.66
C ASP B 506 -28.36 -22.79 35.19
N TYR B 507 -28.82 -24.03 35.24
CA TYR B 507 -30.11 -24.41 34.70
C TYR B 507 -30.94 -25.14 35.75
N ASP B 508 -32.24 -24.86 35.75
CA ASP B 508 -33.22 -25.59 36.56
C ASP B 508 -34.41 -25.86 35.65
N LEU B 509 -34.45 -27.07 35.09
CA LEU B 509 -35.41 -27.41 34.04
C LEU B 509 -36.82 -27.60 34.58
N GLU B 510 -36.95 -27.97 35.85
CA GLU B 510 -38.28 -28.18 36.42
C GLU B 510 -39.10 -26.90 36.38
N ALA B 511 -38.48 -25.77 36.75
CA ALA B 511 -39.14 -24.48 36.72
C ALA B 511 -38.79 -23.66 35.48
N GLY B 512 -37.97 -24.20 34.59
CA GLY B 512 -37.61 -23.45 33.39
C GLY B 512 -36.86 -22.18 33.69
N ILE B 513 -35.89 -22.24 34.59
CA ILE B 513 -35.15 -21.07 35.06
C ILE B 513 -33.71 -21.16 34.58
N THR B 514 -33.22 -20.06 34.03
CA THR B 514 -31.85 -19.94 33.55
C THR B 514 -31.18 -18.74 34.20
N GLN B 515 -30.08 -18.97 34.91
CA GLN B 515 -29.32 -17.92 35.56
C GLN B 515 -27.97 -17.74 34.89
N VAL B 516 -27.54 -16.50 34.78
CA VAL B 516 -26.25 -16.15 34.18
C VAL B 516 -25.48 -15.29 35.16
N THR B 517 -24.21 -15.62 35.36
CA THR B 517 -23.35 -14.91 36.29
C THR B 517 -22.03 -14.58 35.61
N ASP B 518 -21.46 -13.46 36.00
CA ASP B 518 -20.20 -12.97 35.46
C ASP B 518 -19.18 -12.79 36.58
N SER B 519 -17.97 -12.41 36.19
CA SER B 519 -16.93 -12.16 37.18
C SER B 519 -17.23 -10.91 38.00
N LEU B 520 -17.93 -9.94 37.39
CA LEU B 520 -18.35 -8.72 38.09
C LEU B 520 -19.54 -8.94 39.01
N GLN B 521 -19.90 -10.19 39.30
CA GLN B 521 -21.02 -10.55 40.15
C GLN B 521 -22.37 -10.16 39.57
N ARG B 522 -22.43 -9.79 38.30
CA ARG B 522 -23.71 -9.48 37.67
C ARG B 522 -24.54 -10.74 37.50
N LEU B 523 -25.86 -10.57 37.56
CA LEU B 523 -26.80 -11.68 37.52
C LEU B 523 -27.93 -11.40 36.55
N SER B 524 -28.29 -12.41 35.76
CA SER B 524 -29.40 -12.36 34.84
C SER B 524 -30.27 -13.58 35.02
N ARG B 525 -31.57 -13.42 34.83
CA ARG B 525 -32.53 -14.49 35.05
C ARG B 525 -33.51 -14.54 33.90
N ARG B 526 -33.84 -15.75 33.46
CA ARG B 526 -34.82 -15.97 32.41
C ARG B 526 -35.72 -17.14 32.79
N ARG B 527 -36.96 -17.06 32.35
CA ARG B 527 -37.94 -18.12 32.56
C ARG B 527 -38.67 -18.37 31.25
N TRP B 528 -38.71 -19.63 30.83
CA TRP B 528 -39.30 -20.01 29.56
C TRP B 528 -40.32 -21.13 29.76
N ASN B 529 -41.11 -21.36 28.72
CA ASN B 529 -42.22 -22.30 28.76
C ASN B 529 -41.80 -23.65 28.16
N SER B 530 -42.74 -24.59 28.19
CA SER B 530 -42.46 -25.92 27.63
C SER B 530 -42.16 -25.84 26.15
N GLN B 531 -42.71 -24.85 25.45
CA GLN B 531 -42.41 -24.65 24.04
C GLN B 531 -41.03 -24.08 23.82
N LEU B 532 -40.26 -23.83 24.88
CA LEU B 532 -38.95 -23.20 24.77
C LEU B 532 -39.05 -21.78 24.19
N GLN B 533 -40.04 -21.03 24.66
CA GLN B 533 -40.19 -19.63 24.35
C GLN B 533 -40.02 -18.81 25.62
N ILE B 534 -39.42 -17.63 25.48
CA ILE B 534 -39.15 -16.77 26.63
C ILE B 534 -40.44 -16.08 27.05
N VAL B 535 -40.75 -16.11 28.35
CA VAL B 535 -41.92 -15.43 28.89
C VAL B 535 -41.52 -14.34 29.88
N GLU B 536 -40.39 -14.51 30.55
CA GLU B 536 -39.95 -13.56 31.57
C GLU B 536 -38.47 -13.26 31.40
N TYR B 537 -38.13 -11.98 31.41
CA TYR B 537 -36.76 -11.50 31.29
C TYR B 537 -36.46 -10.59 32.47
N THR B 538 -35.33 -10.82 33.12
CA THR B 538 -34.88 -10.00 34.24
C THR B 538 -33.41 -9.67 34.04
N ASP B 539 -33.11 -8.41 33.80
CA ASP B 539 -31.77 -7.98 33.47
C ASP B 539 -30.94 -7.82 34.75
N ASN B 540 -29.70 -7.37 34.59
CA ASN B 540 -28.83 -7.14 35.73
C ASN B 540 -29.35 -6.04 36.64
N LEU B 541 -30.20 -5.15 36.12
CA LEU B 541 -30.73 -4.03 36.84
C LEU B 541 -32.08 -4.32 37.49
N ASN B 542 -32.49 -5.58 37.54
CA ASN B 542 -33.77 -5.99 38.10
C ASN B 542 -34.97 -5.45 37.33
N GLN B 543 -34.76 -4.99 36.10
CA GLN B 543 -35.88 -4.65 35.24
C GLN B 543 -36.56 -5.93 34.75
N THR B 544 -37.88 -5.97 34.84
CA THR B 544 -38.65 -7.17 34.56
C THR B 544 -39.56 -6.95 33.36
N TRP B 545 -39.45 -7.83 32.37
CA TRP B 545 -40.30 -7.86 31.20
C TRP B 545 -41.05 -9.18 31.15
N ALA B 546 -42.30 -9.12 30.69
CA ALA B 546 -43.13 -10.30 30.55
C ALA B 546 -43.66 -10.38 29.13
N PHE B 547 -43.89 -11.60 28.67
CA PHE B 547 -44.37 -11.87 27.32
C PHE B 547 -45.52 -12.86 27.37
N GLU B 548 -46.38 -12.79 26.36
CA GLU B 548 -47.48 -13.74 26.18
C GLU B 548 -47.33 -14.39 24.81
N TRP B 549 -47.48 -15.70 24.79
CA TRP B 549 -47.26 -16.50 23.60
C TRP B 549 -48.52 -17.24 23.19
N ASN B 550 -48.66 -17.42 21.88
CA ASN B 550 -49.78 -18.13 21.29
C ASN B 550 -49.26 -19.34 20.55
N ASP B 551 -50.13 -20.32 20.36
CA ASP B 551 -49.82 -21.44 19.48
C ASP B 551 -49.29 -20.91 18.15
N GLU B 552 -48.59 -21.76 17.41
CA GLU B 552 -47.91 -21.39 16.17
C GLU B 552 -46.79 -20.41 16.39
N ARG B 553 -46.37 -20.19 17.64
CA ARG B 553 -45.21 -19.36 17.96
C ARG B 553 -45.37 -17.95 17.39
N GLN B 554 -46.38 -17.26 17.92
CA GLN B 554 -46.67 -15.88 17.60
C GLN B 554 -46.63 -15.06 18.87
N LEU B 555 -46.26 -13.78 18.74
CA LEU B 555 -46.17 -12.88 19.87
C LEU B 555 -47.46 -12.08 19.95
N LEU B 556 -48.11 -12.13 21.11
CA LEU B 556 -49.36 -11.43 21.33
C LEU B 556 -49.17 -10.12 22.08
N SER B 557 -48.47 -10.15 23.20
CA SER B 557 -48.35 -8.99 24.07
C SER B 557 -47.05 -9.02 24.84
N ALA B 558 -46.53 -7.84 25.11
CA ALA B 558 -45.36 -7.64 25.97
C ALA B 558 -45.68 -6.58 27.00
N THR B 559 -45.16 -6.76 28.20
CA THR B 559 -45.45 -5.89 29.33
C THR B 559 -44.15 -5.44 29.98
N ASP B 560 -44.06 -4.14 30.24
CA ASP B 560 -42.86 -3.53 30.77
C ASP B 560 -42.93 -3.44 32.29
N PRO B 561 -41.85 -3.00 32.93
CA PRO B 561 -41.89 -2.86 34.39
C PRO B 561 -42.96 -1.90 34.85
N LEU B 562 -43.26 -0.87 34.06
CA LEU B 562 -44.22 0.17 34.42
C LEU B 562 -45.65 -0.22 34.10
N GLY B 563 -45.88 -1.41 33.55
CA GLY B 563 -47.21 -1.86 33.20
C GLY B 563 -47.64 -1.57 31.77
N GLY B 564 -46.88 -0.78 31.03
CA GLY B 564 -47.23 -0.50 29.66
C GLY B 564 -47.28 -1.74 28.80
N ARG B 565 -48.35 -1.91 28.04
CA ARG B 565 -48.60 -3.12 27.29
C ARG B 565 -48.53 -2.84 25.80
N TYR B 566 -47.66 -3.56 25.11
CA TYR B 566 -47.64 -3.60 23.65
C TYR B 566 -48.44 -4.82 23.22
N ALA B 567 -49.37 -4.62 22.29
CA ALA B 567 -50.23 -5.70 21.84
C ALA B 567 -50.17 -5.83 20.32
N TYR B 568 -50.24 -7.07 19.84
CA TYR B 568 -50.14 -7.38 18.44
C TYR B 568 -51.34 -8.21 18.01
N SER B 569 -51.70 -8.09 16.74
CA SER B 569 -52.81 -8.85 16.17
C SER B 569 -52.48 -9.23 14.74
N TYR B 570 -52.54 -10.52 14.44
CA TYR B 570 -52.12 -11.03 13.16
C TYR B 570 -53.32 -11.35 12.27
N ASP B 571 -53.01 -11.85 11.08
CA ASP B 571 -53.98 -12.27 10.08
C ASP B 571 -54.14 -13.79 10.11
N GLU B 572 -55.09 -14.28 9.33
CA GLU B 572 -55.29 -15.72 9.23
C GLU B 572 -54.04 -16.42 8.71
N THR B 573 -53.26 -15.75 7.87
CA THR B 573 -52.04 -16.32 7.31
C THR B 573 -50.81 -16.00 8.15
N GLY B 574 -50.99 -15.39 9.33
CA GLY B 574 -49.88 -15.03 10.18
C GLY B 574 -49.32 -13.65 9.94
N ASN B 575 -49.78 -12.95 8.90
CA ASN B 575 -49.29 -11.61 8.64
C ASN B 575 -49.74 -10.63 9.72
N LEU B 576 -48.78 -9.86 10.24
CA LEU B 576 -49.07 -8.85 11.25
C LEU B 576 -50.03 -7.81 10.69
N ILE B 577 -51.03 -7.46 11.49
CA ILE B 577 -52.06 -6.50 11.09
C ILE B 577 -51.96 -5.21 11.88
N ALA B 578 -51.81 -5.31 13.21
CA ALA B 578 -51.87 -4.14 14.06
C ALA B 578 -50.90 -4.22 15.22
N GLU B 579 -50.33 -3.08 15.56
CA GLU B 579 -49.57 -2.90 16.80
C GLU B 579 -50.12 -1.68 17.52
N THR B 580 -50.24 -1.78 18.84
CA THR B 580 -50.66 -0.65 19.65
C THR B 580 -49.74 -0.58 20.86
N ASP B 581 -49.41 0.63 21.26
CA ASP B 581 -48.50 0.91 22.34
C ASP B 581 -49.27 1.54 23.50
N PRO B 582 -48.61 1.77 24.64
CA PRO B 582 -49.36 2.28 25.80
C PRO B 582 -50.10 3.58 25.53
N LEU B 583 -49.55 4.44 24.68
CA LEU B 583 -50.22 5.68 24.35
C LEU B 583 -51.47 5.46 23.50
N GLY B 584 -51.67 4.25 22.98
CA GLY B 584 -52.83 3.95 22.17
C GLY B 584 -52.69 4.25 20.70
N HIS B 585 -51.52 4.67 20.25
CA HIS B 585 -51.30 4.99 18.85
C HIS B 585 -50.98 3.72 18.08
N SER B 586 -51.77 3.45 17.05
CA SER B 586 -51.76 2.16 16.37
C SER B 586 -51.33 2.29 14.92
N HIS B 587 -50.41 1.41 14.53
CA HIS B 587 -50.06 1.19 13.14
C HIS B 587 -50.83 0.00 12.61
N SER B 588 -51.39 0.13 11.41
CA SER B 588 -52.17 -0.93 10.81
C SER B 588 -51.76 -1.11 9.36
N THR B 589 -51.94 -2.34 8.87
CA THR B 589 -51.57 -2.67 7.50
C THR B 589 -52.54 -3.73 6.99
N LEU B 590 -52.91 -3.61 5.73
CA LEU B 590 -53.79 -4.56 5.05
C LEU B 590 -53.02 -5.20 3.91
N TRP B 591 -52.90 -6.52 3.94
CA TRP B 591 -52.10 -7.24 2.97
C TRP B 591 -52.97 -7.73 1.81
N LEU B 592 -52.41 -8.57 0.95
CA LEU B 592 -53.11 -9.25 -0.12
C LEU B 592 -53.28 -10.73 0.22
N GLU B 593 -53.83 -11.47 -0.74
CA GLU B 593 -54.04 -12.91 -0.62
C GLU B 593 -53.09 -13.73 -1.47
N HIS B 594 -52.84 -13.33 -2.72
CA HIS B 594 -51.96 -14.11 -3.59
C HIS B 594 -50.57 -14.26 -2.96
N TRP B 595 -50.03 -13.18 -2.41
CA TRP B 595 -48.72 -13.17 -1.79
C TRP B 595 -48.77 -12.31 -0.55
N SER B 596 -47.71 -12.39 0.27
CA SER B 596 -47.59 -11.59 1.48
C SER B 596 -47.01 -10.22 1.11
N LEU B 597 -47.88 -9.41 0.50
CA LEU B 597 -47.54 -8.08 0.05
C LEU B 597 -48.47 -7.04 0.67
N PRO B 598 -47.94 -5.93 1.17
CA PRO B 598 -48.81 -4.89 1.75
C PRO B 598 -49.50 -4.08 0.67
N GLN B 599 -50.81 -3.97 0.79
CA GLN B 599 -51.63 -3.18 -0.12
C GLN B 599 -51.88 -1.77 0.41
N THR B 600 -52.16 -1.65 1.70
CA THR B 600 -52.43 -0.38 2.33
C THR B 600 -51.68 -0.28 3.65
N LEU B 601 -51.16 0.91 3.92
CA LEU B 601 -50.50 1.22 5.18
C LEU B 601 -51.17 2.43 5.79
N THR B 602 -51.29 2.42 7.12
CA THR B 602 -51.95 3.48 7.85
C THR B 602 -51.05 4.01 8.96
N ASP B 603 -50.92 5.32 9.02
CA ASP B 603 -50.15 5.96 10.07
C ASP B 603 -51.02 6.14 11.32
N PRO B 604 -50.40 6.40 12.46
CA PRO B 604 -51.19 6.62 13.67
C PRO B 604 -52.18 7.77 13.55
N ALA B 605 -51.86 8.78 12.74
CA ALA B 605 -52.76 9.90 12.51
C ALA B 605 -53.94 9.54 11.63
N GLY B 606 -53.89 8.41 10.93
CA GLY B 606 -54.96 7.98 10.04
C GLY B 606 -54.64 8.11 8.57
N GLU B 607 -53.60 8.86 8.22
CA GLU B 607 -53.24 9.00 6.81
C GLU B 607 -52.72 7.69 6.27
N SER B 608 -53.08 7.38 5.03
CA SER B 608 -52.88 6.07 4.44
C SER B 608 -52.01 6.16 3.19
N TRP B 609 -51.19 5.13 3.01
CA TRP B 609 -50.40 4.94 1.81
C TRP B 609 -50.96 3.76 1.03
N HIS B 610 -51.10 3.93 -0.28
CA HIS B 610 -51.66 2.90 -1.13
C HIS B 610 -50.63 2.41 -2.13
N LEU B 611 -50.64 1.10 -2.35
CA LEU B 611 -49.77 0.46 -3.33
C LEU B 611 -50.61 -0.47 -4.19
N ARG B 612 -50.29 -0.51 -5.47
CA ARG B 612 -50.88 -1.47 -6.39
C ARG B 612 -49.75 -2.13 -7.17
N TYR B 613 -49.87 -3.44 -7.37
CA TYR B 613 -48.78 -4.26 -7.86
C TYR B 613 -49.05 -4.81 -9.25
N ASP B 614 -47.97 -5.29 -9.86
CA ASP B 614 -48.00 -6.08 -11.09
C ASP B 614 -48.39 -7.52 -10.75
N PRO B 615 -48.99 -8.25 -11.69
CA PRO B 615 -49.30 -9.66 -11.42
C PRO B 615 -48.10 -10.50 -11.04
N ARG B 616 -46.88 -10.03 -11.30
CA ARG B 616 -45.68 -10.74 -10.89
C ARG B 616 -45.17 -10.31 -9.52
N GLY B 617 -45.85 -9.41 -8.83
CA GLY B 617 -45.43 -8.96 -7.53
C GLY B 617 -44.65 -7.65 -7.55
N ASN B 618 -44.16 -7.23 -8.70
CA ASN B 618 -43.38 -6.01 -8.79
C ASN B 618 -44.25 -4.77 -8.61
N CYS B 619 -43.77 -3.85 -7.77
CA CYS B 619 -44.44 -2.58 -7.55
C CYS B 619 -44.53 -1.78 -8.83
N ILE B 620 -45.73 -1.32 -9.16
CA ILE B 620 -45.96 -0.51 -10.35
C ILE B 620 -46.30 0.93 -10.02
N ALA B 621 -47.04 1.18 -8.93
CA ALA B 621 -47.36 2.53 -8.55
C ALA B 621 -47.56 2.66 -7.05
N GLU B 622 -47.25 3.85 -6.53
CA GLU B 622 -47.42 4.19 -5.12
C GLU B 622 -48.17 5.51 -5.04
N VAL B 623 -49.00 5.63 -4.02
CA VAL B 623 -49.81 6.83 -3.80
C VAL B 623 -49.68 7.28 -2.36
N ASP B 624 -49.42 8.55 -2.16
CA ASP B 624 -49.21 9.16 -0.86
C ASP B 624 -50.50 9.77 -0.34
N PRO B 625 -50.53 10.20 0.92
CA PRO B 625 -51.75 10.80 1.46
C PRO B 625 -52.22 12.02 0.69
N LEU B 626 -51.30 12.80 0.15
CA LEU B 626 -51.66 14.01 -0.60
C LEU B 626 -52.19 13.71 -1.98
N GLY B 627 -52.15 12.45 -2.42
CA GLY B 627 -52.66 12.08 -3.72
C GLY B 627 -51.63 12.05 -4.83
N GLN B 628 -50.42 12.55 -4.57
CA GLN B 628 -49.38 12.53 -5.58
C GLN B 628 -48.90 11.11 -5.83
N VAL B 629 -48.79 10.73 -7.10
CA VAL B 629 -48.52 9.36 -7.51
C VAL B 629 -47.08 9.24 -8.00
N THR B 630 -46.61 8.01 -7.99
CA THR B 630 -45.29 7.64 -8.49
C THR B 630 -45.42 6.35 -9.26
N GLN B 631 -44.78 6.26 -10.42
CA GLN B 631 -44.91 5.12 -11.30
C GLN B 631 -43.55 4.47 -11.54
N TYR B 632 -43.56 3.14 -11.65
CA TYR B 632 -42.37 2.38 -11.95
C TYR B 632 -42.63 1.43 -13.12
N ARG B 633 -41.59 1.20 -13.91
CA ARG B 633 -41.59 0.18 -14.94
C ARG B 633 -40.51 -0.84 -14.60
N HIS B 634 -40.87 -2.11 -14.65
CA HIS B 634 -39.96 -3.21 -14.34
C HIS B 634 -39.66 -4.00 -15.60
N ASP B 635 -38.42 -4.44 -15.72
CA ASP B 635 -37.97 -5.20 -16.87
C ASP B 635 -38.41 -6.65 -16.73
N ALA B 636 -37.94 -7.52 -17.63
CA ALA B 636 -38.31 -8.93 -17.56
C ALA B 636 -37.77 -9.59 -16.30
N HIS B 637 -36.54 -9.24 -15.90
CA HIS B 637 -35.89 -9.86 -14.76
C HIS B 637 -36.21 -9.16 -13.45
N GLY B 638 -37.17 -8.25 -13.43
CA GLY B 638 -37.57 -7.61 -12.20
C GLY B 638 -36.69 -6.47 -11.75
N GLN B 639 -36.00 -5.82 -12.69
CA GLN B 639 -35.15 -4.69 -12.38
C GLN B 639 -35.79 -3.42 -12.91
N VAL B 640 -35.86 -2.40 -12.05
CA VAL B 640 -36.53 -1.17 -12.40
C VAL B 640 -35.72 -0.44 -13.46
N VAL B 641 -36.40 0.02 -14.51
CA VAL B 641 -35.73 0.70 -15.61
C VAL B 641 -36.22 2.13 -15.82
N GLU B 642 -37.42 2.47 -15.37
CA GLU B 642 -37.92 3.83 -15.54
C GLU B 642 -38.74 4.24 -14.34
N ILE B 643 -38.48 5.46 -13.86
CA ILE B 643 -39.20 6.06 -12.75
C ILE B 643 -39.86 7.33 -13.26
N ILE B 644 -41.17 7.44 -13.05
CA ILE B 644 -41.93 8.63 -13.40
C ILE B 644 -42.46 9.17 -12.09
N ASP B 645 -41.99 10.33 -11.69
CA ASP B 645 -42.44 10.97 -10.48
C ASP B 645 -43.56 11.94 -10.82
N ALA B 646 -44.00 12.72 -9.84
CA ALA B 646 -45.01 13.71 -10.11
C ALA B 646 -44.42 14.80 -11.00
N ALA B 647 -45.30 15.53 -11.68
CA ALA B 647 -44.96 16.61 -12.60
C ALA B 647 -44.34 16.10 -13.89
N GLY B 648 -44.33 14.79 -14.13
CA GLY B 648 -43.84 14.25 -15.38
C GLY B 648 -42.35 13.98 -15.45
N ARG B 649 -41.60 14.22 -14.39
CA ARG B 649 -40.17 14.00 -14.41
C ARG B 649 -39.88 12.51 -14.56
N SER B 650 -38.95 12.17 -15.45
CA SER B 650 -38.66 10.79 -15.81
C SER B 650 -37.18 10.48 -15.67
N ARG B 651 -36.87 9.32 -15.09
CA ARG B 651 -35.52 8.81 -15.00
C ARG B 651 -35.49 7.43 -15.63
N LYS B 652 -34.42 7.14 -16.36
CA LYS B 652 -34.27 5.88 -17.07
C LYS B 652 -32.93 5.25 -16.73
N MET B 653 -32.87 3.92 -16.84
CA MET B 653 -31.69 3.17 -16.44
C MET B 653 -31.54 1.94 -17.32
N ARG B 654 -30.29 1.50 -17.45
CA ARG B 654 -29.94 0.27 -18.14
C ARG B 654 -29.17 -0.62 -17.18
N TRP B 655 -29.48 -1.91 -17.21
CA TRP B 655 -28.92 -2.87 -16.26
C TRP B 655 -28.10 -3.91 -16.97
N ASN B 656 -27.17 -4.49 -16.24
CA ASN B 656 -26.28 -5.51 -16.74
C ASN B 656 -26.86 -6.90 -16.49
N SER B 657 -26.39 -7.86 -17.28
CA SER B 657 -26.92 -9.22 -17.19
C SER B 657 -26.63 -9.87 -15.85
N SER B 658 -25.64 -9.38 -15.12
CA SER B 658 -25.31 -9.90 -13.81
C SER B 658 -25.97 -9.14 -12.67
N GLY B 659 -26.83 -8.18 -12.98
CA GLY B 659 -27.49 -7.41 -11.95
C GLY B 659 -26.68 -6.22 -11.50
N GLN B 660 -26.09 -5.51 -12.46
CA GLN B 660 -25.20 -4.39 -12.18
C GLN B 660 -25.57 -3.21 -13.07
N LEU B 661 -25.77 -2.06 -12.45
CA LEU B 661 -26.17 -0.85 -13.16
C LEU B 661 -25.06 -0.37 -14.09
N LEU B 662 -25.47 0.10 -15.25
CA LEU B 662 -24.55 0.60 -16.27
C LEU B 662 -24.74 2.08 -16.57
N GLU B 663 -25.96 2.50 -16.90
CA GLU B 663 -26.23 3.88 -17.29
C GLU B 663 -27.41 4.42 -16.51
N HIS B 664 -27.26 5.62 -15.95
CA HIS B 664 -28.31 6.32 -15.24
C HIS B 664 -28.49 7.70 -15.84
N LEU B 665 -29.74 8.10 -16.01
CA LEU B 665 -30.08 9.39 -16.60
C LEU B 665 -30.99 10.16 -15.66
N ASP B 666 -30.79 11.46 -15.61
CA ASP B 666 -31.60 12.35 -14.79
C ASP B 666 -32.80 12.83 -15.59
N CYS B 667 -33.51 13.81 -15.05
CA CYS B 667 -34.68 14.36 -15.72
C CYS B 667 -34.36 14.79 -17.13
N SER B 668 -33.16 15.34 -17.34
CA SER B 668 -32.67 15.70 -18.66
C SER B 668 -31.72 14.63 -19.17
N GLY B 669 -31.21 14.82 -20.38
CA GLY B 669 -30.33 13.86 -21.00
C GLY B 669 -28.89 13.98 -20.54
N TYR B 670 -28.63 13.70 -19.27
CA TYR B 670 -27.31 13.87 -18.66
C TYR B 670 -26.88 12.55 -18.02
N PRO B 671 -26.25 11.67 -18.79
CA PRO B 671 -25.95 10.32 -18.30
C PRO B 671 -24.68 10.20 -17.47
N THR B 672 -24.71 9.22 -16.58
CA THR B 672 -23.55 8.77 -15.83
C THR B 672 -23.42 7.27 -16.07
N ARG B 673 -22.22 6.83 -16.42
CA ARG B 673 -21.99 5.44 -16.84
C ARG B 673 -20.98 4.77 -15.93
N PHE B 674 -21.05 3.44 -15.90
CA PHE B 674 -20.22 2.61 -15.04
C PHE B 674 -19.53 1.54 -15.89
N GLU B 675 -18.40 1.06 -15.39
CA GLU B 675 -17.63 0.01 -16.05
C GLU B 675 -17.10 -0.97 -15.03
N TYR B 676 -17.28 -2.26 -15.29
CA TYR B 676 -17.04 -3.30 -14.31
C TYR B 676 -15.91 -4.22 -14.76
N ASP B 677 -15.17 -4.75 -13.79
CA ASP B 677 -14.04 -5.63 -14.04
C ASP B 677 -14.48 -7.09 -14.03
N ARG B 678 -13.54 -8.00 -14.30
CA ARG B 678 -13.88 -9.40 -14.44
C ARG B 678 -14.45 -9.99 -13.15
N ARG B 679 -13.86 -9.63 -12.02
CA ARG B 679 -14.36 -10.12 -10.74
C ARG B 679 -15.70 -9.52 -10.37
N GLY B 680 -16.15 -8.49 -11.07
CA GLY B 680 -17.44 -7.90 -10.82
C GLY B 680 -17.46 -6.64 -9.99
N ASN B 681 -16.33 -5.98 -9.82
CA ASN B 681 -16.23 -4.75 -9.07
C ASN B 681 -16.31 -3.53 -9.98
N VAL B 682 -16.56 -2.39 -9.36
CA VAL B 682 -16.68 -1.11 -10.08
C VAL B 682 -15.27 -0.64 -10.43
N LYS B 683 -14.89 -0.85 -11.69
CA LYS B 683 -13.59 -0.43 -12.17
C LYS B 683 -13.51 1.07 -12.38
N ALA B 684 -14.56 1.66 -12.95
CA ALA B 684 -14.52 3.06 -13.33
C ALA B 684 -15.91 3.66 -13.34
N ILE B 685 -15.95 4.99 -13.26
CA ILE B 685 -17.18 5.77 -13.22
C ILE B 685 -16.98 6.97 -14.13
N ILE B 686 -17.97 7.24 -14.97
CA ILE B 686 -17.90 8.31 -15.96
C ILE B 686 -19.04 9.28 -15.73
N ASP B 687 -18.73 10.56 -15.63
CA ASP B 687 -19.73 11.58 -15.38
C ASP B 687 -20.24 12.15 -16.69
N ALA B 688 -21.10 13.18 -16.59
CA ALA B 688 -21.69 13.79 -17.77
C ALA B 688 -20.63 14.45 -18.63
N LEU B 689 -19.72 15.20 -18.01
CA LEU B 689 -18.68 15.91 -18.77
C LEU B 689 -17.66 14.96 -19.39
N GLY B 690 -17.61 13.70 -18.96
CA GLY B 690 -16.67 12.74 -19.50
C GLY B 690 -15.46 12.46 -18.64
N GLU B 691 -15.39 13.03 -17.45
CA GLU B 691 -14.25 12.76 -16.56
C GLU B 691 -14.32 11.33 -16.00
N HIS B 692 -13.19 10.66 -15.98
CA HIS B 692 -13.09 9.28 -15.55
C HIS B 692 -12.43 9.19 -14.17
N THR B 693 -12.97 8.31 -13.34
CA THR B 693 -12.40 7.95 -12.06
C THR B 693 -12.16 6.45 -12.03
N ARG B 694 -10.97 6.03 -11.64
CA ARG B 694 -10.54 4.64 -11.74
C ARG B 694 -10.27 4.09 -10.34
N PHE B 695 -10.51 2.79 -10.19
CA PHE B 695 -10.26 2.09 -8.94
C PHE B 695 -9.55 0.78 -9.23
N HIS B 696 -8.63 0.43 -8.33
CA HIS B 696 -7.88 -0.81 -8.42
C HIS B 696 -8.07 -1.57 -7.12
N TYR B 697 -8.62 -2.78 -7.22
CA TYR B 697 -8.96 -3.59 -6.06
C TYR B 697 -7.96 -4.73 -5.89
N ASP B 698 -8.18 -5.52 -4.86
CA ASP B 698 -7.41 -6.72 -4.60
C ASP B 698 -8.12 -7.93 -5.20
N CYS B 699 -7.52 -9.10 -5.02
CA CYS B 699 -8.19 -10.33 -5.42
C CYS B 699 -9.43 -10.60 -4.58
N GLN B 700 -9.40 -10.20 -3.31
CA GLN B 700 -10.54 -10.37 -2.42
C GLN B 700 -11.53 -9.23 -2.50
N GLY B 701 -11.29 -8.24 -3.35
CA GLY B 701 -12.18 -7.10 -3.47
C GLY B 701 -11.86 -5.93 -2.59
N ARG B 702 -10.85 -6.04 -1.71
CA ARG B 702 -10.52 -4.95 -0.82
C ARG B 702 -9.84 -3.83 -1.60
N LEU B 703 -10.36 -2.62 -1.44
CA LEU B 703 -9.88 -1.48 -2.19
C LEU B 703 -8.44 -1.16 -1.83
N LEU B 704 -7.65 -0.79 -2.84
CA LEU B 704 -6.25 -0.43 -2.68
C LEU B 704 -5.97 1.00 -3.10
N SER B 705 -6.46 1.41 -4.26
CA SER B 705 -6.17 2.73 -4.77
C SER B 705 -7.37 3.29 -5.51
N SER B 706 -7.49 4.61 -5.44
CA SER B 706 -8.47 5.37 -6.18
C SER B 706 -7.72 6.47 -6.91
N GLN B 707 -8.18 6.79 -8.11
CA GLN B 707 -7.41 7.68 -8.96
C GLN B 707 -8.35 8.53 -9.81
N LEU B 708 -7.90 9.74 -10.11
CA LEU B 708 -8.70 10.71 -10.85
C LEU B 708 -8.04 11.01 -12.19
N ALA B 709 -8.77 11.78 -13.00
CA ALA B 709 -8.30 12.13 -14.34
C ALA B 709 -7.14 13.11 -14.28
N ASP B 710 -7.18 14.06 -13.35
CA ASP B 710 -6.11 15.03 -13.22
C ASP B 710 -4.79 14.37 -12.81
N GLY B 711 -4.82 13.14 -12.32
CA GLY B 711 -3.64 12.40 -11.97
C GLY B 711 -3.46 12.12 -10.49
N ARG B 712 -4.18 12.82 -9.62
CA ARG B 712 -4.06 12.57 -8.19
C ARG B 712 -4.59 11.20 -7.82
N ALA B 713 -3.98 10.60 -6.80
CA ALA B 713 -4.31 9.25 -6.40
C ALA B 713 -4.30 9.13 -4.88
N GLU B 714 -5.05 8.15 -4.40
CA GLU B 714 -5.16 7.82 -2.99
C GLU B 714 -4.88 6.34 -2.82
N HIS B 715 -4.12 6.00 -1.80
CA HIS B 715 -3.70 4.63 -1.56
C HIS B 715 -4.13 4.20 -0.17
N PHE B 716 -4.62 2.96 -0.08
CA PHE B 716 -5.07 2.38 1.18
C PHE B 716 -4.26 1.13 1.46
N GLN B 717 -3.76 1.04 2.69
CA GLN B 717 -2.94 -0.07 3.14
C GLN B 717 -3.68 -0.81 4.24
N ARG B 718 -3.79 -2.13 4.08
CA ARG B 718 -4.52 -2.96 5.01
C ARG B 718 -3.73 -4.25 5.24
N SER B 719 -4.04 -4.91 6.35
CA SER B 719 -3.47 -6.21 6.67
C SER B 719 -4.62 -7.13 7.08
N SER B 720 -4.65 -8.33 6.50
CA SER B 720 -5.72 -9.28 6.83
C SER B 720 -5.70 -9.62 8.32
N ASN B 721 -4.51 -9.86 8.88
CA ASN B 721 -4.36 -10.15 10.29
C ASN B 721 -3.34 -9.24 10.97
N GLY B 722 -2.77 -8.27 10.24
CA GLY B 722 -1.79 -7.39 10.84
C GLY B 722 -2.36 -6.34 11.74
N GLN B 723 -3.68 -6.11 11.67
CA GLN B 723 -4.34 -5.12 12.53
C GLN B 723 -3.75 -3.74 12.36
N LEU B 724 -3.43 -3.38 11.11
CA LEU B 724 -2.85 -2.09 10.79
C LEU B 724 -3.51 -1.61 9.50
N GLN B 725 -3.83 -0.32 9.47
CA GLN B 725 -4.41 0.29 8.29
C GLN B 725 -3.77 1.66 8.08
N GLY B 726 -3.77 2.10 6.83
CA GLY B 726 -3.13 3.34 6.48
C GLY B 726 -3.77 4.01 5.30
N TYR B 727 -3.86 5.34 5.34
CA TYR B 727 -4.40 6.13 4.25
C TYR B 727 -3.36 7.14 3.83
N THR B 728 -3.05 7.16 2.54
CA THR B 728 -2.05 8.05 1.98
C THR B 728 -2.74 9.14 1.19
N ASP B 729 -2.60 10.37 1.67
CA ASP B 729 -3.22 11.51 1.05
C ASP B 729 -2.59 11.75 -0.33
N PRO B 730 -3.33 12.36 -1.26
CA PRO B 730 -2.72 12.68 -2.55
C PRO B 730 -1.48 13.54 -2.44
N SER B 731 -1.29 14.22 -1.32
CA SER B 731 -0.09 14.97 -1.07
C SER B 731 1.06 14.12 -0.54
N GLY B 732 0.82 12.82 -0.31
CA GLY B 732 1.85 11.90 0.09
C GLY B 732 1.87 11.55 1.56
N TYR B 733 1.11 12.25 2.39
CA TYR B 733 1.17 12.05 3.83
C TYR B 733 0.29 10.89 4.27
N THR B 734 0.75 10.16 5.28
CA THR B 734 0.13 8.92 5.74
C THR B 734 -0.48 9.07 7.11
N THR B 735 -1.64 8.48 7.29
CA THR B 735 -2.34 8.39 8.56
C THR B 735 -2.49 6.92 8.92
N LEU B 736 -2.15 6.57 10.14
CA LEU B 736 -2.09 5.17 10.58
C LEU B 736 -3.09 4.90 11.69
N TYR B 737 -3.68 3.72 11.64
CA TYR B 737 -4.59 3.22 12.65
C TYR B 737 -4.16 1.83 13.11
N GLN B 738 -4.22 1.59 14.41
CA GLN B 738 -3.86 0.30 14.99
C GLN B 738 -4.98 -0.19 15.87
N TYR B 739 -5.38 -1.44 15.69
CA TYR B 739 -6.50 -2.05 16.39
C TYR B 739 -6.01 -3.09 17.38
N ASN B 740 -6.96 -3.72 18.05
CA ASN B 740 -6.71 -4.73 19.06
C ASN B 740 -7.34 -6.05 18.64
N ARG B 741 -7.30 -7.02 19.56
CA ARG B 741 -7.76 -8.36 19.24
C ARG B 741 -9.25 -8.42 18.97
N ARG B 742 -10.02 -7.52 19.55
CA ARG B 742 -11.45 -7.44 19.30
C ARG B 742 -11.80 -6.57 18.09
N GLY B 743 -10.80 -5.98 17.43
CA GLY B 743 -11.06 -5.08 16.34
C GLY B 743 -11.34 -3.65 16.73
N GLN B 744 -11.35 -3.36 18.03
CA GLN B 744 -11.55 -2.01 18.50
C GLN B 744 -10.34 -1.13 18.19
N ILE B 745 -10.61 0.10 17.76
CA ILE B 745 -9.52 1.04 17.53
C ILE B 745 -8.81 1.32 18.85
N ARG B 746 -7.49 1.28 18.80
CA ARG B 746 -6.66 1.46 19.98
C ARG B 746 -5.74 2.67 19.89
N GLN B 747 -5.17 2.94 18.73
CA GLN B 747 -4.24 4.03 18.57
C GLN B 747 -4.36 4.64 17.19
N ARG B 748 -4.26 5.95 17.12
CA ARG B 748 -4.22 6.68 15.86
C ARG B 748 -2.98 7.55 15.85
N ILE B 749 -2.36 7.64 14.69
CA ILE B 749 -1.14 8.42 14.50
C ILE B 749 -1.35 9.29 13.27
N ASP B 750 -1.18 10.60 13.44
CA ASP B 750 -1.41 11.55 12.38
C ASP B 750 -0.17 11.62 11.49
N ALA B 751 -0.17 12.58 10.56
CA ALA B 751 0.97 12.74 9.67
C ALA B 751 2.22 13.20 10.41
N HIS B 752 2.06 13.98 11.47
CA HIS B 752 3.18 14.56 12.20
C HIS B 752 3.49 13.83 13.50
N GLY B 753 3.02 12.60 13.64
CA GLY B 753 3.33 11.81 14.80
C GLY B 753 2.47 12.06 16.01
N ARG B 754 1.44 12.88 15.90
CA ARG B 754 0.56 13.13 17.03
C ARG B 754 -0.22 11.86 17.33
N GLN B 755 -0.02 11.30 18.51
CA GLN B 755 -0.56 10.00 18.88
C GLN B 755 -1.77 10.18 19.79
N VAL B 756 -2.91 9.63 19.37
CA VAL B 756 -4.13 9.58 20.16
C VAL B 756 -4.37 8.13 20.54
N ARG B 757 -4.64 7.88 21.81
CA ARG B 757 -4.72 6.52 22.33
C ARG B 757 -6.03 6.29 23.04
N PHE B 758 -6.45 5.03 23.08
CA PHE B 758 -7.65 4.61 23.77
C PHE B 758 -7.31 3.47 24.73
N ASP B 759 -8.12 3.33 25.76
CA ASP B 759 -7.98 2.25 26.73
C ASP B 759 -9.31 1.55 26.93
N TYR B 760 -9.25 0.22 27.03
CA TYR B 760 -10.44 -0.60 27.14
C TYR B 760 -10.33 -1.53 28.34
N ASP B 761 -11.49 -1.86 28.90
CA ASP B 761 -11.56 -2.83 29.98
C ASP B 761 -11.56 -4.25 29.43
N ALA B 762 -11.45 -5.22 30.35
CA ALA B 762 -11.48 -6.63 29.96
C ALA B 762 -12.75 -6.99 29.22
N TYR B 763 -13.85 -6.31 29.52
CA TYR B 763 -15.15 -6.60 28.94
C TYR B 763 -15.45 -5.74 27.72
N GLY B 764 -14.49 -4.95 27.26
CA GLY B 764 -14.66 -4.17 26.05
C GLY B 764 -15.29 -2.81 26.26
N ARG B 765 -15.29 -2.29 27.47
CA ARG B 765 -15.90 -1.01 27.79
C ARG B 765 -14.84 0.07 27.86
N LEU B 766 -15.03 1.14 27.11
CA LEU B 766 -14.10 2.26 27.10
C LEU B 766 -13.99 2.88 28.48
N LEU B 767 -12.76 3.18 28.88
CA LEU B 767 -12.46 3.80 30.16
C LEU B 767 -11.77 5.13 30.02
N ALA B 768 -10.74 5.21 29.19
CA ALA B 768 -9.94 6.42 29.05
C ALA B 768 -9.69 6.74 27.59
N LEU B 769 -9.69 8.04 27.29
CA LEU B 769 -9.38 8.56 25.98
C LEU B 769 -8.28 9.59 26.17
N THR B 770 -7.09 9.27 25.69
CA THR B 770 -5.89 10.04 25.95
C THR B 770 -5.54 10.91 24.75
N ASN B 771 -5.37 12.20 25.01
CA ASN B 771 -5.22 13.20 23.97
C ASN B 771 -3.78 13.22 23.47
N GLU B 772 -3.52 14.09 22.49
CA GLU B 772 -2.20 14.19 21.88
C GLU B 772 -1.15 14.59 22.89
N ASN B 773 -1.47 15.56 23.75
CA ASN B 773 -0.50 16.10 24.68
C ASN B 773 -0.26 15.16 25.87
N GLY B 774 -1.32 14.51 26.36
CA GLY B 774 -1.20 13.66 27.52
C GLY B 774 -2.43 13.69 28.42
N GLU B 775 -3.23 14.74 28.29
CA GLU B 775 -4.44 14.87 29.08
C GLU B 775 -5.48 13.84 28.62
N SER B 776 -6.19 13.26 29.60
CA SER B 776 -7.09 12.15 29.36
C SER B 776 -8.48 12.42 29.91
N TYR B 777 -9.49 12.09 29.12
CA TYR B 777 -10.87 12.01 29.58
C TYR B 777 -11.15 10.61 30.13
N ARG B 778 -12.04 10.53 31.11
CA ARG B 778 -12.34 9.30 31.80
C ARG B 778 -13.83 9.02 31.80
N PHE B 779 -14.18 7.74 31.84
CA PHE B 779 -15.57 7.29 31.82
C PHE B 779 -15.73 6.17 32.83
N ALA B 780 -16.96 6.02 33.33
CA ALA B 780 -17.30 4.96 34.26
C ALA B 780 -18.70 4.44 33.97
N TRP B 781 -18.81 3.13 33.82
CA TRP B 781 -20.04 2.49 33.39
C TRP B 781 -20.71 1.76 34.54
N ASP B 782 -22.01 1.54 34.40
CA ASP B 782 -22.81 0.85 35.39
C ASP B 782 -22.95 -0.62 35.01
N ALA B 783 -23.82 -1.33 35.74
CA ALA B 783 -24.01 -2.75 35.47
C ALA B 783 -24.59 -2.99 34.08
N GLY B 784 -25.51 -2.13 33.66
CA GLY B 784 -26.19 -2.29 32.39
C GLY B 784 -25.45 -1.69 31.21
N ASN B 785 -24.18 -1.32 31.38
CA ASN B 785 -23.40 -0.72 30.32
C ASN B 785 -23.99 0.62 29.88
N ARG B 786 -24.58 1.35 30.82
CA ARG B 786 -25.07 2.70 30.59
C ARG B 786 -24.10 3.69 31.17
N LEU B 787 -23.79 4.74 30.41
CA LEU B 787 -22.87 5.76 30.88
C LEU B 787 -23.36 6.35 32.18
N SER B 788 -22.52 6.29 33.21
CA SER B 788 -22.82 6.87 34.51
C SER B 788 -22.11 8.19 34.75
N GLU B 789 -20.80 8.22 34.59
CA GLU B 789 -19.99 9.38 34.93
C GLU B 789 -18.99 9.68 33.82
N GLN B 790 -18.79 10.97 33.58
CA GLN B 790 -17.84 11.46 32.58
C GLN B 790 -17.01 12.56 33.21
N GLN B 791 -15.69 12.46 33.08
CA GLN B 791 -14.75 13.43 33.59
C GLN B 791 -13.95 14.04 32.45
N ASP B 792 -13.87 15.35 32.42
CA ASP B 792 -13.13 16.07 31.40
C ASP B 792 -11.68 16.21 31.84
N LEU B 793 -10.93 17.08 31.16
CA LEU B 793 -9.52 17.27 31.50
C LEU B 793 -9.35 17.99 32.81
N ASP B 794 -10.19 19.00 33.07
CA ASP B 794 -10.05 19.88 34.22
C ASP B 794 -10.65 19.30 35.49
N GLY B 795 -11.26 18.12 35.43
CA GLY B 795 -11.89 17.53 36.59
C GLY B 795 -13.39 17.71 36.65
N SER B 796 -13.94 18.61 35.86
CA SER B 796 -15.39 18.79 35.83
C SER B 796 -16.06 17.48 35.47
N ALA B 797 -17.04 17.08 36.27
CA ALA B 797 -17.69 15.79 36.15
C ALA B 797 -19.16 15.95 35.84
N LYS B 798 -19.69 14.98 35.10
CA LYS B 798 -21.12 14.86 34.83
C LYS B 798 -21.58 13.49 35.29
N ARG B 799 -22.63 13.45 36.08
CA ARG B 799 -23.19 12.21 36.60
C ARG B 799 -24.63 12.11 36.12
N TYR B 800 -25.00 10.94 35.62
CA TYR B 800 -26.32 10.71 35.07
C TYR B 800 -27.11 9.76 35.96
N GLY B 801 -28.42 9.99 35.99
CA GLY B 801 -29.34 9.13 36.69
C GLY B 801 -30.39 8.61 35.74
N TYR B 802 -30.63 7.30 35.76
CA TYR B 802 -31.50 6.65 34.80
C TYR B 802 -32.73 6.10 35.51
N ASP B 803 -33.85 6.12 34.80
CA ASP B 803 -35.10 5.61 35.35
C ASP B 803 -35.14 4.09 35.21
N LEU B 804 -36.32 3.53 35.44
CA LEU B 804 -36.52 2.10 35.33
C LEU B 804 -36.60 1.62 33.88
N LEU B 805 -36.62 2.54 32.92
CA LEU B 805 -36.78 2.21 31.51
C LEU B 805 -35.65 2.78 30.66
N ASN B 806 -34.45 2.87 31.24
CA ASN B 806 -33.24 3.30 30.53
C ASN B 806 -33.39 4.68 29.90
N ASN B 807 -33.93 5.62 30.68
CA ASN B 807 -34.03 7.02 30.29
C ASN B 807 -33.47 7.89 31.41
N VAL B 808 -32.78 8.95 31.03
CA VAL B 808 -32.17 9.85 31.99
C VAL B 808 -33.23 10.77 32.58
N VAL B 809 -33.18 10.95 33.91
CA VAL B 809 -34.07 11.88 34.58
C VAL B 809 -33.34 12.91 35.42
N GLU B 810 -32.11 12.66 35.85
CA GLU B 810 -31.34 13.64 36.61
C GLU B 810 -29.97 13.80 35.98
N LEU B 811 -29.55 15.05 35.78
CA LEU B 811 -28.23 15.39 35.29
C LEU B 811 -27.57 16.33 36.29
N GLN B 812 -26.41 15.94 36.80
CA GLN B 812 -25.65 16.72 37.77
C GLN B 812 -24.30 17.08 37.19
N SER B 813 -23.96 18.36 37.22
CA SER B 813 -22.66 18.85 36.80
C SER B 813 -21.91 19.35 38.03
N HIS B 814 -20.75 18.76 38.30
CA HIS B 814 -19.92 19.10 39.44
C HIS B 814 -18.70 19.88 39.00
N PRO B 815 -18.45 21.06 39.56
CA PRO B 815 -17.29 21.85 39.14
C PRO B 815 -15.99 21.24 39.62
N ALA B 816 -14.91 21.65 38.94
CA ALA B 816 -13.59 21.15 39.26
C ALA B 816 -13.13 21.67 40.62
N PRO B 817 -12.30 20.90 41.33
CA PRO B 817 -11.76 21.34 42.63
C PRO B 817 -10.69 22.41 42.47
N ALA B 831 -20.74 25.45 43.27
CA ALA B 831 -21.87 24.58 43.57
C ALA B 831 -22.30 23.82 42.33
N PRO B 832 -22.92 22.66 42.53
CA PRO B 832 -23.35 21.86 41.38
C PRO B 832 -24.56 22.45 40.68
N ILE B 833 -24.74 22.02 39.44
CA ILE B 833 -25.90 22.36 38.62
C ILE B 833 -26.72 21.10 38.43
N ILE B 834 -28.03 21.20 38.64
CA ILE B 834 -28.93 20.05 38.59
C ILE B 834 -30.03 20.33 37.59
N HIS B 835 -30.21 19.40 36.65
CA HIS B 835 -31.33 19.42 35.73
C HIS B 835 -32.14 18.16 35.93
N ARG B 836 -33.46 18.31 35.97
CA ARG B 836 -34.37 17.21 36.23
C ARG B 836 -35.36 17.10 35.08
N PHE B 837 -35.77 15.88 34.79
CA PHE B 837 -36.63 15.60 33.65
C PHE B 837 -37.83 14.77 34.07
N GLU B 838 -38.92 14.93 33.33
CA GLU B 838 -40.13 14.16 33.54
C GLU B 838 -40.67 13.80 32.16
N ARG B 839 -40.81 12.51 31.91
CA ARG B 839 -41.08 11.97 30.58
C ARG B 839 -42.28 11.04 30.64
N ASP B 840 -42.85 10.77 29.46
CA ASP B 840 -44.05 9.96 29.37
C ASP B 840 -43.70 8.47 29.52
N ALA B 841 -44.70 7.60 29.34
CA ALA B 841 -44.45 6.17 29.40
C ALA B 841 -43.44 5.75 28.34
N VAL B 842 -43.56 6.30 27.13
CA VAL B 842 -42.57 6.10 26.08
C VAL B 842 -41.39 7.00 26.43
N GLY B 843 -40.41 7.10 25.55
CA GLY B 843 -39.18 7.82 25.85
C GLY B 843 -39.26 9.32 25.73
N ARG B 844 -40.32 9.83 25.09
CA ARG B 844 -40.38 11.25 24.74
C ARG B 844 -40.48 12.11 25.98
N LEU B 845 -39.88 13.29 25.91
CA LEU B 845 -39.71 14.18 27.05
C LEU B 845 -40.84 15.20 27.13
N LEU B 846 -41.34 15.41 28.34
CA LEU B 846 -42.43 16.33 28.61
C LEU B 846 -41.97 17.61 29.32
N ALA B 847 -41.23 17.46 30.41
CA ALA B 847 -40.89 18.58 31.28
C ALA B 847 -39.42 18.58 31.63
N LYS B 848 -38.82 19.76 31.60
CA LYS B 848 -37.47 19.98 32.05
C LYS B 848 -37.51 21.02 33.17
N ILE B 849 -36.81 20.73 34.26
CA ILE B 849 -36.82 21.58 35.44
C ILE B 849 -35.39 22.02 35.73
N THR B 850 -35.19 23.33 35.83
CA THR B 850 -33.92 23.89 36.24
C THR B 850 -34.20 25.00 37.23
N ASP B 851 -33.14 25.42 37.94
CA ASP B 851 -33.29 26.53 38.87
C ASP B 851 -33.75 27.79 38.17
N ASP B 852 -33.56 27.89 36.85
CA ASP B 852 -34.03 29.03 36.09
C ASP B 852 -35.54 29.01 35.88
N GLY B 853 -36.14 27.84 35.81
CA GLY B 853 -37.59 27.77 35.63
C GLY B 853 -38.03 26.40 35.13
N ARG B 854 -39.12 26.39 34.37
CA ARG B 854 -39.75 25.19 33.88
C ARG B 854 -39.98 25.28 32.39
N SER B 855 -39.82 24.14 31.71
CA SER B 855 -40.06 24.02 30.27
C SER B 855 -41.04 22.89 30.03
N GLN B 856 -42.02 23.13 29.17
CA GLN B 856 -43.09 22.18 28.89
C GLN B 856 -43.16 21.92 27.40
N TYR B 857 -43.37 20.66 27.02
CA TYR B 857 -43.45 20.26 25.63
C TYR B 857 -44.73 19.47 25.38
N THR B 858 -45.15 19.47 24.11
CA THR B 858 -46.34 18.76 23.69
C THR B 858 -46.16 18.28 22.26
N TYR B 859 -46.32 16.97 22.04
CA TYR B 859 -46.06 16.35 20.76
C TYR B 859 -47.35 15.94 20.07
N ASP B 860 -47.19 15.59 18.79
CA ASP B 860 -48.21 14.90 18.03
C ASP B 860 -48.02 13.40 18.18
N PRO B 861 -48.99 12.59 17.77
CA PRO B 861 -48.83 11.14 17.89
C PRO B 861 -47.63 10.61 17.13
N LEU B 862 -47.18 11.32 16.09
CA LEU B 862 -45.97 10.96 15.34
C LEU B 862 -44.69 11.44 16.00
N ASN B 863 -44.75 11.84 17.28
CA ASN B 863 -43.57 12.27 18.00
C ASN B 863 -42.90 13.46 17.30
N GLN B 864 -43.72 14.36 16.79
CA GLN B 864 -43.27 15.62 16.21
C GLN B 864 -43.79 16.77 17.07
N LEU B 865 -42.87 17.61 17.53
CA LEU B 865 -43.19 18.68 18.46
C LEU B 865 -44.18 19.65 17.85
N THR B 866 -45.21 19.99 18.61
CA THR B 866 -46.27 20.90 18.16
C THR B 866 -46.46 22.11 19.05
N ALA B 867 -46.11 22.03 20.33
CA ALA B 867 -46.23 23.17 21.23
C ALA B 867 -45.09 23.13 22.23
N ALA B 868 -44.62 24.32 22.61
CA ALA B 868 -43.54 24.46 23.57
C ALA B 868 -43.86 25.61 24.50
N SER B 869 -43.33 25.55 25.72
CA SER B 869 -43.58 26.59 26.70
C SER B 869 -42.43 26.70 27.67
N PHE B 870 -42.18 27.92 28.13
CA PHE B 870 -41.27 28.17 29.24
C PHE B 870 -41.94 29.12 30.22
N THR B 871 -41.83 28.79 31.49
CA THR B 871 -42.39 29.61 32.56
C THR B 871 -41.28 29.91 33.56
N ASP B 872 -41.09 31.19 33.87
CA ASP B 872 -40.03 31.58 34.77
C ASP B 872 -40.36 31.22 36.21
N ASN B 873 -39.39 31.44 37.08
CA ASN B 873 -39.54 31.19 38.51
C ASN B 873 -40.23 32.42 39.10
N LEU B 874 -41.55 32.34 39.25
CA LEU B 874 -42.35 33.46 39.75
C LEU B 874 -42.23 34.65 38.80
N GLY B 875 -42.63 34.42 37.57
CA GLY B 875 -42.51 35.43 36.55
C GLY B 875 -43.46 35.18 35.39
N ASN B 876 -43.09 35.72 34.23
CA ASN B 876 -43.95 35.67 33.06
C ASN B 876 -43.81 34.33 32.34
N GLN B 877 -44.58 34.17 31.27
CA GLN B 877 -44.61 32.94 30.51
C GLN B 877 -44.66 33.24 29.02
N GLN B 878 -44.01 32.38 28.24
CA GLN B 878 -43.96 32.50 26.79
C GLN B 878 -44.18 31.13 26.17
N ALA B 879 -44.61 31.11 24.91
CA ALA B 879 -45.04 29.87 24.29
C ALA B 879 -44.86 29.93 22.78
N LEU B 880 -44.74 28.74 22.19
CA LEU B 880 -44.58 28.56 20.75
C LEU B 880 -45.50 27.45 20.26
N SER B 881 -45.94 27.58 19.00
CA SER B 881 -46.80 26.61 18.37
C SER B 881 -46.30 26.27 16.97
N PHE B 882 -46.56 25.04 16.55
CA PHE B 882 -46.20 24.57 15.21
C PHE B 882 -47.38 23.85 14.58
N SER B 883 -47.34 23.73 13.26
CA SER B 883 -48.37 23.03 12.51
C SER B 883 -47.74 22.41 11.27
N TYR B 884 -47.76 21.09 11.21
CA TYR B 884 -47.13 20.36 10.12
C TYR B 884 -48.17 19.96 9.07
N ASP B 885 -47.72 19.17 8.11
CA ASP B 885 -48.52 18.62 7.03
C ASP B 885 -48.66 17.11 7.23
N ALA B 886 -49.29 16.44 6.27
CA ALA B 886 -49.45 15.00 6.36
C ALA B 886 -48.12 14.27 6.33
N LEU B 887 -47.11 14.85 5.66
CA LEU B 887 -45.80 14.22 5.53
C LEU B 887 -44.78 14.75 6.52
N GLY B 888 -45.20 15.52 7.52
CA GLY B 888 -44.28 16.11 8.45
C GLY B 888 -43.71 17.45 8.03
N GLN B 889 -44.01 17.91 6.82
CA GLN B 889 -43.54 19.21 6.38
C GLN B 889 -44.11 20.31 7.27
N LEU B 890 -43.25 21.23 7.69
CA LEU B 890 -43.65 22.35 8.54
C LEU B 890 -44.28 23.43 7.67
N LEU B 891 -45.54 23.73 7.93
CA LEU B 891 -46.29 24.73 7.19
C LEU B 891 -46.37 26.06 7.91
N GLU B 892 -46.62 26.04 9.22
CA GLU B 892 -46.79 27.26 9.99
C GLU B 892 -46.04 27.17 11.30
N GLU B 893 -45.48 28.30 11.70
CA GLU B 893 -44.83 28.47 12.99
C GLU B 893 -45.33 29.78 13.57
N HIS B 894 -45.82 29.74 14.79
CA HIS B 894 -46.45 30.89 15.43
C HIS B 894 -45.73 31.19 16.74
N THR B 895 -45.27 32.42 16.90
CA THR B 895 -44.56 32.84 18.09
C THR B 895 -44.99 34.26 18.46
N VAL B 896 -44.44 34.76 19.55
CA VAL B 896 -44.78 36.10 20.02
C VAL B 896 -44.49 37.14 18.95
N ALA B 897 -43.47 36.90 18.12
CA ALA B 897 -43.16 37.80 17.03
C ALA B 897 -44.27 37.82 15.98
N GLY B 898 -44.82 36.66 15.65
CA GLY B 898 -45.84 36.60 14.62
C GLY B 898 -45.89 35.20 14.00
N SER B 899 -46.34 35.16 12.75
CA SER B 899 -46.60 33.92 12.04
C SER B 899 -45.72 33.79 10.80
N LEU B 900 -45.09 32.63 10.66
CA LEU B 900 -44.37 32.25 9.46
C LEU B 900 -45.15 31.16 8.73
N ILE B 901 -45.32 31.33 7.43
CA ILE B 901 -46.13 30.45 6.61
C ILE B 901 -45.30 29.97 5.43
N HIS B 902 -45.37 28.67 5.16
CA HIS B 902 -44.67 28.07 4.04
C HIS B 902 -45.64 27.35 3.13
N ARG B 903 -45.22 27.15 1.89
CA ARG B 903 -45.96 26.36 0.92
C ARG B 903 -44.98 25.59 0.06
N TYR B 904 -45.15 24.29 0.00
CA TYR B 904 -44.22 23.42 -0.70
C TYR B 904 -44.81 22.95 -2.03
N ASP B 905 -43.93 22.36 -2.83
CA ASP B 905 -44.31 21.71 -4.08
C ASP B 905 -44.40 20.21 -3.85
N GLU B 906 -44.92 19.50 -4.86
CA GLU B 906 -45.05 18.06 -4.75
C GLU B 906 -43.69 17.36 -4.64
N LEU B 907 -42.62 18.02 -5.05
CA LEU B 907 -41.29 17.43 -4.93
C LEU B 907 -40.63 17.72 -3.58
N GLY B 908 -41.33 18.41 -2.68
CA GLY B 908 -40.80 18.73 -1.38
C GLY B 908 -40.08 20.06 -1.28
N ASN B 909 -39.85 20.74 -2.40
CA ASN B 909 -39.14 22.01 -2.39
C ASN B 909 -39.98 23.10 -1.73
N LEU B 910 -39.28 24.07 -1.16
CA LEU B 910 -39.90 25.23 -0.52
C LEU B 910 -40.24 26.27 -1.59
N THR B 911 -41.47 26.18 -2.11
CA THR B 911 -41.87 27.06 -3.21
C THR B 911 -41.89 28.52 -2.79
N GLN B 912 -42.56 28.83 -1.69
CA GLN B 912 -42.70 30.21 -1.28
C GLN B 912 -42.94 30.30 0.22
N THR B 913 -42.71 31.50 0.75
CA THR B 913 -42.83 31.78 2.16
C THR B 913 -43.45 33.16 2.36
N GLN B 914 -44.03 33.36 3.54
CA GLN B 914 -44.69 34.61 3.87
C GLN B 914 -44.15 35.14 5.18
N LEU B 915 -43.81 36.39 5.19
CA LEU B 915 -43.26 37.06 6.35
C LEU B 915 -44.36 37.57 7.27
N PRO B 916 -44.02 37.91 8.51
CA PRO B 916 -45.01 38.57 9.37
C PRO B 916 -45.53 39.85 8.77
N ASP B 917 -44.70 40.56 8.01
CA ASP B 917 -45.12 41.77 7.32
C ASP B 917 -45.94 41.49 6.06
N LYS B 918 -46.26 40.23 5.79
CA LYS B 918 -47.16 39.80 4.72
C LYS B 918 -46.53 39.83 3.33
N ARG B 919 -45.22 40.01 3.21
CA ARG B 919 -44.56 39.92 1.92
C ARG B 919 -44.22 38.48 1.57
N TRP B 920 -44.24 38.18 0.27
CA TRP B 920 -44.03 36.84 -0.25
C TRP B 920 -42.66 36.71 -0.89
N LEU B 921 -41.98 35.60 -0.58
CA LEU B 921 -40.76 35.19 -1.28
C LEU B 921 -41.11 34.00 -2.16
N ASN B 922 -40.86 34.13 -3.46
CA ASN B 922 -41.17 33.08 -4.43
C ASN B 922 -39.90 32.60 -5.08
N ARG B 923 -39.80 31.29 -5.27
CA ARG B 923 -38.61 30.65 -5.82
C ARG B 923 -39.06 29.58 -6.82
N LEU B 924 -38.74 29.79 -8.09
CA LEU B 924 -39.19 28.93 -9.18
C LEU B 924 -38.19 27.80 -9.39
N TYR B 925 -38.51 26.62 -8.90
CA TYR B 925 -37.68 25.44 -9.09
C TYR B 925 -38.10 24.67 -10.35
N TYR B 926 -37.11 24.02 -10.97
CA TYR B 926 -37.33 22.95 -11.93
C TYR B 926 -36.91 21.61 -11.34
N GLY B 927 -37.20 21.40 -10.06
CA GLY B 927 -36.64 20.29 -9.33
C GLY B 927 -35.24 20.66 -8.86
N SER B 928 -34.28 20.63 -9.78
CA SER B 928 -32.99 21.26 -9.57
C SER B 928 -32.35 21.48 -10.93
N GLY B 929 -32.24 22.74 -11.36
CA GLY B 929 -31.68 23.01 -12.67
C GLY B 929 -31.80 24.48 -13.01
N HIS B 930 -31.72 24.78 -14.31
CA HIS B 930 -31.55 26.15 -14.75
C HIS B 930 -32.83 26.96 -14.55
N LEU B 931 -32.66 28.27 -14.71
CA LEU B 931 -33.76 29.24 -14.64
C LEU B 931 -34.46 29.20 -13.28
N HIS B 932 -33.73 28.86 -12.23
CA HIS B 932 -34.20 29.14 -10.90
C HIS B 932 -34.19 30.65 -10.70
N GLN B 933 -35.21 31.16 -10.02
CA GLN B 933 -35.38 32.59 -9.88
C GLN B 933 -35.90 32.93 -8.50
N ILE B 934 -35.58 34.13 -8.05
CA ILE B 934 -36.13 34.71 -6.84
C ILE B 934 -36.83 36.00 -7.21
N ASN B 935 -38.09 36.15 -6.81
CA ASN B 935 -38.93 37.24 -7.26
C ASN B 935 -39.48 38.11 -6.15
N LEU B 936 -39.30 37.72 -4.89
CA LEU B 936 -39.91 38.43 -3.78
C LEU B 936 -41.40 38.60 -4.04
N ASP B 937 -41.91 39.83 -4.08
CA ASP B 937 -43.32 40.09 -4.30
C ASP B 937 -43.64 40.52 -5.72
N GLY B 938 -42.69 40.40 -6.65
CA GLY B 938 -42.90 40.87 -8.00
C GLY B 938 -41.67 41.53 -8.59
N GLN B 939 -40.67 41.78 -7.76
CA GLN B 939 -39.42 42.39 -8.18
C GLN B 939 -38.39 41.27 -8.38
N VAL B 940 -37.81 41.20 -9.57
CA VAL B 940 -36.80 40.20 -9.83
C VAL B 940 -35.52 40.59 -9.10
N VAL B 941 -34.96 39.64 -8.37
CA VAL B 941 -33.72 39.85 -7.62
C VAL B 941 -32.54 39.18 -8.31
N SER B 942 -32.67 37.90 -8.62
CA SER B 942 -31.58 37.15 -9.22
C SER B 942 -32.15 35.96 -9.97
N ASP B 943 -31.67 35.74 -11.19
CA ASP B 943 -31.99 34.57 -11.98
C ASP B 943 -30.72 33.81 -12.30
N PHE B 944 -30.75 32.51 -12.08
CA PHE B 944 -29.57 31.66 -12.20
C PHE B 944 -29.62 30.85 -13.48
N GLN B 945 -28.48 30.79 -14.15
CA GLN B 945 -28.25 29.91 -15.28
C GLN B 945 -27.19 28.88 -14.88
N ARG B 946 -27.53 27.61 -14.99
CA ARG B 946 -26.70 26.54 -14.46
C ARG B 946 -26.20 25.64 -15.57
N ASP B 947 -25.19 24.84 -15.24
CA ASP B 947 -24.54 23.95 -16.18
C ASP B 947 -25.15 22.55 -16.10
N ARG B 948 -24.51 21.59 -16.77
CA ARG B 948 -25.05 20.25 -16.83
C ARG B 948 -24.90 19.50 -15.52
N LEU B 949 -24.09 20.00 -14.59
CA LEU B 949 -24.04 19.49 -13.24
C LEU B 949 -24.93 20.26 -12.27
N HIS B 950 -25.64 21.27 -12.75
CA HIS B 950 -26.47 22.12 -11.90
C HIS B 950 -25.63 23.02 -10.98
N ARG B 951 -24.52 23.53 -11.52
CA ARG B 951 -23.64 24.48 -10.85
C ARG B 951 -23.80 25.86 -11.48
N GLU B 952 -23.93 26.90 -10.65
CA GLU B 952 -24.17 28.24 -11.15
C GLU B 952 -22.99 28.69 -12.00
N VAL B 953 -23.21 28.84 -13.30
CA VAL B 953 -22.19 29.36 -14.19
C VAL B 953 -22.40 30.85 -14.42
N LEU B 954 -23.64 31.30 -14.32
CA LEU B 954 -23.94 32.72 -14.48
C LEU B 954 -24.98 33.17 -13.46
N ARG B 955 -24.79 34.37 -12.93
CA ARG B 955 -25.69 34.93 -11.92
C ARG B 955 -25.93 36.39 -12.27
N THR B 956 -27.20 36.79 -12.31
CA THR B 956 -27.59 38.16 -12.55
C THR B 956 -27.90 38.85 -11.23
N GLN B 957 -27.28 40.01 -11.02
CA GLN B 957 -27.40 40.78 -9.79
C GLN B 957 -27.82 42.21 -10.12
N GLY B 958 -28.83 42.33 -10.96
CA GLY B 958 -29.29 43.64 -11.37
C GLY B 958 -28.85 44.00 -12.78
N GLN B 959 -28.17 45.13 -12.90
CA GLN B 959 -27.64 45.58 -14.17
C GLN B 959 -26.30 44.94 -14.50
N ILE B 960 -25.73 44.19 -13.58
CA ILE B 960 -24.45 43.53 -13.75
C ILE B 960 -24.65 42.03 -13.65
N SER B 961 -23.74 41.28 -14.28
CA SER B 961 -23.78 39.83 -14.28
C SER B 961 -22.45 39.29 -13.79
N THR B 962 -22.49 38.11 -13.21
CA THR B 962 -21.31 37.44 -12.68
C THR B 962 -21.20 36.04 -13.26
N ARG B 963 -19.99 35.65 -13.64
CA ARG B 963 -19.72 34.36 -14.24
C ARG B 963 -18.72 33.58 -13.41
N SER B 964 -18.86 32.27 -13.44
CA SER B 964 -18.01 31.35 -12.71
C SER B 964 -17.45 30.33 -13.69
N GLU B 965 -16.23 29.88 -13.41
CA GLU B 965 -15.57 28.86 -14.22
C GLU B 965 -14.98 27.83 -13.29
N TYR B 966 -15.40 26.57 -13.45
CA TYR B 966 -14.98 25.51 -12.55
C TYR B 966 -14.02 24.57 -13.27
N ASP B 967 -13.20 23.88 -12.48
CA ASP B 967 -12.26 22.92 -13.00
C ASP B 967 -12.96 21.62 -13.37
N ARG B 968 -12.22 20.74 -14.04
CA ARG B 968 -12.77 19.43 -14.38
C ARG B 968 -13.06 18.63 -13.12
N CYS B 969 -12.18 18.71 -12.12
CA CYS B 969 -12.41 18.01 -10.86
C CYS B 969 -13.56 18.60 -10.06
N GLY B 970 -14.02 19.80 -10.40
CA GLY B 970 -15.16 20.42 -9.73
C GLY B 970 -14.85 21.56 -8.80
N ARG B 971 -13.61 22.04 -8.76
CA ARG B 971 -13.23 23.13 -7.87
C ARG B 971 -13.35 24.48 -8.57
N LEU B 972 -13.87 25.46 -7.84
CA LEU B 972 -13.95 26.81 -8.38
C LEU B 972 -12.56 27.33 -8.68
N ARG B 973 -12.35 27.76 -9.92
CA ARG B 973 -11.05 28.26 -10.37
C ARG B 973 -11.03 29.76 -10.56
N ALA B 974 -12.08 30.33 -11.14
CA ALA B 974 -12.10 31.75 -11.43
C ALA B 974 -13.52 32.27 -11.42
N ARG B 975 -13.63 33.58 -11.25
CA ARG B 975 -14.89 34.29 -11.20
C ARG B 975 -14.71 35.65 -11.82
N LEU B 976 -15.70 36.08 -12.61
CA LEU B 976 -15.62 37.32 -13.36
C LEU B 976 -16.94 38.06 -13.23
N GLN B 977 -16.86 39.39 -13.34
CA GLN B 977 -18.02 40.25 -13.17
C GLN B 977 -17.94 41.39 -14.19
N HIS B 978 -18.67 41.23 -15.30
CA HIS B 978 -18.76 42.27 -16.32
C HIS B 978 -20.20 42.39 -16.75
N SER B 979 -20.69 43.62 -16.80
CA SER B 979 -22.03 43.91 -17.29
C SER B 979 -22.25 43.31 -18.67
N GLU B 991 -11.18 38.03 -13.49
CA GLU B 991 -10.71 38.97 -12.48
C GLU B 991 -10.05 38.25 -11.32
N ARG B 992 -10.78 37.32 -10.70
CA ARG B 992 -10.30 36.57 -9.55
C ARG B 992 -9.90 35.16 -9.96
N HIS B 993 -8.83 34.66 -9.36
CA HIS B 993 -8.35 33.30 -9.61
C HIS B 993 -7.91 32.66 -8.31
N LEU B 994 -8.19 31.37 -8.18
CA LEU B 994 -7.82 30.59 -7.01
C LEU B 994 -6.90 29.46 -7.44
N GLU B 995 -5.77 29.33 -6.77
CA GLU B 995 -4.83 28.25 -7.00
C GLU B 995 -4.79 27.37 -5.77
N TYR B 996 -5.07 26.09 -5.96
CA TYR B 996 -5.17 25.14 -4.87
C TYR B 996 -3.93 24.27 -4.80
N ASP B 997 -3.93 23.36 -3.84
CA ASP B 997 -2.89 22.37 -3.65
C ASP B 997 -3.45 20.98 -3.96
N ASP B 998 -2.56 19.99 -3.94
CA ASP B 998 -2.99 18.62 -4.19
C ASP B 998 -4.00 18.14 -3.17
N SER B 999 -4.04 18.74 -2.00
CA SER B 999 -5.01 18.41 -0.96
C SER B 999 -6.24 19.32 -1.00
N ASP B 1000 -6.42 20.06 -2.08
CA ASP B 1000 -7.56 20.95 -2.33
C ASP B 1000 -7.58 22.16 -1.42
N ASN B 1001 -6.60 22.35 -0.55
CA ASN B 1001 -6.50 23.56 0.23
C ASN B 1001 -6.24 24.77 -0.64
N LEU B 1002 -6.76 25.91 -0.22
CA LEU B 1002 -6.56 27.17 -0.92
C LEU B 1002 -5.24 27.79 -0.49
N VAL B 1003 -4.31 27.95 -1.43
CA VAL B 1003 -3.01 28.49 -1.13
C VAL B 1003 -2.73 29.81 -1.84
N GLY B 1004 -3.49 30.18 -2.83
CA GLY B 1004 -3.27 31.43 -3.53
C GLY B 1004 -4.55 32.02 -4.07
N LEU B 1005 -4.62 33.34 -4.05
CA LEU B 1005 -5.83 34.05 -4.43
C LEU B 1005 -5.43 35.36 -5.11
N ALA B 1006 -5.51 35.37 -6.43
CA ALA B 1006 -5.24 36.58 -7.20
C ALA B 1006 -6.53 37.33 -7.45
N GLU B 1007 -6.46 38.66 -7.35
CA GLU B 1007 -7.63 39.51 -7.45
C GLU B 1007 -7.70 40.32 -8.74
N ARG B 1008 -6.58 40.54 -9.41
CA ARG B 1008 -6.58 41.35 -10.62
C ARG B 1008 -5.74 40.66 -11.68
N HIS B 1009 -6.21 40.74 -12.92
CA HIS B 1009 -5.48 40.22 -14.08
C HIS B 1009 -5.38 41.28 -15.15
N ALA B 1010 -6.41 42.12 -15.27
CA ALA B 1010 -6.39 43.21 -16.24
C ALA B 1010 -5.51 44.38 -15.80
N THR B 1011 -5.19 44.47 -14.51
CA THR B 1011 -4.35 45.54 -14.01
C THR B 1011 -3.28 44.96 -13.09
N GLY B 1012 -2.55 45.82 -12.38
CA GLY B 1012 -1.52 45.33 -11.49
C GLY B 1012 -2.06 44.28 -10.54
N GLN B 1013 -1.63 43.03 -10.72
CA GLN B 1013 -2.19 41.94 -9.95
C GLN B 1013 -1.84 42.07 -8.47
N HIS B 1014 -2.83 41.85 -7.63
CA HIS B 1014 -2.66 41.75 -6.19
C HIS B 1014 -2.91 40.31 -5.77
N ARG B 1015 -1.94 39.73 -5.07
CA ARG B 1015 -1.95 38.31 -4.79
C ARG B 1015 -1.81 38.08 -3.29
N GLN B 1016 -2.37 36.98 -2.83
CA GLN B 1016 -2.32 36.58 -1.44
C GLN B 1016 -1.91 35.11 -1.33
N LEU B 1017 -1.31 34.76 -0.21
CA LEU B 1017 -0.78 33.44 0.00
C LEU B 1017 -1.15 32.93 1.38
N PHE B 1018 -1.17 31.62 1.51
CA PHE B 1018 -1.36 30.97 2.79
C PHE B 1018 -0.48 29.73 2.83
N HIS B 1019 -0.05 29.36 4.02
CA HIS B 1019 0.78 28.17 4.22
C HIS B 1019 0.11 27.27 5.24
N TYR B 1020 0.01 25.99 4.91
CA TYR B 1020 -0.62 25.01 5.75
C TYR B 1020 0.36 23.91 6.09
N ASP B 1021 0.15 23.30 7.24
CA ASP B 1021 0.85 22.08 7.61
C ASP B 1021 0.23 20.90 6.87
N ALA B 1022 0.78 19.71 7.11
CA ALA B 1022 0.23 18.49 6.54
C ALA B 1022 -1.16 18.18 7.07
N THR B 1023 -1.51 18.67 8.25
CA THR B 1023 -2.80 18.42 8.87
C THR B 1023 -3.82 19.52 8.59
N GLY B 1024 -3.47 20.52 7.78
CA GLY B 1024 -4.38 21.58 7.42
C GLY B 1024 -4.31 22.82 8.27
N ARG B 1025 -3.67 22.75 9.44
CA ARG B 1025 -3.51 23.95 10.26
C ARG B 1025 -2.75 25.01 9.49
N ILE B 1026 -3.25 26.23 9.51
CA ILE B 1026 -2.62 27.35 8.84
C ILE B 1026 -1.58 27.95 9.77
N ILE B 1027 -0.35 28.11 9.26
CA ILE B 1027 0.77 28.56 10.07
C ILE B 1027 1.27 29.93 9.67
N ALA B 1028 0.97 30.39 8.46
CA ALA B 1028 1.47 31.67 8.00
C ALA B 1028 0.48 32.28 7.03
N SER B 1029 0.64 33.59 6.82
CA SER B 1029 -0.21 34.33 5.91
C SER B 1029 0.53 35.57 5.44
N GLN B 1030 0.50 35.81 4.12
CA GLN B 1030 1.17 36.95 3.53
C GLN B 1030 0.26 37.57 2.49
N ASP B 1031 0.46 38.85 2.23
CA ASP B 1031 -0.28 39.58 1.22
C ASP B 1031 0.67 40.14 0.17
N GLY B 1032 0.20 40.17 -1.08
CA GLY B 1032 1.02 40.64 -2.19
C GLY B 1032 1.39 42.11 -2.08
N LEU B 1033 0.62 42.88 -1.32
CA LEU B 1033 0.96 44.28 -1.08
C LEU B 1033 2.08 44.44 -0.05
N GLN B 1034 2.50 43.36 0.59
CA GLN B 1034 3.50 43.38 1.65
C GLN B 1034 3.09 44.24 2.84
N GLY B 1035 1.83 44.65 2.90
CA GLY B 1035 1.30 45.43 3.98
C GLY B 1035 0.83 44.63 5.16
N GLN B 1036 0.95 43.30 5.09
CA GLN B 1036 0.51 42.44 6.17
C GLN B 1036 1.40 41.22 6.26
N LYS B 1037 1.51 40.68 7.47
CA LYS B 1037 2.29 39.47 7.73
C LYS B 1037 1.85 38.89 9.06
N GLU B 1038 1.47 37.62 9.07
CA GLU B 1038 1.03 36.95 10.27
C GLU B 1038 1.65 35.56 10.33
N THR B 1039 2.01 35.14 11.53
CA THR B 1039 2.57 33.83 11.77
C THR B 1039 1.89 33.24 13.00
N PHE B 1040 1.55 31.96 12.93
CA PHE B 1040 0.81 31.29 13.98
C PHE B 1040 1.56 30.04 14.41
N ALA B 1041 1.60 29.80 15.72
CA ALA B 1041 2.25 28.64 16.29
C ALA B 1041 1.24 27.88 17.12
N TYR B 1042 1.16 26.57 16.92
CA TYR B 1042 0.20 25.72 17.62
C TYR B 1042 0.91 24.63 18.39
N ASP B 1043 0.40 24.37 19.58
CA ASP B 1043 0.82 23.20 20.34
C ASP B 1043 0.05 21.97 19.87
N ALA B 1044 0.52 20.81 20.30
CA ALA B 1044 -0.26 19.60 20.09
C ALA B 1044 -1.60 19.76 20.77
N ALA B 1045 -2.65 19.33 20.08
CA ALA B 1045 -4.05 19.52 20.44
C ALA B 1045 -4.58 20.88 19.99
N ALA B 1046 -3.80 21.60 19.19
CA ALA B 1046 -4.26 22.82 18.52
C ALA B 1046 -4.58 23.96 19.47
N ASN B 1047 -3.79 24.14 20.51
CA ASN B 1047 -3.89 25.30 21.36
C ASN B 1047 -2.93 26.38 20.86
N LEU B 1048 -3.45 27.55 20.54
CA LEU B 1048 -2.64 28.62 20.01
C LEU B 1048 -1.60 29.05 21.04
N LEU B 1049 -0.41 29.39 20.57
CA LEU B 1049 0.69 29.79 21.41
C LEU B 1049 1.07 31.24 21.15
N ASP B 1050 1.64 31.89 22.16
CA ASP B 1050 2.00 33.28 22.08
C ASP B 1050 3.33 33.47 21.36
N GLY B 1051 3.44 32.92 20.15
CA GLY B 1051 4.61 33.12 19.34
C GLY B 1051 5.83 32.41 19.88
N PRO B 1052 7.01 32.78 19.36
CA PRO B 1052 8.24 32.11 19.78
C PRO B 1052 8.53 32.21 21.27
N LYS B 1053 7.97 33.20 21.96
CA LYS B 1053 8.14 33.27 23.41
C LYS B 1053 7.72 31.98 24.08
N ALA B 1054 6.73 31.29 23.52
CA ALA B 1054 6.23 30.03 24.05
C ALA B 1054 6.16 28.98 22.95
N GLY B 1055 7.20 28.92 22.11
CA GLY B 1055 7.21 28.00 20.99
C GLY B 1055 7.04 26.55 21.40
N ALA B 1056 7.38 26.22 22.64
CA ALA B 1056 7.21 24.88 23.17
C ALA B 1056 6.65 24.99 24.59
N GLY B 1057 5.66 24.19 24.89
CA GLY B 1057 5.03 24.20 26.19
C GLY B 1057 3.59 23.73 26.12
N LEU B 1058 3.14 23.09 27.18
CA LEU B 1058 1.79 22.54 27.25
C LEU B 1058 0.82 23.59 27.77
N VAL B 1059 -0.25 23.81 27.00
CA VAL B 1059 -1.37 24.66 27.42
C VAL B 1059 -2.35 23.75 28.17
N VAL B 1060 -2.27 23.76 29.50
CA VAL B 1060 -3.02 22.80 30.30
C VAL B 1060 -4.51 22.91 30.04
N HIS B 1061 -5.15 21.75 29.89
CA HIS B 1061 -6.60 21.65 29.76
C HIS B 1061 -7.16 22.57 28.70
N ASN B 1062 -6.34 22.94 27.72
CA ASN B 1062 -6.75 23.84 26.65
C ASN B 1062 -7.23 25.17 27.21
N LYS B 1063 -6.66 25.59 28.33
CA LYS B 1063 -6.96 26.88 28.93
C LYS B 1063 -5.97 27.89 28.37
N LEU B 1064 -6.42 28.71 27.44
CA LEU B 1064 -5.59 29.78 26.89
C LEU B 1064 -5.66 30.97 27.83
N LEU B 1065 -4.54 31.31 28.45
CA LEU B 1065 -4.48 32.35 29.46
C LEU B 1065 -4.01 33.70 28.92
N THR B 1066 -3.05 33.69 27.98
CA THR B 1066 -2.51 34.94 27.47
C THR B 1066 -2.17 34.78 25.99
N TYR B 1067 -2.32 35.87 25.27
CA TYR B 1067 -1.94 35.93 23.86
C TYR B 1067 -1.81 37.39 23.48
N GLN B 1068 -0.59 37.83 23.22
CA GLN B 1068 -0.28 39.25 23.03
C GLN B 1068 -0.71 40.01 24.29
N ASP B 1069 -1.58 41.02 24.19
CA ASP B 1069 -2.00 41.81 25.33
C ASP B 1069 -3.27 41.30 26.00
N LYS B 1070 -3.84 40.20 25.52
CA LYS B 1070 -5.06 39.66 26.08
C LYS B 1070 -4.75 38.74 27.26
N ARG B 1071 -5.63 38.77 28.25
CA ARG B 1071 -5.56 37.90 29.40
C ARG B 1071 -6.95 37.36 29.69
N TYR B 1072 -7.03 36.11 30.13
CA TYR B 1072 -8.32 35.46 30.36
C TYR B 1072 -8.32 34.77 31.70
N ARG B 1073 -9.51 34.66 32.28
CA ARG B 1073 -9.75 33.90 33.49
C ARG B 1073 -10.91 32.94 33.26
N TYR B 1074 -10.82 31.77 33.87
CA TYR B 1074 -11.77 30.70 33.67
C TYR B 1074 -12.34 30.24 35.00
N ASP B 1075 -13.61 29.87 34.98
CA ASP B 1075 -14.31 29.37 36.15
C ASP B 1075 -14.06 27.88 36.32
N ALA B 1076 -14.68 27.29 37.35
CA ALA B 1076 -14.55 25.87 37.57
C ALA B 1076 -15.23 25.03 36.49
N PHE B 1077 -16.17 25.61 35.75
CA PHE B 1077 -16.89 24.89 34.71
C PHE B 1077 -16.28 25.08 33.33
N GLY B 1078 -15.14 25.76 33.22
CA GLY B 1078 -14.52 26.01 31.95
C GLY B 1078 -15.02 27.21 31.21
N ARG B 1079 -15.84 28.04 31.84
CA ARG B 1079 -16.44 29.20 31.20
C ARG B 1079 -15.64 30.45 31.52
N MET B 1080 -15.39 31.26 30.50
CA MET B 1080 -14.73 32.54 30.69
C MET B 1080 -15.61 33.45 31.54
N ILE B 1081 -14.99 34.09 32.54
CA ILE B 1081 -15.67 35.06 33.39
C ILE B 1081 -15.11 36.46 33.20
N GLU B 1082 -13.80 36.58 33.03
CA GLU B 1082 -13.15 37.88 32.91
C GLU B 1082 -12.21 37.90 31.72
N LYS B 1083 -12.24 38.99 30.98
CA LYS B 1083 -11.37 39.24 29.85
C LYS B 1083 -10.75 40.62 29.98
N ARG B 1084 -9.46 40.72 29.65
CA ARG B 1084 -8.72 41.97 29.78
C ARG B 1084 -7.97 42.26 28.50
N SER B 1085 -8.08 43.49 28.04
CA SER B 1085 -7.44 43.92 26.81
C SER B 1085 -7.24 45.43 26.87
N GLY B 1086 -6.75 46.00 25.78
CA GLY B 1086 -6.55 47.42 25.71
C GLY B 1086 -7.60 48.12 24.87
N ARG B 1087 -8.00 47.46 23.78
CA ARG B 1087 -8.95 48.09 22.86
C ARG B 1087 -10.28 48.37 23.54
N ARG B 1088 -10.76 47.44 24.36
CA ARG B 1088 -12.08 47.57 24.96
C ARG B 1088 -12.05 47.36 26.47
N GLY B 1089 -10.89 47.52 27.10
CA GLY B 1089 -10.79 47.43 28.54
C GLY B 1089 -11.04 46.03 29.07
N VAL B 1090 -11.63 45.99 30.27
CA VAL B 1090 -11.90 44.75 30.98
C VAL B 1090 -13.40 44.46 30.90
N GLN B 1091 -13.73 43.20 30.63
CA GLN B 1091 -15.10 42.75 30.48
C GLN B 1091 -15.35 41.56 31.39
N ARG B 1092 -16.57 41.48 31.90
CA ARG B 1092 -16.98 40.36 32.75
C ARG B 1092 -18.28 39.77 32.21
N PHE B 1093 -18.45 38.48 32.44
CA PHE B 1093 -19.56 37.72 31.88
C PHE B 1093 -20.27 36.93 32.98
N ALA B 1094 -21.57 36.74 32.80
CA ALA B 1094 -22.38 35.93 33.70
C ALA B 1094 -23.19 34.94 32.89
N TYR B 1095 -23.40 33.75 33.47
CA TYR B 1095 -24.03 32.64 32.77
C TYR B 1095 -25.25 32.14 33.50
N ASP B 1096 -26.21 31.65 32.71
CA ASP B 1096 -27.41 31.00 33.23
C ASP B 1096 -27.10 29.56 33.66
N ALA B 1097 -28.13 28.89 34.19
CA ALA B 1097 -27.98 27.49 34.57
C ALA B 1097 -27.76 26.58 33.38
N GLU B 1098 -28.21 26.98 32.19
CA GLU B 1098 -28.01 26.21 30.98
C GLU B 1098 -26.73 26.60 30.26
N HIS B 1099 -25.79 27.23 30.95
CA HIS B 1099 -24.49 27.60 30.41
C HIS B 1099 -24.60 28.65 29.31
N ARG B 1100 -25.70 29.39 29.27
CA ARG B 1100 -25.87 30.46 28.30
C ARG B 1100 -25.44 31.80 28.87
N LEU B 1101 -25.00 32.68 27.99
CA LEU B 1101 -24.56 34.02 28.34
C LEU B 1101 -25.76 34.96 28.35
N ILE B 1102 -25.97 35.64 29.48
CA ILE B 1102 -27.08 36.57 29.64
C ILE B 1102 -26.59 38.01 29.77
N GLU B 1103 -25.63 38.25 30.63
CA GLU B 1103 -25.19 39.60 30.97
C GLU B 1103 -23.71 39.78 30.69
N VAL B 1104 -23.37 40.86 30.02
CA VAL B 1104 -21.99 41.27 29.77
C VAL B 1104 -21.82 42.68 30.31
N ARG B 1105 -20.83 42.88 31.17
CA ARG B 1105 -20.56 44.17 31.78
C ARG B 1105 -19.26 44.73 31.21
N ASN B 1106 -19.33 45.98 30.74
CA ASN B 1106 -18.20 46.63 30.10
C ASN B 1106 -17.99 47.99 30.72
N GLN B 1107 -16.74 48.46 30.66
CA GLN B 1107 -16.33 49.73 31.23
C GLN B 1107 -16.07 50.71 30.09
N THR B 1108 -16.70 51.88 30.15
CA THR B 1108 -16.59 52.87 29.09
C THR B 1108 -16.51 54.26 29.72
N SER B 1109 -16.42 55.28 28.87
CA SER B 1109 -16.37 56.65 29.35
C SER B 1109 -17.63 57.03 30.09
N SER B 1110 -18.73 56.33 29.86
CA SER B 1110 -19.99 56.56 30.57
C SER B 1110 -20.10 55.75 31.85
N GLY B 1111 -19.13 54.89 32.13
CA GLY B 1111 -19.15 54.07 33.33
C GLY B 1111 -19.31 52.60 33.01
N GLU B 1112 -20.12 51.90 33.80
CA GLU B 1112 -20.35 50.46 33.63
C GLU B 1112 -21.61 50.28 32.79
N THR B 1113 -21.42 50.06 31.49
CA THR B 1113 -22.54 49.73 30.61
C THR B 1113 -22.84 48.25 30.68
N LEU B 1114 -24.08 47.89 30.39
CA LEU B 1114 -24.54 46.52 30.44
C LEU B 1114 -25.31 46.16 29.18
N VAL B 1115 -25.19 44.90 28.78
CA VAL B 1115 -26.00 44.31 27.72
C VAL B 1115 -26.59 43.01 28.24
N ARG B 1116 -27.88 42.81 28.02
CA ARG B 1116 -28.58 41.62 28.47
C ARG B 1116 -29.22 40.95 27.26
N MET B 1117 -29.15 39.63 27.22
CA MET B 1117 -29.65 38.84 26.12
C MET B 1117 -30.89 38.08 26.57
N ARG B 1118 -31.87 37.96 25.68
CA ARG B 1118 -33.11 37.26 25.96
C ARG B 1118 -33.21 36.04 25.05
N TYR B 1119 -33.40 34.87 25.65
CA TYR B 1119 -33.43 33.60 24.95
C TYR B 1119 -34.83 33.03 24.90
N ASP B 1120 -35.13 32.36 23.79
CA ASP B 1120 -36.40 31.68 23.65
C ASP B 1120 -36.30 30.30 24.31
N VAL B 1121 -37.36 29.50 24.18
CA VAL B 1121 -37.40 28.21 24.86
C VAL B 1121 -36.37 27.26 24.27
N LEU B 1122 -36.19 27.31 22.96
CA LEU B 1122 -35.31 26.38 22.26
C LEU B 1122 -33.84 26.81 22.31
N GLY B 1123 -33.53 27.93 22.95
CA GLY B 1123 -32.18 28.43 23.02
C GLY B 1123 -31.82 29.47 21.99
N ARG B 1124 -32.77 29.89 21.16
CA ARG B 1124 -32.48 30.89 20.16
C ARG B 1124 -32.51 32.30 20.77
N ARG B 1125 -31.87 33.23 20.07
CA ARG B 1125 -31.71 34.60 20.53
C ARG B 1125 -32.71 35.48 19.82
N ILE B 1126 -33.54 36.20 20.59
CA ILE B 1126 -34.64 36.96 20.06
C ILE B 1126 -34.45 38.46 20.25
N SER B 1127 -33.91 38.87 21.39
CA SER B 1127 -33.72 40.29 21.67
C SER B 1127 -32.42 40.52 22.42
N LYS B 1128 -31.84 41.68 22.15
CA LYS B 1128 -30.66 42.15 22.85
C LYS B 1128 -30.90 43.60 23.26
N SER B 1129 -30.55 43.93 24.49
CA SER B 1129 -30.80 45.24 25.05
C SER B 1129 -29.54 45.77 25.72
N GLU B 1130 -29.18 47.00 25.43
CA GLU B 1130 -28.03 47.66 26.01
C GLU B 1130 -28.48 48.78 26.93
N TYR B 1131 -28.02 48.75 28.17
CA TYR B 1131 -28.36 49.75 29.16
C TYR B 1131 -27.09 50.45 29.59
N ASP B 1132 -27.18 51.76 29.80
CA ASP B 1132 -26.06 52.50 30.36
C ASP B 1132 -26.12 52.39 31.88
N SER B 1133 -25.30 53.15 32.58
CA SER B 1133 -25.35 53.13 34.03
C SER B 1133 -26.75 53.56 34.49
N GLN B 1134 -26.98 53.44 35.79
CA GLN B 1134 -28.27 53.79 36.40
C GLN B 1134 -29.44 53.24 35.59
N GLY B 1135 -29.23 52.09 34.95
CA GLY B 1135 -30.31 51.42 34.23
C GLY B 1135 -31.04 52.26 33.22
N ASN B 1136 -30.32 53.10 32.48
CA ASN B 1136 -30.92 53.92 31.43
C ASN B 1136 -30.77 53.21 30.08
N LEU B 1137 -31.89 52.83 29.49
CA LEU B 1137 -31.87 52.11 28.22
C LEU B 1137 -31.16 52.93 27.16
N LEU B 1138 -30.31 52.27 26.37
CA LEU B 1138 -29.66 52.90 25.22
C LEU B 1138 -30.19 52.39 23.90
N GLY B 1139 -30.34 51.08 23.73
CA GLY B 1139 -30.78 50.53 22.47
C GLY B 1139 -31.33 49.14 22.63
N GLU B 1140 -32.07 48.71 21.62
CA GLU B 1140 -32.63 47.36 21.57
C GLU B 1140 -32.74 46.89 20.14
N THR B 1141 -32.48 45.61 19.93
CA THR B 1141 -32.59 44.99 18.62
C THR B 1141 -33.27 43.65 18.79
N ARG B 1142 -34.11 43.28 17.84
CA ARG B 1142 -34.90 42.07 17.90
C ARG B 1142 -34.73 41.28 16.61
N PHE B 1143 -34.88 39.97 16.72
CA PHE B 1143 -34.59 39.05 15.64
C PHE B 1143 -35.78 38.15 15.34
N VAL B 1144 -35.86 37.70 14.09
CA VAL B 1144 -36.86 36.77 13.62
C VAL B 1144 -36.16 35.67 12.87
N TRP B 1145 -36.27 34.45 13.37
CA TRP B 1145 -35.58 33.30 12.79
C TRP B 1145 -36.45 32.58 11.78
N ASP B 1146 -35.85 31.58 11.14
CA ASP B 1146 -36.51 30.68 10.21
C ASP B 1146 -35.76 29.35 10.24
N GLY B 1147 -36.09 28.51 11.20
CA GLY B 1147 -35.42 27.24 11.33
C GLY B 1147 -33.92 27.35 11.44
N LEU B 1148 -33.44 27.88 12.55
CA LEU B 1148 -32.00 27.97 12.82
C LEU B 1148 -31.26 28.73 11.73
N ARG B 1149 -31.89 29.77 11.20
CA ARG B 1149 -31.25 30.60 10.19
C ARG B 1149 -31.88 31.98 10.25
N LEU B 1150 -31.07 32.98 10.56
CA LEU B 1150 -31.57 34.34 10.70
C LEU B 1150 -32.25 34.81 9.43
N LEU B 1151 -33.40 35.45 9.57
CA LEU B 1151 -34.15 35.95 8.43
C LEU B 1151 -34.33 37.46 8.47
N GLN B 1152 -34.76 38.00 9.60
CA GLN B 1152 -35.06 39.41 9.71
C GLN B 1152 -34.52 39.95 11.02
N GLU B 1153 -34.16 41.23 11.00
CA GLU B 1153 -33.74 41.93 12.20
C GLU B 1153 -34.38 43.31 12.18
N GLN B 1154 -34.64 43.84 13.38
CA GLN B 1154 -35.36 45.09 13.51
C GLN B 1154 -34.73 45.92 14.62
N ARG B 1155 -34.38 47.16 14.28
CA ARG B 1155 -33.92 48.16 15.21
C ARG B 1155 -34.82 49.39 15.07
N ASN B 1156 -34.45 50.45 15.78
CA ASN B 1156 -35.27 51.65 15.80
C ASN B 1156 -35.57 52.12 14.38
N GLN B 1157 -36.82 51.98 13.96
CA GLN B 1157 -37.27 52.42 12.64
C GLN B 1157 -36.36 51.86 11.54
N GLN B 1158 -35.98 50.60 11.68
CA GLN B 1158 -35.11 49.95 10.70
C GLN B 1158 -35.44 48.47 10.65
N THR B 1159 -35.56 47.93 9.44
CA THR B 1159 -35.83 46.52 9.21
C THR B 1159 -34.89 46.02 8.12
N SER B 1160 -34.30 44.85 8.36
CA SER B 1160 -33.35 44.26 7.41
C SER B 1160 -33.75 42.81 7.17
N LEU B 1161 -33.84 42.43 5.90
CA LEU B 1161 -34.19 41.09 5.47
C LEU B 1161 -33.02 40.47 4.71
N TYR B 1162 -32.66 39.26 5.08
CA TYR B 1162 -31.57 38.54 4.45
C TYR B 1162 -32.12 37.45 3.55
N VAL B 1163 -31.59 37.37 2.33
CA VAL B 1163 -31.96 36.35 1.36
C VAL B 1163 -30.70 35.55 1.05
N TYR B 1164 -30.78 34.25 1.25
CA TYR B 1164 -29.65 33.37 1.03
C TYR B 1164 -29.73 32.71 -0.34
N GLU B 1165 -28.64 32.07 -0.72
CA GLU B 1165 -28.57 31.30 -1.96
C GLU B 1165 -28.70 29.83 -1.60
N ASP B 1166 -29.75 29.19 -2.13
CA ASP B 1166 -30.04 27.78 -1.84
C ASP B 1166 -30.36 27.64 -0.35
N LEU B 1167 -30.11 26.46 0.21
CA LEU B 1167 -30.47 26.13 1.58
C LEU B 1167 -29.36 26.35 2.59
N GLY B 1168 -28.23 26.90 2.17
CA GLY B 1168 -27.13 27.15 3.06
C GLY B 1168 -27.32 28.42 3.87
N HIS B 1169 -26.32 28.72 4.68
CA HIS B 1169 -26.28 29.95 5.46
C HIS B 1169 -25.62 31.09 4.71
N ALA B 1170 -25.12 30.85 3.51
CA ALA B 1170 -24.41 31.86 2.76
C ALA B 1170 -25.36 32.99 2.33
N PRO B 1171 -24.98 34.24 2.51
CA PRO B 1171 -25.85 35.35 2.12
C PRO B 1171 -25.72 35.71 0.64
N LEU B 1172 -26.83 36.17 0.08
CA LEU B 1172 -26.90 36.65 -1.29
C LEU B 1172 -27.34 38.10 -1.37
N ALA B 1173 -28.47 38.44 -0.79
CA ALA B 1173 -29.05 39.76 -0.91
C ALA B 1173 -29.50 40.25 0.46
N ARG B 1174 -29.59 41.57 0.57
CA ARG B 1174 -30.13 42.24 1.74
C ARG B 1174 -31.15 43.25 1.28
N VAL B 1175 -32.29 43.29 1.93
CA VAL B 1175 -33.38 44.21 1.58
C VAL B 1175 -33.65 45.11 2.78
N ASP B 1176 -33.72 46.42 2.51
CA ASP B 1176 -33.89 47.43 3.55
C ASP B 1176 -35.15 48.23 3.28
N GLY B 1177 -35.97 48.40 4.31
CA GLY B 1177 -37.18 49.18 4.20
C GLY B 1177 -38.36 48.43 3.66
N LEU B 1178 -39.50 49.11 3.65
CA LEU B 1178 -40.77 48.56 3.20
C LEU B 1178 -41.46 49.54 2.27
N GLY B 1179 -42.31 49.01 1.40
CA GLY B 1179 -43.02 49.87 0.45
C GLY B 1179 -42.06 50.51 -0.54
N ALA B 1180 -42.31 51.77 -0.85
CA ALA B 1180 -41.47 52.48 -1.80
C ALA B 1180 -40.05 52.67 -1.28
N GLN B 1181 -39.85 52.53 0.03
CA GLN B 1181 -38.52 52.66 0.61
C GLN B 1181 -37.68 51.41 0.44
N GLN B 1182 -38.22 50.33 -0.09
CA GLN B 1182 -37.42 49.12 -0.26
C GLN B 1182 -36.24 49.41 -1.16
N LYS B 1183 -35.07 49.01 -0.71
CA LYS B 1183 -33.84 49.10 -1.48
C LYS B 1183 -33.14 47.76 -1.43
N ILE B 1184 -32.65 47.32 -2.59
CA ILE B 1184 -32.08 45.98 -2.74
C ILE B 1184 -30.58 46.13 -2.91
N ARG B 1185 -29.83 45.31 -2.17
CA ARG B 1185 -28.38 45.32 -2.24
C ARG B 1185 -27.86 43.89 -2.23
N TYR B 1186 -26.70 43.71 -2.82
CA TYR B 1186 -26.13 42.40 -3.07
C TYR B 1186 -24.76 42.24 -2.43
N TYR B 1187 -24.53 41.08 -1.84
CA TYR B 1187 -23.25 40.72 -1.26
C TYR B 1187 -22.33 40.14 -2.33
N HIS B 1188 -21.03 40.35 -2.15
CA HIS B 1188 -19.99 39.69 -2.93
C HIS B 1188 -19.14 38.89 -1.97
N ASN B 1189 -19.47 37.61 -1.80
CA ASN B 1189 -18.86 36.78 -0.78
C ASN B 1189 -17.63 36.06 -1.31
N ASP B 1190 -16.76 35.67 -0.38
CA ASP B 1190 -15.62 34.83 -0.67
C ASP B 1190 -16.03 33.36 -0.71
N LEU B 1191 -15.05 32.48 -0.86
CA LEU B 1191 -15.35 31.05 -0.93
C LEU B 1191 -15.96 30.53 0.37
N ASN B 1192 -15.59 31.12 1.50
CA ASN B 1192 -16.08 30.71 2.80
C ASN B 1192 -17.39 31.40 3.17
N GLY B 1193 -17.93 32.25 2.30
CA GLY B 1193 -19.14 32.99 2.58
C GLY B 1193 -18.93 34.31 3.28
N LEU B 1194 -17.71 34.59 3.72
CA LEU B 1194 -17.40 35.85 4.38
C LEU B 1194 -17.49 37.00 3.38
N PRO B 1195 -18.36 37.99 3.61
CA PRO B 1195 -18.50 39.07 2.63
C PRO B 1195 -17.29 39.98 2.60
N GLN B 1196 -17.15 40.63 1.47
CA GLN B 1196 -16.05 41.55 1.22
C GLN B 1196 -16.53 42.94 0.80
N GLN B 1197 -17.58 43.01 0.00
CA GLN B 1197 -18.17 44.29 -0.36
C GLN B 1197 -19.67 44.10 -0.51
N LEU B 1198 -20.41 45.19 -0.31
CA LEU B 1198 -21.85 45.19 -0.40
C LEU B 1198 -22.22 46.23 -1.45
N CYS B 1199 -22.72 45.75 -2.58
CA CYS B 1199 -22.91 46.56 -3.77
C CYS B 1199 -24.38 46.80 -4.01
N GLU B 1200 -24.71 48.04 -4.33
CA GLU B 1200 -26.00 48.38 -4.88
C GLU B 1200 -25.97 47.98 -6.35
N PRO B 1201 -27.07 48.12 -7.07
CA PRO B 1201 -26.99 47.99 -8.51
C PRO B 1201 -26.03 49.02 -9.07
N ASP B 1202 -25.37 48.65 -10.17
CA ASP B 1202 -24.32 49.45 -10.81
C ASP B 1202 -22.97 49.28 -10.15
N GLY B 1203 -22.83 48.37 -9.19
CA GLY B 1203 -21.56 48.03 -8.60
C GLY B 1203 -20.99 49.00 -7.60
N HIS B 1204 -21.76 49.99 -7.16
CA HIS B 1204 -21.27 50.95 -6.19
C HIS B 1204 -20.98 50.27 -4.86
N SER B 1205 -19.71 50.25 -4.46
CA SER B 1205 -19.31 49.62 -3.21
C SER B 1205 -19.71 50.47 -2.02
N VAL B 1206 -20.89 50.18 -1.46
CA VAL B 1206 -21.38 50.92 -0.31
C VAL B 1206 -20.53 50.62 0.92
N TRP B 1207 -20.21 49.35 1.16
CA TRP B 1207 -19.43 48.94 2.31
C TRP B 1207 -18.35 47.99 1.82
N GLN B 1208 -17.10 48.25 2.21
CA GLN B 1208 -15.97 47.40 1.86
C GLN B 1208 -15.21 47.03 3.12
N ALA B 1209 -14.64 45.83 3.11
CA ALA B 1209 -13.88 45.35 4.25
C ALA B 1209 -12.66 44.57 3.81
N ARG B 1210 -11.67 44.54 4.70
CA ARG B 1210 -10.53 43.65 4.61
C ARG B 1210 -10.35 42.99 5.96
N TYR B 1211 -9.89 41.75 5.94
CA TYR B 1211 -9.88 40.91 7.12
C TYR B 1211 -8.53 40.23 7.29
N GLN B 1212 -8.30 39.78 8.52
CA GLN B 1212 -7.25 38.83 8.80
C GLN B 1212 -7.77 37.43 8.51
N VAL B 1213 -6.91 36.43 8.66
CA VAL B 1213 -7.32 35.06 8.39
C VAL B 1213 -8.32 34.60 9.44
N TRP B 1214 -8.05 34.90 10.71
CA TRP B 1214 -8.79 34.35 11.82
C TRP B 1214 -9.85 35.33 12.31
N GLY B 1215 -11.02 34.81 12.58
CA GLY B 1215 -12.07 35.55 13.22
C GLY B 1215 -12.53 36.75 12.42
N ASN B 1216 -12.16 36.81 11.15
CA ASN B 1216 -12.54 37.90 10.27
C ASN B 1216 -12.42 39.22 11.01
N THR B 1217 -11.43 39.33 11.87
CA THR B 1217 -11.19 40.58 12.57
C THR B 1217 -10.89 41.65 11.53
N VAL B 1218 -11.54 42.80 11.69
CA VAL B 1218 -11.51 43.83 10.67
C VAL B 1218 -10.19 44.60 10.74
N GLU B 1219 -9.51 44.66 9.61
CA GLU B 1219 -8.37 45.52 9.42
C GLU B 1219 -8.78 46.90 8.93
N GLU B 1220 -9.79 46.97 8.06
CA GLU B 1220 -10.32 48.24 7.59
C GLU B 1220 -11.77 48.08 7.17
N ILE B 1221 -12.55 49.13 7.40
CA ILE B 1221 -13.95 49.20 7.02
C ILE B 1221 -14.18 50.61 6.48
N ARG B 1222 -15.10 50.73 5.53
CA ARG B 1222 -15.41 52.05 4.99
C ARG B 1222 -16.85 52.12 4.51
N GLU B 1223 -17.55 53.18 4.90
CA GLU B 1223 -18.92 53.43 4.51
C GLU B 1223 -19.10 54.93 4.27
N PRO B 1224 -20.00 55.33 3.37
CA PRO B 1224 -20.33 56.75 3.23
C PRO B 1224 -21.62 57.12 3.94
N TYR B 1225 -22.69 57.41 3.18
CA TYR B 1225 -23.96 57.78 3.77
C TYR B 1225 -24.74 56.60 4.33
N TYR B 1226 -24.47 55.40 3.82
CA TYR B 1226 -25.15 54.21 4.31
C TYR B 1226 -24.98 54.08 5.82
N ILE B 1227 -26.08 53.87 6.52
CA ILE B 1227 -26.10 53.89 7.96
C ILE B 1227 -26.19 52.49 8.55
N GLU B 1228 -26.99 51.61 7.94
CA GLU B 1228 -27.13 50.27 8.47
C GLU B 1228 -25.79 49.57 8.52
N GLU B 1229 -25.53 48.88 9.61
CA GLU B 1229 -24.27 48.19 9.82
C GLU B 1229 -24.35 46.77 9.26
N GLN B 1230 -23.20 46.27 8.81
CA GLN B 1230 -23.07 44.90 8.34
C GLN B 1230 -22.37 44.08 9.40
N ASN B 1231 -23.01 43.00 9.85
CA ASN B 1231 -22.52 42.22 10.98
C ASN B 1231 -22.43 40.72 10.71
N LEU B 1232 -22.66 40.27 9.47
CA LEU B 1232 -22.80 38.83 9.24
C LEU B 1232 -21.51 38.08 9.50
N ARG B 1233 -20.41 38.51 8.90
CA ARG B 1233 -19.13 37.82 9.04
C ARG B 1233 -19.30 36.37 8.56
N PHE B 1234 -18.67 35.40 9.20
CA PHE B 1234 -18.68 34.02 8.76
C PHE B 1234 -20.10 33.48 8.68
N GLN B 1235 -20.22 32.26 8.18
CA GLN B 1235 -21.51 31.60 8.12
C GLN B 1235 -22.05 31.38 9.52
N GLY B 1236 -23.27 31.84 9.75
CA GLY B 1236 -23.95 31.65 11.01
C GLY B 1236 -23.66 32.69 12.07
N GLN B 1237 -22.79 33.65 11.78
CA GLN B 1237 -22.33 34.59 12.79
C GLN B 1237 -22.97 35.96 12.60
N TYR B 1238 -22.94 36.75 13.67
CA TYR B 1238 -23.52 38.08 13.70
C TYR B 1238 -22.70 38.91 14.68
N LEU B 1239 -22.02 39.92 14.16
CA LEU B 1239 -21.16 40.74 15.00
C LEU B 1239 -21.97 41.49 16.05
N ASP B 1240 -21.43 41.52 17.26
CA ASP B 1240 -22.02 42.27 18.37
C ASP B 1240 -21.02 43.34 18.77
N ARG B 1241 -21.16 44.52 18.14
CA ARG B 1241 -20.19 45.59 18.33
C ARG B 1241 -20.08 46.01 19.79
N GLU B 1242 -21.15 45.87 20.55
CA GLU B 1242 -21.16 46.26 21.95
C GLU B 1242 -20.24 45.40 22.81
N THR B 1243 -19.82 44.24 22.29
CA THR B 1243 -18.88 43.37 22.99
C THR B 1243 -17.76 42.86 22.11
N GLY B 1244 -17.90 42.87 20.79
CA GLY B 1244 -16.82 42.43 19.94
C GLY B 1244 -16.72 40.92 19.80
N LEU B 1245 -17.71 40.17 20.25
CA LEU B 1245 -17.69 38.72 20.15
C LEU B 1245 -18.88 38.25 19.34
N HIS B 1246 -18.63 37.41 18.36
CA HIS B 1246 -19.67 36.92 17.47
C HIS B 1246 -20.59 35.97 18.23
N PHE B 1247 -21.76 35.69 17.66
CA PHE B 1247 -22.76 34.89 18.35
C PHE B 1247 -22.92 33.48 17.81
N ASN B 1248 -22.73 33.27 16.51
CA ASN B 1248 -23.03 31.97 15.89
C ASN B 1248 -24.50 31.68 16.17
N THR B 1249 -24.83 30.54 16.75
CA THR B 1249 -26.20 30.18 17.09
C THR B 1249 -26.34 29.67 18.51
N PHE B 1250 -25.34 28.95 19.03
CA PHE B 1250 -25.39 28.44 20.39
C PHE B 1250 -24.18 28.80 21.23
N ARG B 1251 -23.13 29.35 20.65
CA ARG B 1251 -21.95 29.74 21.41
C ARG B 1251 -21.34 30.98 20.80
N PHE B 1252 -20.68 31.76 21.64
CA PHE B 1252 -20.01 32.98 21.21
C PHE B 1252 -18.57 32.69 20.82
N TYR B 1253 -18.07 33.48 19.88
CA TYR B 1253 -16.79 33.26 19.22
C TYR B 1253 -15.90 34.48 19.38
N ASP B 1254 -14.66 34.25 19.81
CA ASP B 1254 -13.70 35.32 20.01
C ASP B 1254 -12.74 35.38 18.84
N PRO B 1255 -12.82 36.40 17.99
CA PRO B 1255 -12.01 36.41 16.76
C PRO B 1255 -10.54 36.67 17.01
N ASP B 1256 -10.17 37.20 18.17
CA ASP B 1256 -8.77 37.46 18.45
C ASP B 1256 -7.95 36.18 18.44
N ILE B 1257 -8.50 35.12 19.05
CA ILE B 1257 -7.79 33.87 19.24
C ILE B 1257 -8.37 32.73 18.43
N GLY B 1258 -9.47 32.94 17.73
CA GLY B 1258 -10.07 31.87 16.95
C GLY B 1258 -10.59 30.72 17.78
N ARG B 1259 -11.24 31.01 18.90
CA ARG B 1259 -11.75 29.98 19.79
C ARG B 1259 -13.07 30.44 20.39
N PHE B 1260 -13.85 29.46 20.84
CA PHE B 1260 -15.09 29.73 21.54
C PHE B 1260 -14.82 30.02 23.00
N THR B 1261 -15.79 30.69 23.63
CA THR B 1261 -15.66 31.12 25.01
C THR B 1261 -16.19 30.10 26.01
N THR B 1262 -16.72 28.98 25.55
CA THR B 1262 -17.23 27.94 26.44
C THR B 1262 -17.15 26.60 25.74
N PRO B 1263 -17.05 25.51 26.50
CA PRO B 1263 -16.93 24.19 25.89
C PRO B 1263 -18.19 23.76 25.15
N ASP B 1264 -17.99 22.85 24.21
CA ASP B 1264 -19.08 22.37 23.38
C ASP B 1264 -20.12 21.69 24.25
N PRO B 1265 -21.40 22.06 24.15
CA PRO B 1265 -22.43 21.40 24.97
C PRO B 1265 -22.53 19.90 24.75
N ILE B 1266 -22.30 19.42 23.53
CA ILE B 1266 -22.48 18.00 23.23
C ILE B 1266 -21.28 17.17 23.65
N GLY B 1267 -20.11 17.78 23.82
CA GLY B 1267 -18.93 17.05 24.24
C GLY B 1267 -18.10 16.44 23.13
N LEU B 1268 -17.64 15.22 23.35
CA LEU B 1268 -16.68 14.58 22.45
C LEU B 1268 -17.21 14.43 21.02
N ALA B 1269 -18.53 14.50 20.84
CA ALA B 1269 -19.08 14.39 19.49
C ALA B 1269 -18.53 15.45 18.55
N GLY B 1270 -18.15 16.61 19.07
CA GLY B 1270 -17.61 17.67 18.25
C GLY B 1270 -16.12 17.65 18.05
N GLY B 1271 -15.41 16.70 18.65
CA GLY B 1271 -13.97 16.62 18.56
C GLY B 1271 -13.33 16.61 19.94
N LEU B 1272 -12.01 16.37 19.92
CA LEU B 1272 -11.25 16.29 21.16
C LEU B 1272 -11.12 17.65 21.83
N ASN B 1273 -10.92 18.71 21.06
CA ASN B 1273 -10.81 20.06 21.61
C ASN B 1273 -12.20 20.65 21.72
N LEU B 1274 -12.58 21.04 22.93
CA LEU B 1274 -13.92 21.54 23.21
C LEU B 1274 -14.06 23.03 22.96
N TYR B 1275 -12.97 23.73 22.72
CA TYR B 1275 -12.99 25.17 22.48
C TYR B 1275 -12.66 25.53 21.05
N GLN B 1276 -12.44 24.56 20.18
CA GLN B 1276 -11.93 24.78 18.84
C GLN B 1276 -13.03 25.08 17.84
N TYR B 1277 -12.78 26.01 16.94
CA TYR B 1277 -13.68 26.35 15.85
C TYR B 1277 -13.48 25.45 14.64
N ALA B 1278 -12.25 25.39 14.15
CA ALA B 1278 -11.92 24.57 12.98
C ALA B 1278 -10.42 24.62 12.78
N PRO B 1279 -9.86 23.64 12.04
CA PRO B 1279 -8.43 23.70 11.73
C PRO B 1279 -8.03 24.96 10.99
N ASN B 1280 -8.86 25.44 10.08
CA ASN B 1280 -8.58 26.62 9.33
C ASN B 1280 -9.89 27.24 8.88
N PRO B 1281 -10.05 28.55 9.04
CA PRO B 1281 -11.32 29.20 8.68
C PRO B 1281 -11.47 29.53 7.21
N ILE B 1282 -10.64 29.00 6.33
CA ILE B 1282 -10.74 29.29 4.91
C ILE B 1282 -11.43 28.17 4.14
N GLY B 1283 -11.42 26.94 4.66
CA GLY B 1283 -12.03 25.82 3.99
C GLY B 1283 -12.92 24.99 4.89
N TRP B 1284 -13.24 25.51 6.06
CA TRP B 1284 -14.09 24.85 7.03
C TRP B 1284 -15.12 25.82 7.56
N ILE B 1285 -16.22 25.28 8.08
CA ILE B 1285 -17.30 26.08 8.62
C ILE B 1285 -17.93 25.35 9.80
N ASP B 1286 -18.56 26.12 10.69
CA ASP B 1286 -19.25 25.59 11.86
C ASP B 1286 -20.38 26.52 12.24
N PRO B 1287 -21.38 26.66 11.37
CA PRO B 1287 -22.42 27.67 11.58
C PRO B 1287 -23.20 27.52 12.88
N LEU B 1288 -23.45 26.29 13.32
CA LEU B 1288 -24.22 26.09 14.54
C LEU B 1288 -23.39 26.32 15.80
N GLY B 1289 -22.12 25.94 15.78
CA GLY B 1289 -21.31 26.04 16.97
C GLY B 1289 -21.79 25.13 18.07
N TRP B 1290 -22.14 23.90 17.71
CA TRP B 1290 -22.78 22.96 18.62
C TRP B 1290 -22.22 21.56 18.44
N ASN B 1348 -33.49 21.72 12.40
CA ASN B 1348 -33.97 20.84 13.45
C ASN B 1348 -34.15 21.59 14.77
N TYR B 1349 -34.56 20.87 15.81
CA TYR B 1349 -34.84 21.47 17.11
C TYR B 1349 -34.15 20.67 18.21
N HIS B 1350 -33.59 21.38 19.18
CA HIS B 1350 -32.82 20.78 20.26
C HIS B 1350 -33.61 20.90 21.54
N VAL B 1351 -34.08 19.76 22.06
CA VAL B 1351 -34.79 19.76 23.31
C VAL B 1351 -33.83 19.97 24.48
N PHE B 1352 -32.66 19.35 24.41
CA PHE B 1352 -31.61 19.59 25.39
C PHE B 1352 -30.82 20.86 25.04
N GLU B 1353 -30.02 21.31 26.00
CA GLU B 1353 -29.19 22.49 25.84
C GLU B 1353 -30.04 23.72 25.53
N LYS B 1360 -19.13 20.34 12.62
CA LYS B 1360 -18.18 20.85 11.64
C LYS B 1360 -18.41 20.24 10.28
N LEU B 1361 -17.99 20.96 9.25
CA LEU B 1361 -18.19 20.54 7.88
C LEU B 1361 -17.09 21.15 7.02
N THR B 1362 -16.89 20.58 5.84
CA THR B 1362 -15.81 20.99 4.96
C THR B 1362 -16.34 21.55 3.65
N LYS B 1363 -15.60 22.51 3.10
CA LYS B 1363 -15.91 23.11 1.82
C LYS B 1363 -14.73 23.02 0.86
N GLN B 1397 -26.11 11.15 25.62
CA GLN B 1397 -26.32 11.55 24.23
C GLN B 1397 -27.42 12.61 24.15
N PHE B 1398 -27.22 13.62 23.32
CA PHE B 1398 -28.20 14.69 23.18
C PHE B 1398 -29.46 14.20 22.46
N GLU B 1399 -30.56 14.90 22.72
CA GLU B 1399 -31.86 14.55 22.17
C GLU B 1399 -32.38 15.68 21.29
N VAL B 1400 -32.89 15.31 20.11
CA VAL B 1400 -33.43 16.26 19.15
C VAL B 1400 -34.75 15.70 18.62
N ALA B 1401 -35.45 16.54 17.86
CA ALA B 1401 -36.72 16.13 17.25
C ALA B 1401 -36.46 15.34 15.98
#